data_7O0T
#
_entry.id   7O0T
#
_cell.length_a   108.194
_cell.length_b   162.274
_cell.length_c   216.200
_cell.angle_alpha   90.000
_cell.angle_beta   90.000
_cell.angle_gamma   90.000
#
_symmetry.space_group_name_H-M   'C 2 2 21'
#
loop_
_entity.id
_entity.type
_entity.pdbx_description
1 polymer 'NADH:flavin oxidoreductase/NADH oxidase'
2 non-polymer 'FLAVIN MONONUCLEOTIDE'
3 non-polymer 'MALONATE ION'
4 water water
#
_entity_poly.entity_id   1
_entity_poly.type   'polypeptide(L)'
_entity_poly.pdbx_seq_one_letter_code
;MQPHLFTPLTIGSVTLRNRIGMSPMCQYSAVDGFPTDWHLMHLGARAAGGVGLIILEATAVSPEGRISPFDLGIWSDDHI
AALSRIVKLIESLGAVAGIQLAHAGRKASVGRPWEGGKPIAPANGGWPVVGPTAEPFAPGYPTPIPLDAAGIARVVADFA
TATKRARAAGFRWIEIHAAHGYLLHNFLSPLGNDRNDEYGGDLRGRVRLLSEVTAAVRAEWPSDLPLAVRLSCSDWTPEG
LTIADTVEVARMLREQGVDLIDCSSGGIAPGITIPVGEGYQVPFAAQVRREANIATAAVGLITRPEHADAIVRNGDADLV
LLGRELLRDPHWPLRAARALGHDLAPPPQYLRAW
;
_entity_poly.pdbx_strand_id   A,B,C,D
#
# COMPACT_ATOMS: atom_id res chain seq x y z
N MET A 1 -31.82 43.30 -6.96
CA MET A 1 -31.19 44.05 -5.85
C MET A 1 -31.44 43.35 -4.50
N GLN A 2 -31.59 42.02 -4.51
CA GLN A 2 -31.59 41.26 -3.27
C GLN A 2 -30.39 40.31 -3.24
N PRO A 3 -29.92 39.87 -2.03
CA PRO A 3 -28.80 38.92 -1.96
C PRO A 3 -29.27 37.59 -2.55
N HIS A 4 -28.40 36.95 -3.34
CA HIS A 4 -28.64 35.60 -3.83
C HIS A 4 -27.51 34.66 -3.40
N LEU A 5 -27.62 33.37 -3.77
CA LEU A 5 -26.74 32.30 -3.35
C LEU A 5 -25.30 32.58 -3.75
N PHE A 6 -25.09 33.45 -4.75
CA PHE A 6 -23.73 33.69 -5.25
C PHE A 6 -23.30 35.14 -5.07
N THR A 7 -23.94 35.84 -4.13
CA THR A 7 -23.49 37.15 -3.68
C THR A 7 -22.43 36.94 -2.62
N PRO A 8 -21.27 37.65 -2.70
CA PRO A 8 -20.27 37.60 -1.65
C PRO A 8 -20.89 37.99 -0.31
N LEU A 9 -20.15 37.78 0.78
CA LEU A 9 -20.53 38.24 2.09
C LEU A 9 -19.29 38.63 2.87
N THR A 10 -19.31 39.81 3.48
CA THR A 10 -18.19 40.39 4.19
C THR A 10 -18.57 40.51 5.67
N ILE A 11 -17.75 39.91 6.53
CA ILE A 11 -17.70 40.25 7.94
C ILE A 11 -16.25 40.59 8.28
N GLY A 12 -16.04 41.76 8.91
CA GLY A 12 -14.69 42.23 9.14
C GLY A 12 -13.94 42.30 7.81
N SER A 13 -12.82 41.59 7.74
CA SER A 13 -11.92 41.72 6.61
C SER A 13 -11.93 40.45 5.78
N VAL A 14 -12.99 39.65 5.91
CA VAL A 14 -13.07 38.31 5.33
C VAL A 14 -14.28 38.32 4.41
N THR A 15 -14.04 38.03 3.14
CA THR A 15 -15.09 38.04 2.13
C THR A 15 -15.21 36.63 1.55
N LEU A 16 -16.37 36.01 1.78
CA LEU A 16 -16.72 34.74 1.16
C LEU A 16 -17.19 35.03 -0.27
N ARG A 17 -16.74 34.22 -1.22
CA ARG A 17 -17.06 34.47 -2.63
C ARG A 17 -18.54 34.23 -2.92
N ASN A 18 -19.24 33.48 -2.05
CA ASN A 18 -20.65 33.13 -2.24
C ASN A 18 -21.19 32.67 -0.88
N ARG A 19 -22.45 32.19 -0.84
CA ARG A 19 -23.16 32.01 0.42
C ARG A 19 -23.27 30.53 0.77
N ILE A 20 -22.39 29.72 0.15
CA ILE A 20 -22.41 28.27 0.35
C ILE A 20 -21.24 27.94 1.26
N GLY A 21 -21.56 27.27 2.37
CA GLY A 21 -20.56 26.77 3.29
C GLY A 21 -20.64 25.26 3.35
N MET A 22 -19.49 24.63 3.63
CA MET A 22 -19.47 23.24 3.98
C MET A 22 -19.62 23.18 5.50
N SER A 23 -20.65 22.47 5.94
CA SER A 23 -20.99 22.41 7.36
C SER A 23 -19.92 21.57 8.06
N PRO A 24 -19.60 21.83 9.35
CA PRO A 24 -18.52 21.11 10.04
C PRO A 24 -18.93 19.65 10.02
N MET A 25 -18.04 18.76 9.57
CA MET A 25 -18.38 17.34 9.55
C MET A 25 -17.21 16.46 9.99
N CYS A 26 -17.30 15.94 11.22
CA CYS A 26 -16.31 15.02 11.77
C CYS A 26 -16.03 13.90 10.77
N GLN A 27 -14.75 13.52 10.66
CA GLN A 27 -14.34 12.50 9.72
C GLN A 27 -13.84 11.27 10.48
N TYR A 28 -13.59 11.41 11.78
CA TYR A 28 -13.10 10.31 12.59
C TYR A 28 -11.88 9.65 11.98
N SER A 29 -10.97 10.47 11.44
CA SER A 29 -9.79 9.96 10.76
C SER A 29 -8.50 10.58 11.26
N ALA A 30 -8.51 11.14 12.48
CA ALA A 30 -7.31 11.73 13.05
C ALA A 30 -6.61 10.70 13.93
N VAL A 31 -5.33 10.94 14.24
CA VAL A 31 -4.57 9.96 14.99
C VAL A 31 -4.53 10.32 16.48
N ASP A 32 -3.74 11.35 16.84
CA ASP A 32 -3.82 11.91 18.18
C ASP A 32 -4.21 13.37 18.01
N GLY A 33 -5.33 13.60 17.31
CA GLY A 33 -5.80 14.92 16.96
C GLY A 33 -5.21 15.47 15.66
N PHE A 34 -4.18 14.77 15.13
CA PHE A 34 -3.47 15.14 13.91
C PHE A 34 -4.23 14.66 12.67
N PRO A 35 -4.38 15.49 11.62
CA PRO A 35 -5.00 15.03 10.39
C PRO A 35 -4.08 14.11 9.57
N THR A 36 -4.71 13.37 8.64
CA THR A 36 -4.04 12.60 7.61
C THR A 36 -4.37 13.21 6.25
N ASP A 37 -3.75 12.69 5.21
CA ASP A 37 -3.95 13.03 3.80
C ASP A 37 -5.42 12.98 3.41
N TRP A 38 -6.18 12.07 4.03
CA TRP A 38 -7.64 12.09 3.94
C TRP A 38 -8.19 13.51 4.09
N HIS A 39 -7.79 14.19 5.17
CA HIS A 39 -8.39 15.48 5.47
C HIS A 39 -8.07 16.45 4.37
N LEU A 40 -6.81 16.48 3.89
CA LEU A 40 -6.40 17.43 2.82
C LEU A 40 -7.29 17.22 1.61
N MET A 41 -7.44 15.98 1.17
CA MET A 41 -8.25 15.66 -0.02
C MET A 41 -9.74 15.96 0.22
N HIS A 42 -10.27 15.56 1.36
CA HIS A 42 -11.70 15.73 1.66
C HIS A 42 -12.10 17.20 1.68
N LEU A 43 -11.34 18.01 2.40
CA LEU A 43 -11.68 19.42 2.54
C LEU A 43 -11.30 20.16 1.26
N GLY A 44 -10.18 19.77 0.63
CA GLY A 44 -9.77 20.37 -0.64
C GLY A 44 -10.83 20.28 -1.73
N ALA A 45 -11.39 19.08 -1.93
CA ALA A 45 -12.33 18.85 -3.00
C ALA A 45 -13.51 19.81 -2.95
N ARG A 46 -14.02 20.09 -1.74
CA ARG A 46 -15.12 21.02 -1.61
C ARG A 46 -14.66 22.45 -1.92
N ALA A 47 -13.43 22.79 -1.52
CA ALA A 47 -12.89 24.15 -1.78
C ALA A 47 -12.70 24.32 -3.28
N ALA A 48 -12.38 23.23 -3.99
CA ALA A 48 -12.25 23.29 -5.46
C ALA A 48 -13.65 23.25 -6.06
N GLY A 49 -14.61 22.64 -5.35
CA GLY A 49 -16.01 22.59 -5.82
C GLY A 49 -16.63 23.97 -5.92
N GLY A 50 -16.16 24.91 -5.10
CA GLY A 50 -16.65 26.30 -5.25
C GLY A 50 -17.40 26.80 -4.03
N VAL A 51 -17.38 26.06 -2.91
CA VAL A 51 -18.04 26.60 -1.68
C VAL A 51 -17.22 27.82 -1.18
N GLY A 52 -17.90 28.83 -0.65
CA GLY A 52 -17.21 30.05 -0.19
C GLY A 52 -16.58 29.87 1.18
N LEU A 53 -17.04 28.88 1.96
CA LEU A 53 -16.52 28.75 3.35
C LEU A 53 -16.44 27.30 3.83
N ILE A 54 -15.23 26.76 3.98
CA ILE A 54 -15.05 25.44 4.56
C ILE A 54 -14.88 25.58 6.08
N ILE A 55 -15.78 24.96 6.85
CA ILE A 55 -15.66 24.92 8.29
C ILE A 55 -15.22 23.50 8.62
N LEU A 56 -14.03 23.37 9.19
CA LEU A 56 -13.48 22.07 9.61
C LEU A 56 -14.32 21.49 10.74
N GLU A 57 -14.35 20.16 10.77
CA GLU A 57 -15.04 19.42 11.82
C GLU A 57 -14.77 19.98 13.21
N ALA A 58 -15.69 19.65 14.12
CA ALA A 58 -15.51 19.75 15.56
C ALA A 58 -14.07 19.37 15.91
N THR A 59 -13.30 20.38 16.30
CA THR A 59 -11.92 20.18 16.70
C THR A 59 -11.82 20.38 18.21
N ALA A 60 -11.43 19.31 18.89
CA ALA A 60 -11.43 19.21 20.34
C ALA A 60 -10.35 20.09 20.97
N VAL A 61 -10.79 20.96 21.88
CA VAL A 61 -9.88 21.84 22.61
C VAL A 61 -9.10 21.04 23.65
N SER A 62 -9.49 19.77 23.88
CA SER A 62 -8.72 18.93 24.79
C SER A 62 -9.00 17.44 24.56
N PRO A 63 -8.10 16.53 24.97
CA PRO A 63 -8.30 15.10 24.70
C PRO A 63 -9.64 14.59 25.24
N GLU A 64 -9.92 14.87 26.52
CA GLU A 64 -11.15 14.43 27.14
C GLU A 64 -12.39 15.05 26.47
N GLY A 65 -12.17 16.10 25.66
CA GLY A 65 -13.28 16.76 25.00
C GLY A 65 -13.59 16.22 23.60
N ARG A 66 -12.86 15.17 23.16
CA ARG A 66 -13.14 14.53 21.87
C ARG A 66 -14.39 13.67 21.96
N ILE A 67 -15.15 13.62 20.86
CA ILE A 67 -16.21 12.64 20.68
C ILE A 67 -15.57 11.25 20.66
N SER A 68 -14.59 11.07 19.75
CA SER A 68 -13.91 9.79 19.54
C SER A 68 -12.40 9.94 19.67
N PRO A 69 -11.61 8.84 19.81
CA PRO A 69 -10.15 8.94 19.78
C PRO A 69 -9.63 9.37 18.42
N PHE A 70 -10.52 9.54 17.46
CA PHE A 70 -10.06 9.79 16.10
C PHE A 70 -10.42 11.20 15.68
N ASP A 71 -10.71 12.04 16.67
CA ASP A 71 -11.13 13.40 16.45
C ASP A 71 -9.92 14.28 16.15
N LEU A 72 -10.10 15.21 15.22
CA LEU A 72 -9.17 16.30 15.01
C LEU A 72 -9.04 17.05 16.33
N GLY A 73 -7.82 17.50 16.66
CA GLY A 73 -7.53 18.11 17.96
C GLY A 73 -6.72 19.38 17.79
N ILE A 74 -6.73 20.24 18.83
CA ILE A 74 -6.00 21.49 18.82
C ILE A 74 -5.52 21.81 20.25
N TRP A 75 -5.20 20.78 21.03
CA TRP A 75 -4.77 20.95 22.42
C TRP A 75 -3.26 21.06 22.59
N SER A 76 -2.52 21.13 21.47
CA SER A 76 -1.07 21.28 21.49
C SER A 76 -0.65 22.21 20.36
N ASP A 77 0.52 22.85 20.51
CA ASP A 77 1.11 23.68 19.48
C ASP A 77 1.54 22.83 18.28
N ASP A 78 1.70 21.54 18.53
CA ASP A 78 2.11 20.60 17.49
C ASP A 78 1.01 20.50 16.43
N HIS A 79 -0.23 20.84 16.80
CA HIS A 79 -1.35 20.72 15.90
C HIS A 79 -1.38 21.82 14.84
N ILE A 80 -0.59 22.88 15.03
CA ILE A 80 -0.65 24.06 14.19
C ILE A 80 -0.17 23.77 12.77
N ALA A 81 0.92 23.01 12.65
CA ALA A 81 1.55 22.78 11.36
C ALA A 81 0.59 22.13 10.36
N ALA A 82 0.03 20.96 10.70
CA ALA A 82 -0.79 20.24 9.72
C ALA A 82 -2.07 21.02 9.39
N LEU A 83 -2.62 21.72 10.38
CA LEU A 83 -3.81 22.54 10.14
C LEU A 83 -3.50 23.67 9.19
N SER A 84 -2.31 24.29 9.27
CA SER A 84 -2.05 25.45 8.40
C SER A 84 -1.88 25.00 6.96
N ARG A 85 -1.35 23.77 6.79
CA ARG A 85 -1.24 23.13 5.50
C ARG A 85 -2.63 22.97 4.86
N ILE A 86 -3.60 22.56 5.66
CA ILE A 86 -4.98 22.47 5.21
C ILE A 86 -5.54 23.86 4.85
N VAL A 87 -5.20 24.87 5.65
CA VAL A 87 -5.66 26.23 5.39
C VAL A 87 -5.13 26.69 4.03
N LYS A 88 -3.87 26.37 3.73
CA LYS A 88 -3.24 26.79 2.49
C LYS A 88 -3.86 26.10 1.27
N LEU A 89 -4.22 24.81 1.37
CA LEU A 89 -4.92 24.16 0.26
C LEU A 89 -6.25 24.84 -0.02
N ILE A 90 -7.12 24.90 1.00
CA ILE A 90 -8.40 25.59 0.99
C ILE A 90 -8.27 26.99 0.38
N GLU A 91 -7.29 27.79 0.80
CA GLU A 91 -7.31 29.18 0.37
C GLU A 91 -6.75 29.35 -1.05
N SER A 92 -5.87 28.45 -1.48
CA SER A 92 -5.37 28.50 -2.85
C SER A 92 -6.53 28.23 -3.79
N LEU A 93 -7.60 27.59 -3.29
CA LEU A 93 -8.73 27.25 -4.13
C LEU A 93 -9.88 28.24 -3.96
N GLY A 94 -9.60 29.36 -3.27
CA GLY A 94 -10.46 30.53 -3.25
C GLY A 94 -11.55 30.47 -2.17
N ALA A 95 -11.55 29.44 -1.31
CA ALA A 95 -12.49 29.37 -0.21
C ALA A 95 -11.81 29.93 1.02
N VAL A 96 -12.62 30.28 2.02
CA VAL A 96 -12.13 30.72 3.32
C VAL A 96 -12.11 29.52 4.27
N ALA A 97 -11.03 29.38 5.04
CA ALA A 97 -10.91 28.25 5.94
C ALA A 97 -11.39 28.59 7.35
N GLY A 98 -12.34 27.80 7.85
CA GLY A 98 -12.85 27.93 9.21
C GLY A 98 -12.75 26.63 9.99
N ILE A 99 -12.96 26.75 11.32
CA ILE A 99 -12.77 25.61 12.20
C ILE A 99 -13.74 25.68 13.37
N GLN A 100 -14.17 24.51 13.80
CA GLN A 100 -15.16 24.42 14.86
C GLN A 100 -14.44 23.91 16.11
N LEU A 101 -14.37 24.76 17.15
CA LEU A 101 -13.83 24.36 18.44
C LEU A 101 -14.94 23.68 19.23
N ALA A 102 -14.60 22.51 19.83
CA ALA A 102 -15.60 21.63 20.41
C ALA A 102 -15.17 21.08 21.75
N HIS A 103 -16.19 20.66 22.51
CA HIS A 103 -15.99 19.83 23.69
C HIS A 103 -17.20 18.92 23.85
N ALA A 104 -16.98 17.60 23.80
CA ALA A 104 -18.07 16.64 23.69
C ALA A 104 -18.78 16.44 25.03
N GLY A 105 -18.17 16.92 26.12
CA GLY A 105 -18.81 16.82 27.43
C GLY A 105 -19.21 15.37 27.70
N ARG A 106 -20.43 15.19 28.22
CA ARG A 106 -20.84 13.88 28.71
C ARG A 106 -21.02 12.90 27.55
N LYS A 107 -20.90 13.40 26.31
CA LYS A 107 -21.06 12.54 25.15
C LYS A 107 -19.71 12.13 24.56
N ALA A 108 -18.60 12.53 25.22
CA ALA A 108 -17.24 12.21 24.76
C ALA A 108 -17.01 10.70 24.88
N SER A 109 -15.89 10.23 24.34
CA SER A 109 -15.35 8.89 24.58
C SER A 109 -16.26 7.78 24.00
N VAL A 110 -16.73 7.99 22.77
CA VAL A 110 -17.54 7.01 22.07
C VAL A 110 -16.79 6.55 20.82
N GLY A 111 -17.31 5.47 20.22
CA GLY A 111 -16.72 4.94 19.01
C GLY A 111 -17.23 5.70 17.80
N ARG A 112 -16.61 5.40 16.64
CA ARG A 112 -16.93 6.04 15.39
C ARG A 112 -18.36 5.69 14.98
N PRO A 113 -19.15 6.65 14.44
CA PRO A 113 -20.51 6.36 13.95
C PRO A 113 -20.70 5.07 13.16
N TRP A 114 -19.74 4.80 12.24
CA TRP A 114 -19.79 3.69 11.32
C TRP A 114 -19.37 2.38 11.99
N GLU A 115 -18.89 2.46 13.24
CA GLU A 115 -18.65 1.24 14.02
C GLU A 115 -19.69 1.06 15.13
N GLY A 116 -20.92 1.54 14.91
CA GLY A 116 -21.99 1.41 15.89
C GLY A 116 -22.01 2.57 16.89
N GLY A 117 -20.89 3.29 17.03
CA GLY A 117 -20.84 4.51 17.82
C GLY A 117 -21.08 4.24 19.30
N LYS A 118 -20.71 3.05 19.76
CA LYS A 118 -20.91 2.68 21.16
C LYS A 118 -19.86 3.36 22.04
N PRO A 119 -20.24 3.75 23.27
CA PRO A 119 -19.30 4.20 24.30
C PRO A 119 -18.10 3.25 24.43
N ILE A 120 -16.90 3.83 24.61
CA ILE A 120 -15.67 3.10 24.84
C ILE A 120 -15.29 3.27 26.31
N ALA A 121 -15.24 2.16 27.05
CA ALA A 121 -14.94 2.16 28.46
C ALA A 121 -13.48 2.57 28.69
N PRO A 122 -13.10 3.06 29.89
CA PRO A 122 -11.71 3.41 30.20
C PRO A 122 -10.71 2.26 30.17
N ALA A 123 -11.22 1.03 30.21
CA ALA A 123 -10.41 -0.16 30.08
C ALA A 123 -9.91 -0.35 28.64
N ASN A 124 -10.71 0.08 27.65
CA ASN A 124 -10.40 -0.10 26.24
C ASN A 124 -9.90 1.22 25.64
N GLY A 125 -9.23 2.04 26.46
CA GLY A 125 -8.73 3.34 26.03
C GLY A 125 -9.83 4.36 25.78
N GLY A 126 -10.92 4.28 26.54
CA GLY A 126 -11.81 5.42 26.69
C GLY A 126 -11.22 6.41 27.70
N TRP A 127 -12.04 7.36 28.15
CA TRP A 127 -11.64 8.26 29.23
C TRP A 127 -12.87 8.69 30.04
N PRO A 128 -12.71 9.18 31.29
CA PRO A 128 -13.86 9.73 32.04
C PRO A 128 -14.26 11.09 31.46
N VAL A 129 -15.57 11.31 31.37
CA VAL A 129 -16.11 12.49 30.71
C VAL A 129 -16.55 13.48 31.77
N VAL A 130 -16.76 14.74 31.35
CA VAL A 130 -17.25 15.81 32.22
C VAL A 130 -18.64 16.28 31.80
N GLY A 131 -19.25 17.09 32.67
CA GLY A 131 -20.52 17.75 32.39
C GLY A 131 -20.94 18.68 33.53
N PRO A 132 -22.17 19.24 33.46
CA PRO A 132 -22.73 20.02 34.56
C PRO A 132 -23.18 19.20 35.78
N THR A 133 -23.58 17.93 35.55
CA THR A 133 -24.04 17.03 36.59
C THR A 133 -23.62 15.61 36.25
N ALA A 134 -23.81 14.72 37.22
CA ALA A 134 -23.38 13.34 37.14
C ALA A 134 -24.43 12.51 36.40
N GLU A 135 -25.32 13.17 35.66
CA GLU A 135 -26.41 12.50 34.99
C GLU A 135 -25.92 11.95 33.65
N PRO A 136 -25.85 10.61 33.47
CA PRO A 136 -25.40 10.02 32.21
C PRO A 136 -26.38 10.34 31.08
N PHE A 137 -25.87 10.32 29.85
CA PHE A 137 -26.62 10.72 28.67
C PHE A 137 -27.71 9.72 28.31
N ALA A 138 -27.40 8.42 28.49
CA ALA A 138 -28.31 7.33 28.19
C ALA A 138 -27.88 6.12 29.00
N PRO A 139 -28.68 5.03 29.07
CA PRO A 139 -28.23 3.81 29.75
C PRO A 139 -27.00 3.25 29.02
N GLY A 140 -25.97 2.88 29.79
CA GLY A 140 -24.74 2.36 29.21
C GLY A 140 -23.64 3.41 29.11
N TYR A 141 -24.03 4.69 29.04
CA TYR A 141 -23.03 5.74 28.95
C TYR A 141 -22.39 6.00 30.32
N PRO A 142 -21.13 6.52 30.35
CA PRO A 142 -20.46 6.84 31.61
C PRO A 142 -21.07 7.99 32.42
N THR A 143 -20.81 7.92 33.72
CA THR A 143 -21.23 8.87 34.73
C THR A 143 -20.26 10.05 34.73
N PRO A 144 -20.68 11.25 34.26
CA PRO A 144 -19.74 12.35 34.12
C PRO A 144 -19.29 12.97 35.43
N ILE A 145 -18.04 13.41 35.48
CA ILE A 145 -17.58 14.19 36.65
C ILE A 145 -18.19 15.58 36.49
N PRO A 146 -19.03 16.05 37.44
CA PRO A 146 -19.57 17.39 37.36
C PRO A 146 -18.45 18.43 37.49
N LEU A 147 -18.38 19.37 36.54
CA LEU A 147 -17.37 20.40 36.58
C LEU A 147 -17.54 21.26 37.83
N ASP A 148 -16.47 21.45 38.58
CA ASP A 148 -16.49 22.45 39.63
C ASP A 148 -15.79 23.72 39.12
N ALA A 149 -15.50 24.67 40.01
CA ALA A 149 -14.94 25.95 39.58
C ALA A 149 -13.63 25.77 38.82
N ALA A 150 -12.82 24.81 39.26
CA ALA A 150 -11.48 24.64 38.69
C ALA A 150 -11.59 24.04 37.29
N GLY A 151 -12.46 23.02 37.14
CA GLY A 151 -12.79 22.40 35.87
C GLY A 151 -13.38 23.39 34.86
N ILE A 152 -14.13 24.36 35.37
CA ILE A 152 -14.78 25.33 34.49
C ILE A 152 -13.74 26.30 33.94
N ALA A 153 -12.84 26.79 34.80
CA ALA A 153 -11.81 27.70 34.38
C ALA A 153 -10.91 27.03 33.35
N ARG A 154 -10.67 25.73 33.53
N ARG A 154 -10.65 25.73 33.51
CA ARG A 154 -9.83 24.92 32.66
CA ARG A 154 -9.77 24.97 32.62
C ARG A 154 -10.37 24.89 31.22
C ARG A 154 -10.36 24.86 31.20
N VAL A 155 -11.69 24.71 31.11
CA VAL A 155 -12.35 24.67 29.82
C VAL A 155 -12.24 26.01 29.12
N VAL A 156 -12.47 27.08 29.87
CA VAL A 156 -12.45 28.43 29.30
C VAL A 156 -11.06 28.69 28.77
N ALA A 157 -10.04 28.35 29.58
CA ALA A 157 -8.64 28.51 29.19
C ALA A 157 -8.30 27.66 27.96
N ASP A 158 -8.84 26.42 27.90
CA ASP A 158 -8.65 25.47 26.81
C ASP A 158 -9.21 25.98 25.49
N PHE A 159 -10.41 26.58 25.53
CA PHE A 159 -10.97 27.28 24.38
C PHE A 159 -10.12 28.50 24.00
N ALA A 160 -9.66 29.24 25.02
CA ALA A 160 -8.82 30.41 24.80
C ALA A 160 -7.52 30.03 24.10
N THR A 161 -6.78 29.04 24.64
CA THR A 161 -5.58 28.55 23.98
C THR A 161 -5.88 28.05 22.56
N ALA A 162 -6.92 27.23 22.41
CA ALA A 162 -7.28 26.67 21.11
C ALA A 162 -7.44 27.81 20.11
N THR A 163 -8.02 28.92 20.58
CA THR A 163 -8.27 30.05 19.71
C THR A 163 -6.95 30.61 19.21
N LYS A 164 -5.93 30.64 20.07
CA LYS A 164 -4.65 31.22 19.67
C LYS A 164 -4.05 30.38 18.54
N ARG A 165 -4.19 29.06 18.68
CA ARG A 165 -3.59 28.09 17.79
C ARG A 165 -4.26 28.17 16.42
N ALA A 166 -5.58 28.39 16.42
CA ALA A 166 -6.38 28.49 15.22
C ALA A 166 -5.89 29.72 14.45
N ARG A 167 -5.70 30.82 15.18
CA ARG A 167 -5.17 32.04 14.61
C ARG A 167 -3.81 31.75 13.98
N ALA A 168 -2.94 31.02 14.70
CA ALA A 168 -1.58 30.82 14.20
C ALA A 168 -1.60 29.93 12.95
N ALA A 169 -2.60 29.06 12.86
CA ALA A 169 -2.73 28.11 11.76
C ALA A 169 -3.30 28.83 10.53
N GLY A 170 -3.75 30.07 10.69
CA GLY A 170 -4.17 30.93 9.59
C GLY A 170 -5.68 30.84 9.30
N PHE A 171 -6.46 30.29 10.24
CA PHE A 171 -7.90 30.29 10.04
C PHE A 171 -8.43 31.72 10.09
N ARG A 172 -9.47 31.99 9.27
CA ARG A 172 -10.00 33.33 9.16
C ARG A 172 -11.45 33.34 9.60
N TRP A 173 -11.87 32.25 10.28
CA TRP A 173 -13.24 32.06 10.72
C TRP A 173 -13.21 30.97 11.78
N ILE A 174 -13.92 31.18 12.89
CA ILE A 174 -13.96 30.19 13.95
C ILE A 174 -15.39 30.06 14.43
N GLU A 175 -15.82 28.82 14.72
CA GLU A 175 -17.14 28.57 15.24
C GLU A 175 -17.00 27.80 16.53
N ILE A 176 -17.78 28.18 17.54
CA ILE A 176 -17.86 27.47 18.81
C ILE A 176 -19.00 26.48 18.73
N HIS A 177 -18.68 25.21 18.96
CA HIS A 177 -19.68 24.17 18.93
C HIS A 177 -20.42 24.16 20.26
N ALA A 178 -21.59 24.80 20.29
CA ALA A 178 -22.41 24.81 21.49
C ALA A 178 -23.75 24.11 21.23
N ALA A 179 -23.72 23.02 20.46
CA ALA A 179 -24.92 22.27 20.04
C ALA A 179 -24.78 20.78 20.34
N HIS A 180 -25.79 20.00 19.91
CA HIS A 180 -25.79 18.55 19.81
C HIS A 180 -25.41 17.85 21.10
N GLY A 181 -25.95 18.29 22.24
CA GLY A 181 -25.77 17.57 23.51
C GLY A 181 -24.35 17.61 24.02
N TYR A 182 -23.53 18.49 23.45
CA TYR A 182 -22.10 18.52 23.87
C TYR A 182 -21.98 19.44 25.08
N LEU A 183 -20.78 19.62 25.63
CA LEU A 183 -20.61 20.38 26.90
C LEU A 183 -21.38 21.70 26.99
N LEU A 184 -21.33 22.56 25.97
CA LEU A 184 -21.88 23.88 26.17
C LEU A 184 -23.41 23.81 26.16
N HIS A 185 -23.95 23.10 25.17
CA HIS A 185 -25.38 22.84 25.09
C HIS A 185 -25.93 22.12 26.32
N ASN A 186 -25.18 21.13 26.84
CA ASN A 186 -25.53 20.36 28.03
C ASN A 186 -25.74 21.29 29.24
N PHE A 187 -24.92 22.35 29.32
CA PHE A 187 -25.09 23.36 30.35
C PHE A 187 -26.27 24.25 30.03
N LEU A 188 -26.48 24.51 28.75
CA LEU A 188 -27.50 25.46 28.37
C LEU A 188 -28.90 24.86 28.56
N SER A 189 -29.04 23.54 28.40
CA SER A 189 -30.34 22.91 28.30
C SER A 189 -30.85 22.45 29.66
N PRO A 190 -32.12 22.70 30.03
CA PRO A 190 -32.69 22.23 31.30
C PRO A 190 -32.74 20.71 31.44
N LEU A 191 -32.75 19.99 30.30
CA LEU A 191 -32.93 18.55 30.30
C LEU A 191 -31.71 17.84 30.89
N GLY A 192 -30.53 18.46 30.76
CA GLY A 192 -29.28 17.90 31.24
C GLY A 192 -28.78 18.53 32.55
N ASN A 193 -29.44 19.59 32.99
CA ASN A 193 -28.96 20.31 34.19
C ASN A 193 -29.80 20.02 35.44
N ASP A 194 -29.17 20.01 36.61
CA ASP A 194 -29.87 19.88 37.90
C ASP A 194 -29.09 20.87 38.74
N ARG A 195 -28.10 21.49 38.11
CA ARG A 195 -27.22 22.46 38.81
C ARG A 195 -28.05 23.59 39.39
N ASN A 196 -27.81 23.91 40.65
CA ASN A 196 -28.58 24.98 41.34
C ASN A 196 -27.65 26.17 41.50
N ASP A 197 -26.37 25.95 41.20
CA ASP A 197 -25.37 27.03 41.36
C ASP A 197 -25.47 28.07 40.26
N GLU A 198 -24.46 28.92 40.15
CA GLU A 198 -24.46 30.01 39.15
C GLU A 198 -24.33 29.48 37.71
N TYR A 199 -24.17 28.17 37.53
CA TYR A 199 -24.00 27.58 36.18
C TYR A 199 -25.22 26.75 35.86
N GLY A 200 -26.34 27.07 36.50
CA GLY A 200 -27.60 26.38 36.23
C GLY A 200 -28.77 27.13 36.85
N GLY A 201 -29.93 26.47 36.91
CA GLY A 201 -31.18 27.07 37.37
C GLY A 201 -31.81 27.91 36.26
N ASP A 202 -31.70 29.24 36.42
CA ASP A 202 -32.19 30.23 35.46
C ASP A 202 -31.46 30.08 34.13
N LEU A 203 -32.03 30.66 33.08
CA LEU A 203 -31.38 30.78 31.80
C LEU A 203 -30.08 31.57 31.92
N ARG A 204 -30.03 32.55 32.84
CA ARG A 204 -28.85 33.40 32.97
C ARG A 204 -27.67 32.58 33.49
N GLY A 205 -27.98 31.62 34.37
CA GLY A 205 -27.01 30.68 34.90
C GLY A 205 -26.62 29.60 33.89
N ARG A 206 -27.63 29.09 33.18
CA ARG A 206 -27.42 27.93 32.30
C ARG A 206 -26.54 28.31 31.11
N VAL A 207 -26.55 29.61 30.78
CA VAL A 207 -25.81 30.23 29.70
C VAL A 207 -24.42 30.70 30.16
N ARG A 208 -24.14 30.67 31.46
CA ARG A 208 -22.91 31.27 31.96
C ARG A 208 -21.66 30.67 31.31
N LEU A 209 -21.61 29.32 31.19
CA LEU A 209 -20.43 28.67 30.62
C LEU A 209 -20.21 29.05 29.15
N LEU A 210 -21.28 29.11 28.34
CA LEU A 210 -21.15 29.43 26.92
C LEU A 210 -20.62 30.86 26.84
N SER A 211 -21.07 31.65 27.80
CA SER A 211 -20.76 33.06 27.82
C SER A 211 -19.30 33.29 28.24
N GLU A 212 -18.81 32.54 29.22
CA GLU A 212 -17.40 32.61 29.55
C GLU A 212 -16.51 32.11 28.41
N VAL A 213 -16.91 31.00 27.77
CA VAL A 213 -16.18 30.51 26.61
C VAL A 213 -16.19 31.55 25.47
N THR A 214 -17.36 32.10 25.17
CA THR A 214 -17.45 33.07 24.09
C THR A 214 -16.47 34.22 24.33
N ALA A 215 -16.40 34.70 25.60
CA ALA A 215 -15.61 35.88 25.96
C ALA A 215 -14.13 35.57 25.85
N ALA A 216 -13.74 34.39 26.34
CA ALA A 216 -12.36 33.93 26.26
C ALA A 216 -11.98 33.76 24.79
N VAL A 217 -12.86 33.14 23.98
CA VAL A 217 -12.58 32.94 22.58
C VAL A 217 -12.49 34.28 21.86
N ARG A 218 -13.50 35.14 22.07
CA ARG A 218 -13.60 36.43 21.41
C ARG A 218 -12.38 37.31 21.68
N ALA A 219 -11.84 37.25 22.91
CA ALA A 219 -10.71 38.09 23.33
C ALA A 219 -9.41 37.69 22.61
N GLU A 220 -9.31 36.42 22.17
CA GLU A 220 -8.11 35.91 21.50
C GLU A 220 -8.24 36.01 19.97
N TRP A 221 -9.46 36.31 19.50
CA TRP A 221 -9.72 36.25 18.07
C TRP A 221 -9.84 37.69 17.57
N PRO A 222 -8.98 38.13 16.64
CA PRO A 222 -8.97 39.54 16.20
C PRO A 222 -10.37 39.99 15.80
N SER A 223 -10.75 41.20 16.23
CA SER A 223 -12.11 41.70 16.06
C SER A 223 -12.49 41.76 14.58
N ASP A 224 -11.44 41.69 13.77
CA ASP A 224 -11.31 41.80 12.33
C ASP A 224 -11.82 40.52 11.63
N LEU A 225 -11.83 39.39 12.36
CA LEU A 225 -12.13 38.07 11.82
C LEU A 225 -13.46 37.54 12.37
N PRO A 226 -14.27 36.87 11.53
CA PRO A 226 -15.58 36.38 11.94
C PRO A 226 -15.56 35.31 13.03
N LEU A 227 -16.46 35.48 14.00
CA LEU A 227 -16.69 34.50 15.04
C LEU A 227 -18.14 34.02 14.96
N ALA A 228 -18.31 32.71 15.05
CA ALA A 228 -19.64 32.10 15.00
C ALA A 228 -19.84 31.21 16.22
N VAL A 229 -21.11 30.98 16.56
CA VAL A 229 -21.49 29.96 17.52
C VAL A 229 -22.54 29.07 16.85
N ARG A 230 -22.42 27.75 17.05
CA ARG A 230 -23.45 26.86 16.56
C ARG A 230 -24.29 26.45 17.76
N LEU A 231 -25.63 26.64 17.65
CA LEU A 231 -26.51 26.35 18.77
C LEU A 231 -27.42 25.20 18.40
N SER A 232 -27.84 24.45 19.42
CA SER A 232 -29.02 23.62 19.30
C SER A 232 -30.23 24.48 19.65
N CYS A 233 -30.90 24.96 18.58
CA CYS A 233 -31.94 25.97 18.65
C CYS A 233 -33.16 25.48 19.42
N SER A 234 -33.48 24.18 19.25
CA SER A 234 -34.54 23.55 20.02
C SER A 234 -34.11 22.16 20.46
N ASP A 235 -34.61 21.74 21.62
CA ASP A 235 -34.48 20.40 22.15
C ASP A 235 -35.68 19.55 21.68
N TRP A 236 -36.67 20.18 21.04
CA TRP A 236 -37.80 19.47 20.45
C TRP A 236 -38.66 18.70 21.48
N THR A 237 -38.56 19.01 22.77
CA THR A 237 -39.67 18.75 23.69
C THR A 237 -40.01 20.02 24.44
N PRO A 238 -41.24 20.14 24.97
CA PRO A 238 -41.66 21.36 25.67
C PRO A 238 -40.82 21.77 26.89
N GLU A 239 -40.15 20.80 27.53
CA GLU A 239 -39.46 21.03 28.80
C GLU A 239 -37.97 21.34 28.59
N GLY A 240 -37.59 21.60 27.33
CA GLY A 240 -36.21 21.93 27.02
C GLY A 240 -36.09 23.28 26.33
N LEU A 241 -34.91 23.52 25.74
CA LEU A 241 -34.60 24.75 25.03
C LEU A 241 -35.63 24.91 23.92
N THR A 242 -36.23 26.08 23.82
CA THR A 242 -37.16 26.38 22.74
C THR A 242 -36.48 27.44 21.90
N ILE A 243 -37.08 27.82 20.77
CA ILE A 243 -36.47 28.84 19.94
C ILE A 243 -36.38 30.17 20.70
N ALA A 244 -37.39 30.43 21.54
CA ALA A 244 -37.44 31.64 22.35
C ALA A 244 -36.16 31.77 23.16
N ASP A 245 -35.79 30.68 23.86
CA ASP A 245 -34.58 30.62 24.66
C ASP A 245 -33.38 30.99 23.80
N THR A 246 -33.33 30.35 22.61
CA THR A 246 -32.21 30.50 21.70
C THR A 246 -32.06 31.97 21.30
N VAL A 247 -33.20 32.61 21.03
CA VAL A 247 -33.20 34.00 20.66
C VAL A 247 -32.53 34.81 21.75
N GLU A 248 -32.82 34.50 23.00
CA GLU A 248 -32.26 35.31 24.08
C GLU A 248 -30.75 35.09 24.19
N VAL A 249 -30.31 33.84 23.92
CA VAL A 249 -28.89 33.51 23.91
C VAL A 249 -28.18 34.20 22.74
N ALA A 250 -28.79 34.13 21.56
CA ALA A 250 -28.24 34.84 20.41
C ALA A 250 -28.04 36.31 20.73
N ARG A 251 -29.05 36.95 21.32
N ARG A 251 -29.04 36.97 21.33
CA ARG A 251 -29.02 38.35 21.68
CA ARG A 251 -28.99 38.39 21.66
C ARG A 251 -27.77 38.63 22.53
C ARG A 251 -27.78 38.67 22.56
N MET A 252 -27.55 37.80 23.55
CA MET A 252 -26.47 37.98 24.52
C MET A 252 -25.11 37.75 23.86
N LEU A 253 -25.06 36.71 23.01
CA LEU A 253 -23.89 36.41 22.19
C LEU A 253 -23.52 37.57 21.28
N ARG A 254 -24.50 38.14 20.59
CA ARG A 254 -24.28 39.30 19.73
C ARG A 254 -23.57 40.39 20.54
N GLU A 255 -24.05 40.60 21.77
CA GLU A 255 -23.51 41.63 22.65
C GLU A 255 -22.07 41.31 23.02
N GLN A 256 -21.74 40.01 23.03
CA GLN A 256 -20.40 39.56 23.37
C GLN A 256 -19.51 39.57 22.13
N GLY A 257 -20.07 39.92 20.96
CA GLY A 257 -19.27 40.17 19.78
C GLY A 257 -19.21 38.98 18.83
N VAL A 258 -20.18 38.08 18.92
CA VAL A 258 -20.35 36.99 17.99
C VAL A 258 -20.97 37.50 16.70
N ASP A 259 -20.49 37.06 15.54
CA ASP A 259 -20.95 37.65 14.27
C ASP A 259 -22.07 36.83 13.64
N LEU A 260 -22.25 35.57 14.06
CA LEU A 260 -23.16 34.67 13.34
C LEU A 260 -23.57 33.52 14.24
N ILE A 261 -24.87 33.23 14.23
CA ILE A 261 -25.40 32.02 14.83
C ILE A 261 -25.69 31.01 13.72
N ASP A 262 -24.95 29.91 13.76
CA ASP A 262 -25.17 28.77 12.91
C ASP A 262 -26.22 27.93 13.62
N CYS A 263 -27.36 27.70 12.94
CA CYS A 263 -28.58 27.26 13.61
C CYS A 263 -28.88 25.77 13.40
N SER A 264 -28.51 24.93 14.37
CA SER A 264 -28.79 23.50 14.28
C SER A 264 -29.80 23.13 15.36
N SER A 265 -29.89 21.84 15.73
CA SER A 265 -30.70 21.48 16.89
C SER A 265 -30.50 20.01 17.21
N GLY A 266 -31.13 19.57 18.30
CA GLY A 266 -31.13 18.15 18.65
C GLY A 266 -29.94 17.80 19.53
N GLY A 267 -29.92 16.55 20.03
CA GLY A 267 -28.68 16.02 20.57
C GLY A 267 -28.67 15.88 22.08
N ILE A 268 -29.42 16.75 22.78
CA ILE A 268 -29.36 16.82 24.23
C ILE A 268 -29.61 15.44 24.84
N ALA A 269 -30.47 14.65 24.21
CA ALA A 269 -30.86 13.37 24.80
C ALA A 269 -31.35 12.44 23.69
N PRO A 270 -31.36 11.10 23.88
CA PRO A 270 -31.93 10.22 22.87
C PRO A 270 -33.43 9.98 23.05
N GLY A 271 -34.10 9.59 21.97
CA GLY A 271 -35.54 9.29 22.04
C GLY A 271 -36.40 10.49 21.75
N ILE A 272 -35.79 11.63 21.45
CA ILE A 272 -36.59 12.82 21.07
C ILE A 272 -36.91 12.75 19.57
N THR A 273 -38.18 12.51 19.26
CA THR A 273 -38.61 12.44 17.85
C THR A 273 -38.45 13.84 17.27
N ILE A 274 -37.67 13.96 16.20
CA ILE A 274 -37.39 15.29 15.60
C ILE A 274 -37.98 15.30 14.19
N PRO A 275 -38.92 16.20 13.88
CA PRO A 275 -39.46 16.32 12.53
C PRO A 275 -38.47 16.64 11.39
N VAL A 276 -37.66 15.67 10.96
CA VAL A 276 -36.71 15.94 9.89
C VAL A 276 -37.45 16.11 8.56
N GLY A 277 -36.87 16.91 7.67
CA GLY A 277 -37.45 17.20 6.36
C GLY A 277 -36.71 18.37 5.74
N GLU A 278 -36.93 18.58 4.45
CA GLU A 278 -36.17 19.58 3.71
C GLU A 278 -36.30 20.96 4.34
N GLY A 279 -35.17 21.47 4.85
CA GLY A 279 -35.06 22.79 5.43
C GLY A 279 -35.77 22.92 6.78
N TYR A 280 -35.91 21.80 7.52
CA TYR A 280 -36.63 21.75 8.78
C TYR A 280 -36.07 22.69 9.86
N GLN A 281 -34.84 23.18 9.71
CA GLN A 281 -34.24 24.03 10.71
C GLN A 281 -34.13 25.46 10.16
N VAL A 282 -34.51 25.65 8.90
CA VAL A 282 -34.43 27.00 8.36
C VAL A 282 -35.22 27.96 9.23
N PRO A 283 -36.47 27.65 9.67
CA PRO A 283 -37.24 28.58 10.50
C PRO A 283 -36.56 29.15 11.74
N PHE A 284 -35.71 28.33 12.36
CA PHE A 284 -34.83 28.74 13.44
C PHE A 284 -33.84 29.80 12.96
N ALA A 285 -33.26 29.59 11.77
CA ALA A 285 -32.32 30.55 11.21
C ALA A 285 -33.00 31.90 10.95
N ALA A 286 -34.22 31.83 10.39
CA ALA A 286 -35.09 32.97 10.08
C ALA A 286 -35.39 33.78 11.34
N GLN A 287 -35.83 33.11 12.41
CA GLN A 287 -36.21 33.76 13.64
C GLN A 287 -35.01 34.41 14.33
N VAL A 288 -33.97 33.60 14.57
CA VAL A 288 -32.77 34.15 15.19
C VAL A 288 -32.35 35.43 14.47
N ARG A 289 -32.33 35.42 13.12
CA ARG A 289 -31.78 36.52 12.33
C ARG A 289 -32.61 37.80 12.44
N ARG A 290 -33.94 37.63 12.39
CA ARG A 290 -34.91 38.71 12.52
C ARG A 290 -34.76 39.33 13.91
N GLU A 291 -34.90 38.47 14.95
CA GLU A 291 -35.17 38.86 16.31
C GLU A 291 -33.90 39.16 17.12
N ALA A 292 -32.76 38.58 16.74
CA ALA A 292 -31.50 38.81 17.48
C ALA A 292 -30.60 39.72 16.67
N ASN A 293 -31.09 40.17 15.50
N ASN A 293 -31.12 40.25 15.55
CA ASN A 293 -30.31 41.11 14.66
CA ASN A 293 -30.32 41.13 14.65
C ASN A 293 -28.88 40.60 14.50
C ASN A 293 -28.89 40.60 14.52
N ILE A 294 -28.76 39.37 14.02
CA ILE A 294 -27.43 38.76 13.83
C ILE A 294 -27.48 37.94 12.55
N ALA A 295 -26.36 37.77 11.89
CA ALA A 295 -26.31 36.86 10.73
C ALA A 295 -26.54 35.42 11.20
N THR A 296 -27.17 34.60 10.36
CA THR A 296 -27.36 33.19 10.66
C THR A 296 -26.89 32.31 9.50
N ALA A 297 -26.50 31.09 9.85
CA ALA A 297 -26.32 30.07 8.86
C ALA A 297 -27.50 29.11 9.00
N ALA A 298 -28.09 28.74 7.85
CA ALA A 298 -29.14 27.73 7.82
C ALA A 298 -28.58 26.37 7.42
N VAL A 299 -29.15 25.30 7.97
CA VAL A 299 -28.62 23.99 7.68
C VAL A 299 -29.63 22.91 8.03
N GLY A 300 -29.53 21.78 7.31
CA GLY A 300 -30.32 20.57 7.53
C GLY A 300 -31.12 20.23 6.27
N LEU A 301 -30.73 19.13 5.61
CA LEU A 301 -31.42 18.60 4.43
C LEU A 301 -31.71 19.70 3.42
N ILE A 302 -30.75 20.62 3.27
CA ILE A 302 -30.77 21.49 2.11
C ILE A 302 -30.00 20.80 1.00
N THR A 303 -30.68 20.48 -0.12
CA THR A 303 -30.02 19.79 -1.23
C THR A 303 -30.30 20.42 -2.60
N ARG A 304 -31.42 21.16 -2.76
CA ARG A 304 -31.79 21.75 -4.05
C ARG A 304 -31.27 23.19 -4.18
N PRO A 305 -30.63 23.56 -5.32
CA PRO A 305 -30.14 24.93 -5.55
C PRO A 305 -31.16 26.05 -5.42
N GLU A 306 -32.35 25.86 -5.98
CA GLU A 306 -33.35 26.92 -5.93
C GLU A 306 -33.80 27.14 -4.49
N HIS A 307 -33.82 26.05 -3.71
CA HIS A 307 -34.14 26.17 -2.29
C HIS A 307 -33.06 26.97 -1.58
N ALA A 308 -31.80 26.62 -1.85
CA ALA A 308 -30.71 27.35 -1.21
C ALA A 308 -30.81 28.83 -1.53
N ASP A 309 -31.09 29.17 -2.81
CA ASP A 309 -31.19 30.56 -3.24
C ASP A 309 -32.32 31.25 -2.46
N ALA A 310 -33.45 30.54 -2.31
CA ALA A 310 -34.61 31.18 -1.70
C ALA A 310 -34.26 31.57 -0.27
N ILE A 311 -33.47 30.73 0.39
CA ILE A 311 -33.10 30.98 1.79
C ILE A 311 -32.38 32.33 1.89
N VAL A 312 -31.51 32.63 0.92
CA VAL A 312 -30.72 33.84 0.98
C VAL A 312 -31.58 35.02 0.56
N ARG A 313 -32.38 34.84 -0.51
CA ARG A 313 -33.14 35.95 -1.09
C ARG A 313 -34.23 36.34 -0.11
N ASN A 314 -34.82 35.32 0.54
CA ASN A 314 -35.95 35.56 1.44
C ASN A 314 -35.47 36.15 2.76
N GLY A 315 -34.15 36.27 2.93
CA GLY A 315 -33.53 36.87 4.11
C GLY A 315 -33.73 36.02 5.35
N ASP A 316 -33.83 34.70 5.15
CA ASP A 316 -34.03 33.69 6.18
C ASP A 316 -32.70 33.27 6.81
N ALA A 317 -31.64 33.38 6.01
CA ALA A 317 -30.27 33.29 6.52
C ALA A 317 -29.33 33.98 5.54
N ASP A 318 -28.11 34.24 6.01
CA ASP A 318 -27.04 34.84 5.21
C ASP A 318 -26.19 33.76 4.54
N LEU A 319 -26.14 32.60 5.18
CA LEU A 319 -25.27 31.51 4.79
C LEU A 319 -26.09 30.23 4.72
N VAL A 320 -25.82 29.45 3.68
CA VAL A 320 -26.41 28.13 3.56
C VAL A 320 -25.28 27.15 3.71
N LEU A 321 -25.44 26.25 4.69
CA LEU A 321 -24.50 25.17 4.93
C LEU A 321 -25.08 23.85 4.42
N LEU A 322 -24.21 23.11 3.72
CA LEU A 322 -24.48 21.78 3.26
C LEU A 322 -23.52 20.85 4.00
N GLY A 323 -24.10 19.84 4.66
CA GLY A 323 -23.40 18.64 5.12
C GLY A 323 -23.38 17.54 4.05
N ARG A 324 -24.33 16.60 4.16
CA ARG A 324 -24.36 15.39 3.36
C ARG A 324 -24.34 15.67 1.85
N GLU A 325 -25.11 16.67 1.40
CA GLU A 325 -25.08 16.95 -0.02
C GLU A 325 -23.65 17.15 -0.49
N LEU A 326 -22.80 17.80 0.32
CA LEU A 326 -21.43 18.02 -0.15
C LEU A 326 -20.57 16.75 -0.07
N LEU A 327 -20.87 15.86 0.87
CA LEU A 327 -20.25 14.53 0.86
C LEU A 327 -20.60 13.80 -0.43
N ARG A 328 -21.89 13.77 -0.81
CA ARG A 328 -22.30 13.14 -2.05
C ARG A 328 -21.68 13.82 -3.26
N ASP A 329 -21.68 15.17 -3.28
CA ASP A 329 -21.33 15.93 -4.49
C ASP A 329 -20.45 17.14 -4.16
N PRO A 330 -19.12 16.99 -4.03
CA PRO A 330 -18.29 18.13 -3.68
C PRO A 330 -18.32 19.22 -4.74
N HIS A 331 -18.89 18.93 -5.92
CA HIS A 331 -18.95 19.94 -6.97
C HIS A 331 -20.34 20.58 -7.04
N TRP A 332 -21.06 20.54 -5.92
CA TRP A 332 -22.42 21.02 -5.96
C TRP A 332 -22.47 22.53 -6.28
N PRO A 333 -21.59 23.37 -5.69
CA PRO A 333 -21.59 24.79 -6.02
C PRO A 333 -21.53 25.00 -7.52
N LEU A 334 -20.71 24.23 -8.24
CA LEU A 334 -20.61 24.46 -9.68
C LEU A 334 -21.93 24.12 -10.36
N ARG A 335 -22.65 23.10 -9.89
CA ARG A 335 -23.93 22.76 -10.52
C ARG A 335 -25.04 23.73 -10.12
N ALA A 336 -24.95 24.24 -8.89
CA ALA A 336 -25.87 25.23 -8.38
C ALA A 336 -25.83 26.48 -9.25
N ALA A 337 -24.61 26.87 -9.65
CA ALA A 337 -24.34 28.07 -10.42
C ALA A 337 -24.98 27.99 -11.81
N ARG A 338 -24.79 26.86 -12.50
CA ARG A 338 -25.36 26.64 -13.82
C ARG A 338 -26.88 26.52 -13.71
N ALA A 339 -27.40 25.84 -12.68
CA ALA A 339 -28.83 25.73 -12.47
C ALA A 339 -29.51 27.09 -12.25
N LEU A 340 -28.81 28.01 -11.57
CA LEU A 340 -29.38 29.30 -11.23
C LEU A 340 -28.94 30.37 -12.22
N GLY A 341 -28.02 30.04 -13.14
CA GLY A 341 -27.52 30.98 -14.14
C GLY A 341 -26.54 32.03 -13.59
N HIS A 342 -25.69 31.63 -12.62
CA HIS A 342 -24.65 32.51 -12.12
C HIS A 342 -23.29 32.05 -12.66
N ASP A 343 -22.31 32.95 -12.60
CA ASP A 343 -20.97 32.68 -13.09
C ASP A 343 -20.06 32.09 -12.01
N LEU A 344 -19.64 30.83 -12.18
CA LEU A 344 -18.61 30.25 -11.32
C LEU A 344 -17.62 29.46 -12.17
N ALA A 345 -16.38 29.94 -12.16
CA ALA A 345 -15.32 29.26 -12.85
C ALA A 345 -14.97 28.01 -12.05
N PRO A 346 -14.74 26.85 -12.70
CA PRO A 346 -14.13 25.71 -12.04
C PRO A 346 -12.64 25.97 -11.85
N PRO A 347 -11.90 25.09 -11.13
CA PRO A 347 -10.44 25.18 -11.11
C PRO A 347 -9.90 25.23 -12.53
N PRO A 348 -8.87 26.07 -12.83
CA PRO A 348 -8.35 26.19 -14.19
C PRO A 348 -7.96 24.85 -14.79
N GLN A 349 -7.58 23.90 -13.93
CA GLN A 349 -7.16 22.58 -14.37
C GLN A 349 -8.32 21.81 -15.02
N TYR A 350 -9.55 22.28 -14.76
CA TYR A 350 -10.75 21.53 -15.09
C TYR A 350 -11.55 22.25 -16.19
N LEU A 351 -11.00 23.33 -16.75
CA LEU A 351 -11.77 24.17 -17.67
C LEU A 351 -12.34 23.35 -18.83
N ARG A 352 -11.60 22.34 -19.30
CA ARG A 352 -11.95 21.67 -20.54
C ARG A 352 -13.08 20.67 -20.29
N ALA A 353 -13.65 20.69 -19.08
CA ALA A 353 -14.74 19.77 -18.73
C ALA A 353 -16.09 20.48 -18.66
N TRP A 354 -16.07 21.82 -18.60
CA TRP A 354 -17.26 22.57 -18.23
C TRP A 354 -17.75 23.45 -19.38
N MET B 1 3.67 -49.87 20.28
CA MET B 1 3.11 -48.83 21.17
C MET B 1 2.60 -47.72 20.27
N GLN B 2 2.23 -48.09 19.05
CA GLN B 2 1.67 -47.12 18.08
C GLN B 2 0.43 -46.45 18.66
N PRO B 3 0.30 -45.12 18.57
CA PRO B 3 -0.94 -44.46 19.00
C PRO B 3 -2.21 -44.95 18.30
N HIS B 4 -3.29 -45.13 19.05
CA HIS B 4 -4.62 -45.50 18.47
C HIS B 4 -5.67 -44.44 18.84
N LEU B 5 -6.95 -44.70 18.61
CA LEU B 5 -7.99 -43.70 18.76
C LEU B 5 -8.22 -43.42 20.25
N PHE B 6 -7.95 -44.44 21.07
CA PHE B 6 -8.22 -44.36 22.51
C PHE B 6 -6.92 -44.29 23.32
N THR B 7 -5.83 -43.97 22.64
CA THR B 7 -4.57 -43.64 23.30
C THR B 7 -4.67 -42.24 23.90
N PRO B 8 -4.39 -42.04 25.22
CA PRO B 8 -4.35 -40.69 25.79
C PRO B 8 -3.38 -39.82 25.01
N LEU B 9 -3.57 -38.49 25.09
CA LEU B 9 -2.65 -37.54 24.48
C LEU B 9 -2.38 -36.43 25.49
N THR B 10 -1.10 -36.04 25.62
CA THR B 10 -0.71 -35.03 26.60
C THR B 10 -0.05 -33.86 25.87
N ILE B 11 -0.52 -32.65 26.19
CA ILE B 11 0.16 -31.43 25.85
C ILE B 11 0.20 -30.58 27.13
N GLY B 12 1.38 -30.04 27.46
CA GLY B 12 1.58 -29.39 28.75
C GLY B 12 1.09 -30.26 29.89
N SER B 13 0.10 -29.77 30.66
CA SER B 13 -0.43 -30.43 31.85
C SER B 13 -1.83 -31.03 31.64
N VAL B 14 -2.27 -31.15 30.38
CA VAL B 14 -3.62 -31.65 30.06
C VAL B 14 -3.52 -33.02 29.37
N THR B 15 -4.28 -33.99 29.86
CA THR B 15 -4.29 -35.30 29.22
C THR B 15 -5.70 -35.56 28.69
N LEU B 16 -5.82 -35.69 27.36
CA LEU B 16 -7.11 -36.01 26.75
C LEU B 16 -7.21 -37.51 26.87
N ARG B 17 -8.34 -37.99 27.38
CA ARG B 17 -8.45 -39.41 27.70
C ARG B 17 -8.55 -40.23 26.40
N ASN B 18 -8.51 -39.56 25.23
CA ASN B 18 -8.53 -40.22 23.93
C ASN B 18 -8.37 -39.20 22.81
N ARG B 19 -8.43 -39.67 21.57
CA ARG B 19 -8.11 -38.82 20.43
C ARG B 19 -9.36 -38.30 19.73
N ILE B 20 -10.53 -38.45 20.34
CA ILE B 20 -11.78 -37.95 19.78
C ILE B 20 -12.13 -36.58 20.36
N GLY B 21 -12.20 -35.59 19.48
CA GLY B 21 -12.67 -34.26 19.89
C GLY B 21 -14.06 -33.98 19.31
N MET B 22 -14.85 -33.19 20.03
CA MET B 22 -16.02 -32.60 19.41
C MET B 22 -15.61 -31.30 18.72
N SER B 23 -15.67 -31.31 17.40
CA SER B 23 -15.42 -30.12 16.58
C SER B 23 -16.31 -28.96 17.06
N PRO B 24 -15.83 -27.71 16.96
CA PRO B 24 -16.63 -26.56 17.41
C PRO B 24 -17.87 -26.44 16.55
N MET B 25 -19.05 -26.31 17.17
CA MET B 25 -20.27 -26.22 16.40
C MET B 25 -21.24 -25.20 16.99
N CYS B 26 -21.40 -24.10 16.26
CA CYS B 26 -22.30 -23.00 16.58
C CYS B 26 -23.74 -23.49 16.71
N GLN B 27 -24.40 -22.94 17.73
CA GLN B 27 -25.68 -23.39 18.21
C GLN B 27 -26.72 -22.31 17.97
N TYR B 28 -26.23 -21.08 17.73
CA TYR B 28 -27.11 -19.96 17.44
C TYR B 28 -28.21 -19.87 18.50
N SER B 29 -27.83 -19.98 19.77
CA SER B 29 -28.84 -20.12 20.82
C SER B 29 -28.48 -19.28 22.04
N ALA B 30 -27.62 -18.28 21.83
CA ALA B 30 -27.15 -17.44 22.91
C ALA B 30 -27.91 -16.12 22.88
N VAL B 31 -27.96 -15.43 24.04
CA VAL B 31 -28.63 -14.14 24.15
C VAL B 31 -27.64 -13.12 24.70
N ASP B 32 -27.28 -12.15 23.86
CA ASP B 32 -26.20 -11.18 24.08
C ASP B 32 -24.89 -11.87 24.50
N GLY B 33 -24.70 -13.13 24.06
CA GLY B 33 -23.49 -13.90 24.38
C GLY B 33 -23.70 -15.00 25.43
N PHE B 34 -24.76 -14.89 26.22
CA PHE B 34 -24.92 -15.80 27.33
C PHE B 34 -25.49 -17.12 26.83
N PRO B 35 -24.90 -18.25 27.28
CA PRO B 35 -25.46 -19.55 26.94
C PRO B 35 -26.79 -19.64 27.68
N THR B 36 -27.65 -20.55 27.20
CA THR B 36 -28.84 -20.96 27.92
C THR B 36 -28.65 -22.41 28.36
N ASP B 37 -29.70 -23.00 28.89
CA ASP B 37 -29.59 -24.39 29.33
C ASP B 37 -29.41 -25.34 28.16
N TRP B 38 -29.73 -24.90 26.93
CA TRP B 38 -29.43 -25.68 25.75
C TRP B 38 -27.94 -26.04 25.71
N HIS B 39 -27.08 -25.06 25.96
CA HIS B 39 -25.64 -25.28 25.87
C HIS B 39 -25.17 -26.31 26.90
N LEU B 40 -25.59 -26.18 28.15
CA LEU B 40 -25.16 -27.12 29.22
C LEU B 40 -25.44 -28.55 28.75
N MET B 41 -26.63 -28.80 28.24
CA MET B 41 -27.05 -30.14 27.81
C MET B 41 -26.36 -30.57 26.50
N HIS B 42 -26.33 -29.68 25.51
CA HIS B 42 -25.72 -30.01 24.20
C HIS B 42 -24.30 -30.48 24.45
N LEU B 43 -23.57 -29.75 25.27
CA LEU B 43 -22.16 -30.09 25.50
C LEU B 43 -22.03 -31.18 26.55
N GLY B 44 -22.88 -31.16 27.57
CA GLY B 44 -22.74 -32.20 28.59
C GLY B 44 -22.89 -33.61 28.02
N ALA B 45 -23.86 -33.79 27.13
CA ALA B 45 -24.17 -35.09 26.55
C ALA B 45 -22.94 -35.65 25.86
N ARG B 46 -22.16 -34.81 25.15
CA ARG B 46 -21.00 -35.26 24.40
C ARG B 46 -19.84 -35.59 25.33
N ALA B 47 -19.70 -34.80 26.41
CA ALA B 47 -18.78 -35.15 27.47
C ALA B 47 -19.16 -36.53 28.05
N ALA B 48 -20.45 -36.73 28.33
CA ALA B 48 -20.93 -38.01 28.86
C ALA B 48 -20.72 -39.13 27.82
N GLY B 49 -20.63 -38.71 26.56
CA GLY B 49 -20.52 -39.62 25.43
C GLY B 49 -19.11 -40.15 25.26
N GLY B 50 -18.15 -39.48 25.92
CA GLY B 50 -16.83 -40.05 26.10
C GLY B 50 -15.78 -39.34 25.26
N VAL B 51 -16.12 -38.17 24.70
CA VAL B 51 -15.07 -37.51 23.95
C VAL B 51 -13.92 -37.16 24.89
N GLY B 52 -12.75 -36.96 24.29
CA GLY B 52 -11.60 -36.55 25.06
C GLY B 52 -11.65 -35.05 25.28
N LEU B 53 -12.15 -34.34 24.26
CA LEU B 53 -12.01 -32.90 24.20
C LEU B 53 -13.25 -32.27 23.58
N ILE B 54 -13.92 -31.40 24.35
CA ILE B 54 -15.09 -30.68 23.87
C ILE B 54 -14.61 -29.28 23.51
N ILE B 55 -14.60 -28.93 22.21
CA ILE B 55 -14.32 -27.57 21.79
C ILE B 55 -15.64 -26.84 21.64
N LEU B 56 -15.86 -25.83 22.49
CA LEU B 56 -17.05 -25.02 22.36
C LEU B 56 -17.00 -24.26 21.03
N GLU B 57 -18.19 -23.93 20.53
CA GLU B 57 -18.41 -23.21 19.29
C GLU B 57 -17.66 -21.88 19.26
N ALA B 58 -17.47 -21.34 18.05
CA ALA B 58 -16.86 -20.04 17.85
C ALA B 58 -17.52 -19.01 18.78
N THR B 59 -16.78 -18.57 19.80
CA THR B 59 -17.29 -17.56 20.73
C THR B 59 -16.63 -16.22 20.45
N ALA B 60 -17.43 -15.15 20.37
CA ALA B 60 -16.93 -13.90 19.82
C ALA B 60 -16.08 -13.14 20.86
N VAL B 61 -14.93 -12.64 20.39
CA VAL B 61 -14.00 -11.85 21.19
C VAL B 61 -14.53 -10.42 21.32
N SER B 62 -15.55 -10.08 20.51
CA SER B 62 -16.22 -8.78 20.47
C SER B 62 -17.63 -8.96 19.90
N PRO B 63 -18.61 -8.09 20.17
CA PRO B 63 -19.98 -8.30 19.67
C PRO B 63 -20.10 -8.29 18.15
N GLU B 64 -19.27 -7.47 17.50
CA GLU B 64 -19.40 -7.34 16.07
C GLU B 64 -18.57 -8.43 15.40
N GLY B 65 -18.03 -9.34 16.24
CA GLY B 65 -17.23 -10.49 15.80
C GLY B 65 -18.09 -11.74 15.67
N ARG B 66 -19.34 -11.62 16.10
CA ARG B 66 -20.29 -12.72 16.11
C ARG B 66 -20.75 -12.99 14.69
N ILE B 67 -21.01 -14.26 14.39
CA ILE B 67 -21.69 -14.63 13.16
C ILE B 67 -23.12 -14.09 13.18
N SER B 68 -23.80 -14.19 14.32
CA SER B 68 -25.20 -13.82 14.40
C SER B 68 -25.47 -13.24 15.78
N PRO B 69 -26.64 -12.60 16.00
CA PRO B 69 -27.03 -12.11 17.33
C PRO B 69 -27.07 -13.22 18.36
N PHE B 70 -27.02 -14.47 17.91
CA PHE B 70 -27.33 -15.58 18.78
C PHE B 70 -26.09 -16.40 19.08
N ASP B 71 -24.93 -15.84 18.77
CA ASP B 71 -23.64 -16.47 18.97
C ASP B 71 -23.21 -16.33 20.42
N LEU B 72 -22.42 -17.28 20.88
CA LEU B 72 -21.79 -17.21 22.16
C LEU B 72 -20.73 -16.12 22.12
N GLY B 73 -20.50 -15.48 23.27
CA GLY B 73 -19.53 -14.38 23.33
C GLY B 73 -18.63 -14.48 24.54
N ILE B 74 -17.55 -13.70 24.57
CA ILE B 74 -16.60 -13.70 25.71
C ILE B 74 -15.91 -12.33 25.67
N TRP B 75 -16.67 -11.30 25.28
CA TRP B 75 -16.10 -9.93 25.20
C TRP B 75 -16.24 -9.21 26.54
N SER B 76 -17.02 -9.76 27.46
CA SER B 76 -17.23 -9.10 28.73
C SER B 76 -16.99 -10.07 29.87
N ASP B 77 -16.62 -9.53 31.04
CA ASP B 77 -16.33 -10.33 32.22
C ASP B 77 -17.59 -11.07 32.67
N ASP B 78 -18.75 -10.54 32.28
CA ASP B 78 -20.04 -11.11 32.64
C ASP B 78 -20.13 -12.59 32.22
N HIS B 79 -19.51 -12.90 31.09
CA HIS B 79 -19.64 -14.22 30.51
C HIS B 79 -18.84 -15.25 31.28
N ILE B 80 -17.93 -14.81 32.16
CA ILE B 80 -17.03 -15.79 32.85
C ILE B 80 -17.87 -16.75 33.69
N ALA B 81 -18.91 -16.32 34.39
CA ALA B 81 -19.65 -17.24 35.29
C ALA B 81 -20.38 -18.37 34.56
N ALA B 82 -21.05 -18.05 33.45
CA ALA B 82 -21.89 -19.05 32.77
C ALA B 82 -21.03 -20.03 31.98
N LEU B 83 -19.91 -19.56 31.45
CA LEU B 83 -18.96 -20.46 30.75
C LEU B 83 -18.27 -21.38 31.77
N SER B 84 -18.00 -20.89 32.97
CA SER B 84 -17.38 -21.71 34.06
C SER B 84 -18.24 -22.90 34.46
N ARG B 85 -19.56 -22.71 34.51
CA ARG B 85 -20.49 -23.79 34.93
C ARG B 85 -20.50 -24.92 33.89
N ILE B 86 -20.39 -24.56 32.61
CA ILE B 86 -20.34 -25.54 31.51
C ILE B 86 -19.02 -26.31 31.62
N VAL B 87 -17.90 -25.60 31.84
CA VAL B 87 -16.56 -26.22 32.00
C VAL B 87 -16.63 -27.29 33.08
N LYS B 88 -17.29 -26.97 34.18
CA LYS B 88 -17.35 -27.90 35.32
C LYS B 88 -18.15 -29.15 34.96
N LEU B 89 -19.25 -29.02 34.22
CA LEU B 89 -19.99 -30.23 33.78
C LEU B 89 -19.09 -31.00 32.82
N ILE B 90 -18.36 -30.28 31.98
CA ILE B 90 -17.56 -30.97 30.98
C ILE B 90 -16.41 -31.71 31.66
N GLU B 91 -15.79 -31.10 32.69
CA GLU B 91 -14.63 -31.71 33.33
C GLU B 91 -15.09 -32.88 34.21
N SER B 92 -16.20 -32.69 34.92
CA SER B 92 -16.69 -33.71 35.84
C SER B 92 -17.03 -34.97 35.07
N LEU B 93 -17.04 -34.88 33.73
CA LEU B 93 -17.40 -36.05 32.95
C LEU B 93 -16.20 -36.66 32.23
N GLY B 94 -15.01 -36.08 32.36
CA GLY B 94 -13.80 -36.74 31.87
C GLY B 94 -13.24 -36.10 30.59
N ALA B 95 -13.95 -35.11 30.08
CA ALA B 95 -13.53 -34.41 28.88
C ALA B 95 -12.77 -33.16 29.28
N VAL B 96 -11.79 -32.78 28.47
CA VAL B 96 -11.15 -31.49 28.63
C VAL B 96 -12.02 -30.47 27.92
N ALA B 97 -12.23 -29.34 28.61
CA ALA B 97 -13.04 -28.25 28.14
C ALA B 97 -12.17 -27.25 27.40
N GLY B 98 -12.45 -27.04 26.12
CA GLY B 98 -11.74 -26.04 25.34
C GLY B 98 -12.73 -25.08 24.71
N ILE B 99 -12.22 -24.05 24.04
CA ILE B 99 -13.06 -23.01 23.49
C ILE B 99 -12.41 -22.49 22.22
N GLN B 100 -13.23 -22.24 21.20
CA GLN B 100 -12.71 -21.59 19.99
C GLN B 100 -13.09 -20.11 20.03
N LEU B 101 -12.07 -19.24 20.04
CA LEU B 101 -12.28 -17.80 20.03
C LEU B 101 -12.44 -17.37 18.57
N ALA B 102 -13.46 -16.56 18.30
CA ALA B 102 -13.81 -16.28 16.91
C ALA B 102 -14.00 -14.79 16.66
N HIS B 103 -13.75 -14.40 15.39
CA HIS B 103 -14.14 -13.11 14.83
C HIS B 103 -14.56 -13.30 13.38
N ALA B 104 -15.84 -13.06 13.13
CA ALA B 104 -16.49 -13.40 11.88
C ALA B 104 -16.19 -12.35 10.80
N GLY B 105 -15.56 -11.23 11.19
CA GLY B 105 -15.11 -10.27 10.18
C GLY B 105 -16.21 -9.94 9.17
N ARG B 106 -15.92 -10.10 7.88
CA ARG B 106 -16.82 -9.66 6.83
C ARG B 106 -18.04 -10.55 6.69
N LYS B 107 -18.11 -11.63 7.47
CA LYS B 107 -19.23 -12.54 7.37
C LYS B 107 -20.10 -12.39 8.61
N ALA B 108 -19.80 -11.35 9.40
CA ALA B 108 -20.56 -11.09 10.61
C ALA B 108 -21.95 -10.61 10.22
N SER B 109 -22.83 -10.49 11.24
CA SER B 109 -24.16 -9.92 11.11
C SER B 109 -25.02 -10.65 10.08
N VAL B 110 -25.16 -11.98 10.24
CA VAL B 110 -26.08 -12.80 9.46
C VAL B 110 -27.02 -13.50 10.43
N GLY B 111 -28.11 -14.06 9.89
CA GLY B 111 -29.10 -14.79 10.63
C GLY B 111 -28.75 -16.28 10.76
N ARG B 112 -29.50 -16.97 11.61
CA ARG B 112 -29.39 -18.41 11.83
C ARG B 112 -29.47 -19.17 10.51
N PRO B 113 -28.61 -20.19 10.30
CA PRO B 113 -28.69 -21.02 9.09
C PRO B 113 -30.10 -21.53 8.83
N TRP B 114 -30.77 -22.01 9.90
CA TRP B 114 -32.07 -22.65 9.75
C TRP B 114 -33.17 -21.60 9.55
N GLU B 115 -32.80 -20.32 9.71
CA GLU B 115 -33.71 -19.23 9.42
C GLU B 115 -33.32 -18.57 8.09
N GLY B 116 -32.46 -19.22 7.30
CA GLY B 116 -32.14 -18.77 5.96
C GLY B 116 -30.78 -18.08 5.84
N GLY B 117 -30.24 -17.62 6.98
CA GLY B 117 -28.86 -17.13 7.11
C GLY B 117 -28.57 -15.83 6.35
N LYS B 118 -29.58 -14.97 6.19
CA LYS B 118 -29.41 -13.77 5.38
C LYS B 118 -28.70 -12.72 6.21
N PRO B 119 -27.93 -11.80 5.58
CA PRO B 119 -27.44 -10.62 6.27
C PRO B 119 -28.57 -9.88 6.98
N ILE B 120 -28.29 -9.50 8.23
CA ILE B 120 -29.20 -8.72 9.03
C ILE B 120 -28.67 -7.29 9.04
N ALA B 121 -29.45 -6.36 8.47
CA ALA B 121 -29.08 -4.96 8.41
C ALA B 121 -28.99 -4.38 9.83
N PRO B 122 -28.13 -3.35 10.08
CA PRO B 122 -28.11 -2.62 11.36
C PRO B 122 -29.45 -2.05 11.81
N ALA B 123 -30.29 -1.65 10.85
CA ALA B 123 -31.68 -1.32 11.12
C ALA B 123 -32.35 -2.44 11.92
N ASN B 124 -32.23 -3.69 11.45
CA ASN B 124 -33.00 -4.81 11.98
C ASN B 124 -32.18 -5.63 12.98
N GLY B 125 -31.32 -4.95 13.75
CA GLY B 125 -30.67 -5.56 14.89
C GLY B 125 -29.32 -6.19 14.56
N GLY B 126 -28.82 -5.97 13.33
CA GLY B 126 -27.47 -6.34 12.94
C GLY B 126 -26.47 -5.25 13.33
N TRP B 127 -25.36 -5.19 12.61
CA TRP B 127 -24.29 -4.26 12.94
C TRP B 127 -23.33 -4.18 11.76
N PRO B 128 -22.50 -3.11 11.67
CA PRO B 128 -21.52 -2.99 10.59
C PRO B 128 -20.34 -3.93 10.81
N VAL B 129 -19.81 -4.47 9.72
CA VAL B 129 -18.80 -5.52 9.75
C VAL B 129 -17.46 -4.96 9.28
N VAL B 130 -16.39 -5.60 9.73
CA VAL B 130 -15.04 -5.12 9.49
C VAL B 130 -14.25 -6.23 8.78
N GLY B 131 -13.16 -5.82 8.12
CA GLY B 131 -12.33 -6.74 7.36
C GLY B 131 -11.10 -6.06 6.77
N PRO B 132 -10.31 -6.78 5.95
CA PRO B 132 -9.09 -6.22 5.35
C PRO B 132 -9.39 -5.09 4.37
N THR B 133 -10.46 -5.22 3.59
CA THR B 133 -10.78 -4.18 2.61
C THR B 133 -12.29 -4.03 2.56
N ALA B 134 -12.74 -3.06 1.75
CA ALA B 134 -14.16 -2.79 1.53
C ALA B 134 -14.70 -3.67 0.40
N GLU B 135 -14.51 -4.99 0.49
CA GLU B 135 -15.05 -5.95 -0.50
C GLU B 135 -16.04 -6.90 0.17
N PRO B 136 -17.32 -6.92 -0.25
CA PRO B 136 -18.31 -7.82 0.34
C PRO B 136 -18.05 -9.30 0.02
N PHE B 137 -18.41 -10.17 0.97
CA PHE B 137 -18.31 -11.62 0.85
C PHE B 137 -18.99 -12.06 -0.44
N ALA B 138 -20.24 -11.64 -0.60
CA ALA B 138 -21.06 -12.09 -1.70
C ALA B 138 -22.10 -11.00 -1.98
N PRO B 139 -22.80 -11.07 -3.13
CA PRO B 139 -23.94 -10.18 -3.38
C PRO B 139 -24.93 -10.23 -2.22
N GLY B 140 -25.38 -9.05 -1.78
CA GLY B 140 -26.35 -8.93 -0.71
C GLY B 140 -25.68 -8.69 0.64
N TYR B 141 -24.38 -8.99 0.72
CA TYR B 141 -23.61 -8.85 1.95
C TYR B 141 -23.21 -7.39 2.19
N PRO B 142 -23.02 -6.98 3.46
CA PRO B 142 -22.59 -5.62 3.73
C PRO B 142 -21.16 -5.41 3.26
N THR B 143 -20.88 -4.19 2.77
CA THR B 143 -19.54 -3.72 2.50
C THR B 143 -18.85 -3.51 3.83
N PRO B 144 -17.73 -4.21 4.08
CA PRO B 144 -16.98 -4.08 5.34
C PRO B 144 -16.29 -2.73 5.51
N ILE B 145 -15.98 -2.41 6.77
CA ILE B 145 -15.10 -1.33 7.15
C ILE B 145 -13.67 -1.85 7.11
N PRO B 146 -12.79 -1.30 6.25
CA PRO B 146 -11.38 -1.67 6.26
C PRO B 146 -10.76 -1.27 7.58
N LEU B 147 -9.95 -2.18 8.14
CA LEU B 147 -9.33 -1.94 9.43
C LEU B 147 -8.05 -1.13 9.25
N ASP B 148 -7.90 -0.10 10.10
CA ASP B 148 -6.65 0.63 10.26
C ASP B 148 -5.89 0.06 11.46
N ALA B 149 -4.70 0.63 11.70
CA ALA B 149 -3.82 0.23 12.79
C ALA B 149 -4.63 -0.01 14.07
N ALA B 150 -5.45 0.99 14.42
CA ALA B 150 -6.16 1.04 15.68
C ALA B 150 -7.26 -0.02 15.76
N GLY B 151 -7.95 -0.29 14.63
CA GLY B 151 -8.89 -1.41 14.56
C GLY B 151 -8.19 -2.77 14.79
N ILE B 152 -7.12 -3.00 14.02
CA ILE B 152 -6.27 -4.17 14.13
C ILE B 152 -5.83 -4.36 15.59
N ALA B 153 -5.27 -3.30 16.19
CA ALA B 153 -4.76 -3.30 17.55
C ALA B 153 -5.85 -3.68 18.55
N ARG B 154 -7.09 -3.25 18.29
CA ARG B 154 -8.28 -3.53 19.09
C ARG B 154 -8.70 -5.00 18.93
N VAL B 155 -8.69 -5.51 17.69
CA VAL B 155 -9.00 -6.90 17.44
C VAL B 155 -8.01 -7.77 18.22
N VAL B 156 -6.74 -7.37 18.15
CA VAL B 156 -5.66 -8.06 18.83
C VAL B 156 -5.84 -7.92 20.34
N ALA B 157 -6.18 -6.73 20.81
CA ALA B 157 -6.41 -6.57 22.25
C ALA B 157 -7.63 -7.39 22.66
N ASP B 158 -8.61 -7.58 21.76
CA ASP B 158 -9.83 -8.28 22.12
C ASP B 158 -9.56 -9.77 22.36
N PHE B 159 -8.80 -10.38 21.42
CA PHE B 159 -8.37 -11.76 21.59
C PHE B 159 -7.62 -11.92 22.92
N ALA B 160 -6.68 -11.01 23.20
CA ALA B 160 -5.93 -11.09 24.44
C ALA B 160 -6.85 -11.25 25.65
N THR B 161 -7.93 -10.46 25.67
CA THR B 161 -8.76 -10.37 26.87
C THR B 161 -9.67 -11.59 26.98
N ALA B 162 -10.12 -12.09 25.83
CA ALA B 162 -10.98 -13.26 25.80
C ALA B 162 -10.23 -14.48 26.35
N THR B 163 -8.92 -14.55 26.01
CA THR B 163 -8.02 -15.55 26.56
C THR B 163 -7.97 -15.43 28.08
N LYS B 164 -7.76 -14.21 28.56
CA LYS B 164 -7.67 -13.98 29.99
C LYS B 164 -8.93 -14.52 30.67
N ARG B 165 -10.08 -14.35 30.01
CA ARG B 165 -11.37 -14.72 30.56
C ARG B 165 -11.58 -16.22 30.50
N ALA B 166 -11.08 -16.84 29.41
CA ALA B 166 -11.21 -18.29 29.23
C ALA B 166 -10.45 -19.02 30.32
N ARG B 167 -9.22 -18.54 30.60
CA ARG B 167 -8.44 -18.94 31.77
C ARG B 167 -9.37 -18.94 32.98
N ALA B 168 -9.91 -17.76 33.30
CA ALA B 168 -10.67 -17.55 34.51
C ALA B 168 -11.90 -18.45 34.56
N ALA B 169 -12.42 -18.83 33.38
CA ALA B 169 -13.56 -19.75 33.27
C ALA B 169 -13.18 -21.20 33.60
N GLY B 170 -11.93 -21.60 33.32
CA GLY B 170 -11.50 -22.97 33.58
C GLY B 170 -11.21 -23.79 32.31
N PHE B 171 -11.33 -23.18 31.13
CA PHE B 171 -10.94 -23.85 29.90
C PHE B 171 -9.46 -24.22 29.94
N ARG B 172 -9.16 -25.49 29.61
CA ARG B 172 -7.79 -25.94 29.64
C ARG B 172 -7.35 -26.30 28.23
N TRP B 173 -8.06 -25.78 27.23
CA TRP B 173 -7.71 -25.88 25.81
C TRP B 173 -8.26 -24.68 25.08
N ILE B 174 -7.47 -24.08 24.18
CA ILE B 174 -7.92 -22.90 23.44
C ILE B 174 -7.58 -23.01 21.95
N GLU B 175 -8.47 -22.47 21.10
CA GLU B 175 -8.26 -22.50 19.66
C GLU B 175 -8.63 -21.16 19.04
N ILE B 176 -7.74 -20.65 18.20
CA ILE B 176 -7.97 -19.43 17.45
C ILE B 176 -8.66 -19.79 16.13
N HIS B 177 -9.86 -19.24 15.90
CA HIS B 177 -10.55 -19.49 14.64
C HIS B 177 -9.98 -18.60 13.54
N ALA B 178 -9.21 -19.21 12.63
CA ALA B 178 -8.62 -18.47 11.52
C ALA B 178 -8.97 -19.17 10.21
N ALA B 179 -10.21 -19.67 10.12
CA ALA B 179 -10.72 -20.48 9.02
C ALA B 179 -12.08 -19.95 8.54
N HIS B 180 -12.62 -20.55 7.48
CA HIS B 180 -14.02 -20.45 7.10
C HIS B 180 -14.42 -19.05 6.61
N GLY B 181 -13.47 -18.29 6.08
CA GLY B 181 -13.79 -16.99 5.48
C GLY B 181 -13.91 -15.85 6.49
N TYR B 182 -13.67 -16.14 7.78
CA TYR B 182 -13.83 -15.18 8.84
C TYR B 182 -12.63 -14.22 8.84
N LEU B 183 -12.48 -13.45 9.92
CA LEU B 183 -11.58 -12.32 9.84
C LEU B 183 -10.15 -12.78 9.50
N LEU B 184 -9.55 -13.62 10.36
CA LEU B 184 -8.12 -13.92 10.21
C LEU B 184 -7.87 -14.56 8.85
N HIS B 185 -8.74 -15.51 8.48
CA HIS B 185 -8.60 -16.20 7.22
C HIS B 185 -8.69 -15.17 6.09
N ASN B 186 -9.60 -14.21 6.25
CA ASN B 186 -9.89 -13.24 5.20
C ASN B 186 -8.63 -12.40 4.96
N PHE B 187 -7.92 -11.99 6.01
CA PHE B 187 -6.66 -11.27 5.83
C PHE B 187 -5.61 -12.17 5.15
N LEU B 188 -5.68 -13.48 5.44
CA LEU B 188 -4.67 -14.45 5.04
C LEU B 188 -4.82 -14.73 3.54
N SER B 189 -6.06 -14.89 3.09
CA SER B 189 -6.35 -15.40 1.76
C SER B 189 -6.29 -14.25 0.76
N PRO B 190 -5.70 -14.46 -0.43
CA PRO B 190 -5.77 -13.46 -1.52
C PRO B 190 -7.09 -13.22 -2.26
N LEU B 191 -8.13 -14.02 -1.98
CA LEU B 191 -9.40 -13.90 -2.71
C LEU B 191 -10.29 -12.80 -2.14
N GLY B 192 -10.81 -11.92 -3.00
CA GLY B 192 -11.55 -10.74 -2.56
C GLY B 192 -10.79 -9.98 -1.47
N ASN B 193 -9.45 -9.98 -1.63
CA ASN B 193 -8.55 -9.24 -0.76
C ASN B 193 -7.44 -8.60 -1.61
N ASP B 194 -7.62 -7.31 -1.92
CA ASP B 194 -6.61 -6.54 -2.65
C ASP B 194 -5.82 -5.65 -1.67
N ARG B 195 -5.84 -6.01 -0.39
CA ARG B 195 -5.12 -5.24 0.61
C ARG B 195 -3.62 -5.36 0.34
N ASN B 196 -2.97 -4.21 0.23
CA ASN B 196 -1.60 -4.09 -0.24
C ASN B 196 -0.79 -3.35 0.82
N ASP B 197 -1.26 -3.48 2.06
CA ASP B 197 -0.70 -2.82 3.22
C ASP B 197 0.49 -3.64 3.74
N GLU B 198 0.94 -3.28 4.95
CA GLU B 198 1.84 -4.09 5.75
C GLU B 198 1.10 -5.32 6.31
N TYR B 199 -0.21 -5.40 6.06
CA TYR B 199 -1.07 -6.50 6.48
C TYR B 199 -1.64 -7.22 5.25
N GLY B 200 -1.09 -6.92 4.08
CA GLY B 200 -1.56 -7.51 2.84
C GLY B 200 -0.41 -7.71 1.84
N GLY B 201 -0.80 -8.00 0.59
CA GLY B 201 0.10 -8.13 -0.56
C GLY B 201 0.88 -9.45 -0.55
N ASP B 202 1.91 -9.48 0.29
CA ASP B 202 2.80 -10.62 0.48
C ASP B 202 2.18 -11.63 1.44
N LEU B 203 2.72 -12.85 1.47
CA LEU B 203 2.29 -13.85 2.44
C LEU B 203 2.71 -13.44 3.85
N ARG B 204 3.93 -12.88 4.00
CA ARG B 204 4.29 -12.33 5.30
C ARG B 204 3.28 -11.25 5.71
N GLY B 205 2.86 -10.43 4.74
CA GLY B 205 1.81 -9.43 4.93
C GLY B 205 0.47 -10.02 5.35
N ARG B 206 -0.01 -11.03 4.60
CA ARG B 206 -1.33 -11.60 4.80
C ARG B 206 -1.45 -12.28 6.16
N VAL B 207 -0.34 -12.80 6.69
CA VAL B 207 -0.33 -13.64 7.89
C VAL B 207 -0.23 -12.76 9.14
N ARG B 208 0.12 -11.50 8.96
CA ARG B 208 0.51 -10.64 10.08
C ARG B 208 -0.59 -10.55 11.14
N LEU B 209 -1.84 -10.39 10.70
CA LEU B 209 -2.90 -10.25 11.69
C LEU B 209 -2.99 -11.53 12.53
N LEU B 210 -3.00 -12.67 11.86
CA LEU B 210 -3.09 -13.94 12.55
C LEU B 210 -1.88 -14.12 13.49
N SER B 211 -0.68 -13.74 13.04
CA SER B 211 0.44 -13.92 13.95
C SER B 211 0.29 -13.04 15.20
N GLU B 212 -0.17 -11.79 15.01
CA GLU B 212 -0.25 -10.81 16.09
C GLU B 212 -1.33 -11.24 17.09
N VAL B 213 -2.44 -11.80 16.58
CA VAL B 213 -3.46 -12.42 17.45
C VAL B 213 -2.83 -13.56 18.25
N THR B 214 -2.10 -14.42 17.53
CA THR B 214 -1.46 -15.57 18.13
C THR B 214 -0.58 -15.16 19.30
N ALA B 215 0.35 -14.20 19.06
CA ALA B 215 1.29 -13.72 20.06
C ALA B 215 0.53 -13.27 21.30
N ALA B 216 -0.51 -12.45 21.07
CA ALA B 216 -1.30 -11.95 22.19
C ALA B 216 -2.03 -13.07 22.93
N VAL B 217 -2.61 -14.04 22.19
CA VAL B 217 -3.31 -15.15 22.85
C VAL B 217 -2.31 -15.97 23.66
N ARG B 218 -1.18 -16.35 23.03
CA ARG B 218 -0.13 -17.13 23.66
C ARG B 218 0.38 -16.46 24.95
N ALA B 219 0.57 -15.12 24.91
CA ALA B 219 1.05 -14.36 26.06
C ALA B 219 0.12 -14.46 27.26
N GLU B 220 -1.19 -14.65 27.05
CA GLU B 220 -2.14 -14.69 28.15
C GLU B 220 -2.42 -16.13 28.55
N TRP B 221 -2.04 -17.07 27.68
CA TRP B 221 -2.35 -18.47 27.89
C TRP B 221 -1.12 -19.13 28.52
N PRO B 222 -1.26 -19.76 29.71
CA PRO B 222 -0.11 -20.37 30.40
C PRO B 222 0.51 -21.41 29.48
N SER B 223 1.85 -21.52 29.54
CA SER B 223 2.63 -22.38 28.67
C SER B 223 2.26 -23.86 28.87
N ASP B 224 1.74 -24.22 30.04
CA ASP B 224 1.42 -25.61 30.36
C ASP B 224 0.01 -25.95 29.91
N LEU B 225 -0.64 -25.03 29.17
CA LEU B 225 -1.94 -25.31 28.60
C LEU B 225 -1.81 -25.25 27.09
N PRO B 226 -2.45 -26.17 26.35
CA PRO B 226 -2.28 -26.26 24.91
C PRO B 226 -3.13 -25.26 24.15
N LEU B 227 -2.55 -24.80 23.06
CA LEU B 227 -3.14 -23.81 22.18
C LEU B 227 -3.27 -24.43 20.77
N ALA B 228 -4.42 -24.23 20.13
CA ALA B 228 -4.58 -24.68 18.76
C ALA B 228 -5.05 -23.53 17.87
N VAL B 229 -4.82 -23.69 16.57
CA VAL B 229 -5.24 -22.74 15.55
C VAL B 229 -5.99 -23.51 14.47
N ARG B 230 -7.23 -23.13 14.22
CA ARG B 230 -7.94 -23.73 13.11
C ARG B 230 -7.63 -22.91 11.87
N LEU B 231 -7.25 -23.59 10.79
CA LEU B 231 -6.94 -22.94 9.54
C LEU B 231 -7.85 -23.51 8.46
N SER B 232 -8.23 -22.65 7.50
CA SER B 232 -8.69 -23.19 6.23
C SER B 232 -7.44 -23.52 5.41
N CYS B 233 -7.16 -24.81 5.26
CA CYS B 233 -5.89 -25.26 4.73
C CYS B 233 -5.82 -25.01 3.24
N SER B 234 -6.99 -24.89 2.60
CA SER B 234 -7.03 -24.57 1.18
C SER B 234 -8.26 -23.71 0.88
N ASP B 235 -8.14 -22.89 -0.16
CA ASP B 235 -9.30 -22.17 -0.66
C ASP B 235 -9.94 -22.99 -1.76
N TRP B 236 -9.25 -24.05 -2.23
CA TRP B 236 -9.79 -24.96 -3.23
C TRP B 236 -9.82 -24.32 -4.61
N THR B 237 -8.89 -23.40 -4.88
CA THR B 237 -8.90 -22.66 -6.14
C THR B 237 -7.48 -22.32 -6.56
N PRO B 238 -7.16 -22.48 -7.85
CA PRO B 238 -5.93 -21.93 -8.43
C PRO B 238 -5.52 -20.59 -7.82
N GLU B 239 -6.52 -19.72 -7.63
CA GLU B 239 -6.33 -18.31 -7.40
C GLU B 239 -5.98 -17.97 -5.95
N GLY B 240 -6.05 -18.94 -5.03
CA GLY B 240 -6.07 -18.63 -3.60
C GLY B 240 -5.13 -19.53 -2.81
N LEU B 241 -5.40 -19.67 -1.50
CA LEU B 241 -4.55 -20.47 -0.61
C LEU B 241 -4.55 -21.94 -1.01
N THR B 242 -3.35 -22.52 -0.99
CA THR B 242 -3.09 -23.94 -1.23
C THR B 242 -2.45 -24.52 0.03
N ILE B 243 -2.25 -25.85 0.02
CA ILE B 243 -1.70 -26.61 1.13
C ILE B 243 -0.27 -26.15 1.50
N ALA B 244 0.51 -25.76 0.49
CA ALA B 244 1.88 -25.27 0.68
C ALA B 244 1.91 -23.94 1.45
N ASP B 245 0.91 -23.07 1.24
CA ASP B 245 0.84 -21.82 1.98
C ASP B 245 0.59 -22.13 3.44
N THR B 246 -0.40 -23.01 3.66
CA THR B 246 -0.78 -23.46 4.98
C THR B 246 0.43 -23.99 5.75
N VAL B 247 1.33 -24.67 5.02
CA VAL B 247 2.49 -25.31 5.63
C VAL B 247 3.41 -24.24 6.22
N GLU B 248 3.64 -23.17 5.46
CA GLU B 248 4.49 -22.09 5.92
C GLU B 248 3.85 -21.44 7.15
N VAL B 249 2.52 -21.25 7.10
CA VAL B 249 1.80 -20.64 8.22
C VAL B 249 2.01 -21.52 9.45
N ALA B 250 1.82 -22.83 9.26
CA ALA B 250 1.88 -23.77 10.37
C ALA B 250 3.26 -23.68 11.03
N ARG B 251 4.30 -23.64 10.18
N ARG B 251 4.30 -23.60 10.18
CA ARG B 251 5.69 -23.49 10.58
CA ARG B 251 5.69 -23.49 10.60
C ARG B 251 5.84 -22.26 11.48
C ARG B 251 5.91 -22.24 11.45
N MET B 252 5.32 -21.12 11.02
CA MET B 252 5.41 -19.85 11.75
C MET B 252 4.63 -19.90 13.06
N LEU B 253 3.46 -20.57 13.06
CA LEU B 253 2.66 -20.68 14.27
C LEU B 253 3.37 -21.59 15.27
N ARG B 254 4.08 -22.60 14.75
CA ARG B 254 4.87 -23.53 15.55
C ARG B 254 5.82 -22.75 16.47
N GLU B 255 6.58 -21.83 15.84
CA GLU B 255 7.61 -21.02 16.48
C GLU B 255 7.00 -20.04 17.50
N GLN B 256 5.71 -19.73 17.33
CA GLN B 256 5.04 -18.82 18.25
C GLN B 256 4.44 -19.60 19.42
N GLY B 257 4.64 -20.92 19.47
CA GLY B 257 4.26 -21.71 20.63
C GLY B 257 2.84 -22.29 20.54
N VAL B 258 2.28 -22.34 19.32
CA VAL B 258 1.07 -23.09 19.03
C VAL B 258 1.39 -24.59 19.05
N ASP B 259 0.57 -25.37 19.75
CA ASP B 259 0.81 -26.80 19.95
C ASP B 259 0.12 -27.67 18.89
N LEU B 260 -0.84 -27.10 18.12
CA LEU B 260 -1.66 -27.93 17.27
C LEU B 260 -2.41 -27.08 16.25
N ILE B 261 -2.35 -27.51 14.98
CA ILE B 261 -3.11 -26.93 13.90
C ILE B 261 -4.31 -27.82 13.61
N ASP B 262 -5.50 -27.22 13.69
CA ASP B 262 -6.77 -27.85 13.34
C ASP B 262 -7.03 -27.59 11.86
N CYS B 263 -7.19 -28.67 11.08
CA CYS B 263 -7.11 -28.56 9.64
C CYS B 263 -8.50 -28.65 8.99
N SER B 264 -9.12 -27.49 8.77
CA SER B 264 -10.35 -27.42 7.99
C SER B 264 -10.01 -26.84 6.61
N SER B 265 -11.04 -26.41 5.84
CA SER B 265 -10.82 -25.74 4.57
C SER B 265 -12.07 -24.98 4.14
N GLY B 266 -11.91 -24.16 3.10
CA GLY B 266 -13.01 -23.50 2.41
C GLY B 266 -13.61 -22.35 3.20
N GLY B 267 -14.64 -21.73 2.62
CA GLY B 267 -15.42 -20.71 3.27
C GLY B 267 -15.14 -19.29 2.77
N ILE B 268 -13.99 -19.07 2.12
CA ILE B 268 -13.49 -17.72 1.90
C ILE B 268 -14.48 -16.88 1.06
N ALA B 269 -15.15 -17.55 0.11
CA ALA B 269 -16.07 -16.95 -0.85
C ALA B 269 -16.98 -18.07 -1.35
N PRO B 270 -18.24 -17.78 -1.72
CA PRO B 270 -19.21 -18.84 -2.03
C PRO B 270 -19.06 -19.32 -3.47
N GLY B 271 -19.69 -20.45 -3.78
CA GLY B 271 -19.77 -20.99 -5.14
C GLY B 271 -18.46 -21.60 -5.67
N ILE B 272 -17.45 -21.77 -4.81
CA ILE B 272 -16.30 -22.59 -5.18
C ILE B 272 -16.66 -24.05 -4.90
N THR B 273 -16.40 -24.96 -5.86
CA THR B 273 -16.79 -26.35 -5.66
C THR B 273 -15.69 -27.12 -4.93
N ILE B 274 -16.09 -27.68 -3.78
CA ILE B 274 -15.23 -28.42 -2.87
C ILE B 274 -15.58 -29.90 -3.03
N PRO B 275 -14.63 -30.76 -3.45
CA PRO B 275 -14.93 -32.19 -3.56
C PRO B 275 -15.03 -32.86 -2.18
N VAL B 276 -16.13 -32.60 -1.48
CA VAL B 276 -16.41 -33.18 -0.17
C VAL B 276 -16.59 -34.70 -0.28
N GLY B 277 -16.13 -35.42 0.74
CA GLY B 277 -16.28 -36.86 0.83
C GLY B 277 -15.54 -37.38 2.05
N GLU B 278 -15.85 -38.60 2.49
CA GLU B 278 -15.22 -39.17 3.67
C GLU B 278 -13.74 -38.79 3.73
N GLY B 279 -13.35 -38.04 4.76
CA GLY B 279 -11.97 -37.72 5.07
C GLY B 279 -11.29 -36.83 4.00
N TYR B 280 -12.07 -35.96 3.34
CA TYR B 280 -11.58 -35.09 2.27
C TYR B 280 -10.51 -34.10 2.75
N GLN B 281 -10.41 -33.84 4.06
CA GLN B 281 -9.48 -32.82 4.52
C GLN B 281 -8.31 -33.46 5.27
N VAL B 282 -8.35 -34.79 5.36
CA VAL B 282 -7.38 -35.56 6.12
C VAL B 282 -5.99 -35.36 5.52
N PRO B 283 -5.79 -35.41 4.18
CA PRO B 283 -4.46 -35.17 3.60
C PRO B 283 -3.82 -33.86 4.09
N PHE B 284 -4.66 -32.84 4.35
CA PHE B 284 -4.16 -31.54 4.75
C PHE B 284 -3.54 -31.69 6.14
N ALA B 285 -4.28 -32.38 7.03
CA ALA B 285 -3.77 -32.65 8.36
C ALA B 285 -2.42 -33.36 8.25
N ALA B 286 -2.36 -34.37 7.38
CA ALA B 286 -1.21 -35.25 7.28
C ALA B 286 0.03 -34.48 6.82
N GLN B 287 -0.14 -33.65 5.79
CA GLN B 287 0.92 -32.85 5.19
C GLN B 287 1.41 -31.77 6.16
N VAL B 288 0.48 -31.23 6.97
CA VAL B 288 0.83 -30.23 7.96
C VAL B 288 1.63 -30.88 9.07
N ARG B 289 1.21 -32.07 9.51
CA ARG B 289 1.90 -32.80 10.56
C ARG B 289 3.36 -33.06 10.17
N ARG B 290 3.59 -33.58 8.95
CA ARG B 290 4.93 -33.99 8.51
C ARG B 290 5.81 -32.80 8.15
N GLU B 291 5.29 -31.90 7.28
CA GLU B 291 6.12 -30.86 6.69
C GLU B 291 6.39 -29.70 7.65
N ALA B 292 5.63 -29.63 8.77
CA ALA B 292 5.77 -28.53 9.70
C ALA B 292 6.03 -28.97 11.15
N ASN B 293 6.05 -30.29 11.39
N ASN B 293 5.98 -30.29 11.39
CA ASN B 293 6.47 -30.86 12.67
CA ASN B 293 6.42 -30.90 12.63
C ASN B 293 5.62 -30.29 13.80
C ASN B 293 5.62 -30.30 13.78
N ILE B 294 4.30 -30.44 13.69
CA ILE B 294 3.35 -29.90 14.67
C ILE B 294 2.16 -30.85 14.76
N ALA B 295 1.62 -31.00 15.98
CA ALA B 295 0.42 -31.81 16.14
C ALA B 295 -0.71 -31.22 15.28
N THR B 296 -1.63 -32.09 14.83
CA THR B 296 -2.76 -31.62 14.03
C THR B 296 -4.05 -32.30 14.51
N ALA B 297 -5.19 -31.65 14.24
CA ALA B 297 -6.49 -32.33 14.28
C ALA B 297 -7.04 -32.46 12.87
N ALA B 298 -7.64 -33.63 12.59
CA ALA B 298 -8.34 -33.85 11.33
C ALA B 298 -9.85 -33.73 11.54
N VAL B 299 -10.55 -33.29 10.50
CA VAL B 299 -11.99 -33.09 10.54
C VAL B 299 -12.53 -33.11 9.11
N GLY B 300 -13.82 -33.43 8.99
CA GLY B 300 -14.51 -33.45 7.71
C GLY B 300 -14.97 -34.85 7.33
N LEU B 301 -16.22 -35.16 7.70
CA LEU B 301 -16.94 -36.32 7.19
C LEU B 301 -16.35 -37.64 7.70
N ILE B 302 -15.80 -37.62 8.90
CA ILE B 302 -15.32 -38.83 9.52
C ILE B 302 -16.48 -39.30 10.39
N THR B 303 -16.99 -40.52 10.11
CA THR B 303 -18.14 -41.06 10.84
C THR B 303 -17.87 -42.50 11.30
N ARG B 304 -16.78 -43.11 10.80
CA ARG B 304 -16.55 -44.54 11.00
C ARG B 304 -15.40 -44.76 11.98
N PRO B 305 -15.61 -45.56 13.05
CA PRO B 305 -14.56 -45.83 14.05
C PRO B 305 -13.23 -46.30 13.46
N GLU B 306 -13.31 -47.21 12.48
CA GLU B 306 -12.13 -47.80 11.85
C GLU B 306 -11.32 -46.72 11.14
N HIS B 307 -12.02 -45.81 10.48
CA HIS B 307 -11.44 -44.72 9.71
C HIS B 307 -10.75 -43.73 10.66
N ALA B 308 -11.42 -43.40 11.76
CA ALA B 308 -10.87 -42.43 12.70
C ALA B 308 -9.59 -43.03 13.26
N ASP B 309 -9.69 -44.31 13.65
CA ASP B 309 -8.59 -45.12 14.15
C ASP B 309 -7.42 -45.06 13.17
N ALA B 310 -7.69 -45.41 11.90
CA ALA B 310 -6.68 -45.35 10.85
C ALA B 310 -5.97 -43.98 10.81
N ILE B 311 -6.74 -42.90 10.94
CA ILE B 311 -6.16 -41.57 10.88
C ILE B 311 -5.14 -41.43 12.00
N VAL B 312 -5.48 -41.93 13.19
CA VAL B 312 -4.53 -41.82 14.29
C VAL B 312 -3.36 -42.77 14.04
N ARG B 313 -3.67 -44.04 13.80
CA ARG B 313 -2.67 -45.09 13.71
C ARG B 313 -1.69 -44.81 12.58
N ASN B 314 -2.16 -44.12 11.53
CA ASN B 314 -1.29 -43.91 10.39
C ASN B 314 -0.42 -42.69 10.62
N GLY B 315 -0.74 -41.85 11.62
CA GLY B 315 0.02 -40.64 11.85
C GLY B 315 -0.40 -39.52 10.90
N ASP B 316 -1.61 -39.63 10.36
CA ASP B 316 -2.23 -38.59 9.57
C ASP B 316 -2.55 -37.38 10.44
N ALA B 317 -2.92 -37.65 11.71
CA ALA B 317 -3.33 -36.65 12.69
C ALA B 317 -3.24 -37.26 14.08
N ASP B 318 -3.17 -36.40 15.11
CA ASP B 318 -3.09 -36.80 16.48
C ASP B 318 -4.49 -36.76 17.10
N LEU B 319 -5.39 -36.02 16.45
CA LEU B 319 -6.74 -35.75 16.97
C LEU B 319 -7.75 -35.87 15.85
N VAL B 320 -8.80 -36.65 16.11
CA VAL B 320 -9.90 -36.81 15.18
C VAL B 320 -11.11 -36.07 15.76
N LEU B 321 -11.55 -35.05 15.04
CA LEU B 321 -12.67 -34.23 15.48
C LEU B 321 -13.92 -34.66 14.73
N LEU B 322 -15.04 -34.78 15.44
CA LEU B 322 -16.29 -35.09 14.76
C LEU B 322 -17.25 -33.93 14.97
N GLY B 323 -17.89 -33.50 13.87
CA GLY B 323 -18.96 -32.52 13.91
C GLY B 323 -20.34 -33.18 13.88
N ARG B 324 -20.84 -33.45 12.67
CA ARG B 324 -22.20 -33.90 12.42
C ARG B 324 -22.52 -35.27 13.06
N GLU B 325 -21.56 -36.19 12.98
CA GLU B 325 -21.70 -37.46 13.66
C GLU B 325 -22.12 -37.23 15.12
N LEU B 326 -21.47 -36.30 15.82
CA LEU B 326 -21.72 -36.07 17.23
C LEU B 326 -23.05 -35.34 17.48
N LEU B 327 -23.56 -34.61 16.48
CA LEU B 327 -24.91 -34.09 16.61
C LEU B 327 -25.92 -35.24 16.44
N ARG B 328 -25.63 -36.17 15.53
CA ARG B 328 -26.51 -37.32 15.31
C ARG B 328 -26.48 -38.27 16.51
N ASP B 329 -25.28 -38.51 17.03
CA ASP B 329 -25.05 -39.51 18.07
C ASP B 329 -24.04 -38.98 19.08
N PRO B 330 -24.49 -38.38 20.21
CA PRO B 330 -23.57 -37.93 21.26
C PRO B 330 -22.81 -39.08 21.92
N HIS B 331 -23.28 -40.30 21.72
CA HIS B 331 -22.66 -41.43 22.40
C HIS B 331 -21.68 -42.14 21.49
N TRP B 332 -21.32 -41.51 20.36
CA TRP B 332 -20.44 -42.12 19.37
C TRP B 332 -19.22 -42.77 20.01
N PRO B 333 -18.43 -42.05 20.86
CA PRO B 333 -17.15 -42.60 21.30
C PRO B 333 -17.39 -43.90 22.05
N LEU B 334 -18.44 -43.96 22.87
CA LEU B 334 -18.77 -45.20 23.57
C LEU B 334 -18.97 -46.32 22.56
N ARG B 335 -19.49 -45.98 21.38
CA ARG B 335 -19.77 -46.97 20.35
C ARG B 335 -18.48 -47.34 19.64
N ALA B 336 -17.60 -46.36 19.46
CA ALA B 336 -16.37 -46.58 18.72
C ALA B 336 -15.38 -47.37 19.56
N ALA B 337 -15.49 -47.24 20.89
CA ALA B 337 -14.69 -48.03 21.79
C ALA B 337 -15.08 -49.51 21.62
N ARG B 338 -16.37 -49.78 21.51
CA ARG B 338 -16.83 -51.15 21.55
C ARG B 338 -16.54 -51.85 20.22
N ALA B 339 -16.50 -51.06 19.15
CA ALA B 339 -16.33 -51.53 17.79
C ALA B 339 -14.88 -51.81 17.49
N LEU B 340 -13.97 -51.16 18.26
CA LEU B 340 -12.54 -51.28 18.08
C LEU B 340 -11.93 -52.17 19.16
N GLY B 341 -12.67 -52.38 20.25
CA GLY B 341 -12.29 -53.30 21.32
C GLY B 341 -11.56 -52.61 22.46
N HIS B 342 -12.03 -51.42 22.83
CA HIS B 342 -11.33 -50.74 23.90
C HIS B 342 -12.33 -50.41 24.98
N ASP B 343 -11.80 -50.35 26.22
CA ASP B 343 -12.55 -50.03 27.41
C ASP B 343 -12.83 -48.53 27.48
N LEU B 344 -14.10 -48.19 27.30
CA LEU B 344 -14.50 -46.85 27.71
C LEU B 344 -15.83 -46.96 28.42
N ALA B 345 -15.81 -46.59 29.70
CA ALA B 345 -16.97 -46.71 30.56
C ALA B 345 -17.85 -45.48 30.34
N PRO B 346 -19.18 -45.65 30.43
CA PRO B 346 -20.09 -44.50 30.37
C PRO B 346 -20.02 -43.76 31.71
N PRO B 347 -20.79 -42.67 31.94
CA PRO B 347 -20.88 -42.13 33.29
C PRO B 347 -21.48 -43.22 34.18
N PRO B 348 -21.13 -43.28 35.48
CA PRO B 348 -21.62 -44.36 36.34
C PRO B 348 -23.14 -44.47 36.33
N GLN B 349 -23.80 -43.32 36.08
CA GLN B 349 -25.25 -43.18 36.03
C GLN B 349 -25.84 -44.11 34.97
N TYR B 350 -25.04 -44.43 33.95
CA TYR B 350 -25.54 -45.24 32.85
C TYR B 350 -24.98 -46.66 32.86
N LEU B 351 -24.23 -47.07 33.89
CA LEU B 351 -23.58 -48.37 33.78
C LEU B 351 -24.59 -49.47 33.47
N ARG B 352 -25.84 -49.35 33.94
CA ARG B 352 -26.77 -50.48 33.84
C ARG B 352 -27.20 -50.75 32.40
N ALA B 353 -26.81 -49.86 31.46
CA ALA B 353 -27.26 -49.90 30.08
C ALA B 353 -26.17 -50.48 29.18
N TRP B 354 -24.97 -50.63 29.73
CA TRP B 354 -23.85 -51.14 28.96
C TRP B 354 -23.36 -52.46 29.57
N MET C 1 -20.46 -15.17 -15.27
CA MET C 1 -19.80 -15.84 -16.43
C MET C 1 -19.08 -14.80 -17.29
N GLN C 2 -19.83 -13.82 -17.82
CA GLN C 2 -19.27 -12.70 -18.55
C GLN C 2 -19.65 -11.39 -17.86
N PRO C 3 -18.84 -10.34 -18.06
CA PRO C 3 -18.73 -9.26 -17.09
C PRO C 3 -19.66 -8.11 -17.41
N HIS C 4 -19.80 -7.23 -16.43
CA HIS C 4 -20.44 -5.94 -16.57
C HIS C 4 -19.52 -4.91 -15.91
N LEU C 5 -19.98 -3.66 -15.84
CA LEU C 5 -19.17 -2.54 -15.41
C LEU C 5 -18.54 -2.76 -14.03
N PHE C 6 -19.20 -3.53 -13.14
CA PHE C 6 -18.74 -3.67 -11.76
C PHE C 6 -18.13 -5.05 -11.49
N THR C 7 -17.77 -5.75 -12.56
CA THR C 7 -17.12 -7.05 -12.46
C THR C 7 -15.63 -6.81 -12.29
N PRO C 8 -14.92 -7.50 -11.35
CA PRO C 8 -13.48 -7.32 -11.19
C PRO C 8 -12.73 -7.58 -12.50
N LEU C 9 -11.48 -7.12 -12.59
CA LEU C 9 -10.62 -7.46 -13.72
C LEU C 9 -9.25 -7.83 -13.17
N THR C 10 -8.80 -9.03 -13.55
CA THR C 10 -7.51 -9.55 -13.17
C THR C 10 -6.53 -9.49 -14.33
N ILE C 11 -5.33 -8.99 -14.06
CA ILE C 11 -4.18 -9.15 -14.93
C ILE C 11 -2.94 -9.29 -14.06
N GLY C 12 -2.26 -10.44 -14.19
CA GLY C 12 -1.20 -10.80 -13.27
C GLY C 12 -1.70 -10.80 -11.83
N SER C 13 -0.99 -10.05 -10.96
CA SER C 13 -1.28 -10.02 -9.54
C SER C 13 -2.25 -8.88 -9.15
N VAL C 14 -2.79 -8.16 -10.15
CA VAL C 14 -3.58 -6.97 -9.88
C VAL C 14 -5.07 -7.18 -10.19
N THR C 15 -5.91 -7.02 -9.16
CA THR C 15 -7.36 -7.07 -9.33
C THR C 15 -7.98 -5.69 -9.13
N LEU C 16 -8.45 -5.10 -10.25
CA LEU C 16 -9.28 -3.90 -10.26
C LEU C 16 -10.69 -4.31 -9.84
N ARG C 17 -11.30 -3.50 -8.96
N ARG C 17 -11.31 -3.55 -8.92
CA ARG C 17 -12.52 -3.80 -8.24
CA ARG C 17 -12.55 -3.97 -8.31
C ARG C 17 -13.73 -3.63 -9.16
C ARG C 17 -13.74 -3.76 -9.25
N ASN C 18 -13.55 -2.91 -10.28
CA ASN C 18 -14.58 -2.70 -11.29
C ASN C 18 -13.92 -2.31 -12.60
N ARG C 19 -14.72 -1.91 -13.61
CA ARG C 19 -14.20 -1.69 -14.96
C ARG C 19 -14.07 -0.21 -15.29
N ILE C 20 -13.97 0.63 -14.25
CA ILE C 20 -13.99 2.07 -14.44
C ILE C 20 -12.61 2.64 -14.12
N GLY C 21 -11.99 3.25 -15.11
CA GLY C 21 -10.68 3.86 -14.89
C GLY C 21 -10.74 5.35 -15.09
N MET C 22 -9.83 6.04 -14.45
CA MET C 22 -9.74 7.49 -14.67
C MET C 22 -8.73 7.71 -15.79
N SER C 23 -9.18 8.26 -16.91
CA SER C 23 -8.26 8.58 -18.02
C SER C 23 -7.12 9.53 -17.61
N PRO C 24 -5.84 9.25 -17.98
CA PRO C 24 -4.73 10.12 -17.66
C PRO C 24 -5.05 11.57 -18.04
N MET C 25 -4.93 12.49 -17.09
CA MET C 25 -5.29 13.90 -17.36
C MET C 25 -4.27 14.88 -16.82
N CYS C 26 -3.57 15.55 -17.72
CA CYS C 26 -2.53 16.53 -17.38
C CYS C 26 -3.14 17.66 -16.56
N GLN C 27 -2.47 18.09 -15.49
CA GLN C 27 -3.01 19.09 -14.59
C GLN C 27 -2.21 20.38 -14.70
N TYR C 28 -0.99 20.30 -15.24
CA TYR C 28 -0.13 21.48 -15.42
C TYR C 28 0.07 22.20 -14.08
N SER C 29 0.35 21.40 -13.03
CA SER C 29 0.35 21.91 -11.68
C SER C 29 1.61 21.46 -10.94
N ALA C 30 2.65 21.05 -11.68
CA ALA C 30 3.88 20.61 -11.05
C ALA C 30 4.94 21.70 -11.16
N VAL C 31 5.96 21.66 -10.28
CA VAL C 31 7.15 22.47 -10.34
C VAL C 31 8.37 21.54 -10.32
N ASP C 32 9.20 21.66 -11.37
CA ASP C 32 10.33 20.78 -11.61
C ASP C 32 9.87 19.33 -11.58
N GLY C 33 8.63 19.08 -12.04
CA GLY C 33 8.12 17.73 -12.12
C GLY C 33 7.53 17.18 -10.81
N PHE C 34 7.68 17.92 -9.70
CA PHE C 34 7.11 17.50 -8.42
C PHE C 34 5.64 17.88 -8.30
N PRO C 35 4.78 17.01 -7.74
CA PRO C 35 3.37 17.34 -7.52
C PRO C 35 3.22 18.29 -6.34
N THR C 36 2.02 18.86 -6.20
CA THR C 36 1.64 19.65 -5.04
C THR C 36 0.47 18.99 -4.34
N ASP C 37 -0.05 19.68 -3.32
CA ASP C 37 -1.25 19.20 -2.67
C ASP C 37 -2.41 19.09 -3.67
N TRP C 38 -2.32 19.83 -4.79
CA TRP C 38 -3.34 19.77 -5.82
C TRP C 38 -3.51 18.32 -6.26
N HIS C 39 -2.40 17.64 -6.58
CA HIS C 39 -2.46 16.29 -7.13
C HIS C 39 -3.09 15.30 -6.13
N LEU C 40 -2.59 15.36 -4.89
CA LEU C 40 -3.05 14.45 -3.82
C LEU C 40 -4.57 14.50 -3.69
N MET C 41 -5.12 15.70 -3.65
CA MET C 41 -6.59 15.87 -3.53
C MET C 41 -7.26 15.47 -4.84
N HIS C 42 -6.74 15.92 -5.96
CA HIS C 42 -7.35 15.64 -7.28
C HIS C 42 -7.43 14.14 -7.54
N LEU C 43 -6.38 13.41 -7.20
CA LEU C 43 -6.37 11.99 -7.52
C LEU C 43 -7.05 11.18 -6.42
N GLY C 44 -6.83 11.59 -5.16
CA GLY C 44 -7.49 10.96 -4.03
C GLY C 44 -9.01 11.00 -4.17
N ALA C 45 -9.54 12.12 -4.68
CA ALA C 45 -10.97 12.32 -4.72
C ALA C 45 -11.66 11.29 -5.63
N ARG C 46 -11.03 10.94 -6.77
CA ARG C 46 -11.65 10.00 -7.69
C ARG C 46 -11.55 8.57 -7.15
N ALA C 47 -10.51 8.30 -6.36
CA ALA C 47 -10.42 7.03 -5.67
C ALA C 47 -11.49 6.97 -4.57
N ALA C 48 -11.66 8.08 -3.83
CA ALA C 48 -12.74 8.16 -2.84
C ALA C 48 -14.08 7.89 -3.50
N GLY C 49 -14.21 8.33 -4.76
CA GLY C 49 -15.46 8.24 -5.51
C GLY C 49 -15.71 6.85 -6.12
N GLY C 50 -14.76 5.92 -5.93
CA GLY C 50 -14.96 4.50 -6.20
C GLY C 50 -14.43 4.01 -7.55
N VAL C 51 -13.55 4.74 -8.24
CA VAL C 51 -13.07 4.18 -9.49
C VAL C 51 -12.04 3.11 -9.17
N GLY C 52 -11.99 2.04 -9.97
CA GLY C 52 -11.13 0.88 -9.76
C GLY C 52 -9.65 1.18 -10.00
N LEU C 53 -9.37 2.05 -10.97
CA LEU C 53 -8.02 2.30 -11.43
C LEU C 53 -7.87 3.81 -11.62
N ILE C 54 -6.82 4.38 -11.00
CA ILE C 54 -6.50 5.78 -11.24
C ILE C 54 -5.23 5.84 -12.08
N ILE C 55 -5.36 6.34 -13.31
CA ILE C 55 -4.18 6.58 -14.11
C ILE C 55 -3.73 8.03 -13.98
N LEU C 56 -2.55 8.22 -13.37
CA LEU C 56 -1.94 9.53 -13.30
C LEU C 56 -1.67 10.06 -14.70
N GLU C 57 -1.70 11.39 -14.82
CA GLU C 57 -1.39 12.14 -16.02
C GLU C 57 -0.10 11.65 -16.70
N ALA C 58 0.10 12.16 -17.93
CA ALA C 58 1.32 12.03 -18.71
C ALA C 58 2.46 12.48 -17.81
N THR C 59 3.33 11.54 -17.46
CA THR C 59 4.47 11.83 -16.61
C THR C 59 5.74 11.70 -17.44
N ALA C 60 6.52 12.78 -17.53
CA ALA C 60 7.63 12.89 -18.45
C ALA C 60 8.82 12.07 -17.97
N VAL C 61 9.36 11.25 -18.88
CA VAL C 61 10.51 10.40 -18.59
C VAL C 61 11.80 11.23 -18.65
N SER C 62 11.74 12.44 -19.22
CA SER C 62 12.87 13.35 -19.21
C SER C 62 12.36 14.78 -19.18
N PRO C 63 13.18 15.77 -18.72
CA PRO C 63 12.79 17.17 -18.75
C PRO C 63 12.35 17.57 -20.16
N GLU C 64 13.15 17.19 -21.17
CA GLU C 64 12.88 17.60 -22.54
C GLU C 64 11.55 17.01 -23.03
N GLY C 65 11.12 15.89 -22.41
CA GLY C 65 9.92 15.15 -22.79
C GLY C 65 8.61 15.72 -22.22
N ARG C 66 8.71 16.70 -21.31
CA ARG C 66 7.57 17.35 -20.71
C ARG C 66 6.81 18.12 -21.78
N ILE C 67 5.48 18.16 -21.65
CA ILE C 67 4.64 18.93 -22.53
C ILE C 67 4.86 20.40 -22.17
N SER C 68 4.77 20.68 -20.87
CA SER C 68 4.84 22.03 -20.37
C SER C 68 5.82 22.06 -19.20
N PRO C 69 6.34 23.24 -18.80
CA PRO C 69 7.27 23.30 -17.68
C PRO C 69 6.56 22.80 -16.43
N PHE C 70 5.24 22.72 -16.49
CA PHE C 70 4.49 22.40 -15.30
C PHE C 70 4.00 20.96 -15.30
N ASP C 71 4.70 20.10 -16.03
CA ASP C 71 4.28 18.71 -16.15
C ASP C 71 4.79 17.90 -14.96
N LEU C 72 4.06 16.83 -14.62
CA LEU C 72 4.57 15.82 -13.71
C LEU C 72 5.82 15.20 -14.32
N GLY C 73 6.71 14.69 -13.46
CA GLY C 73 7.99 14.16 -13.91
C GLY C 73 8.33 12.86 -13.20
N ILE C 74 9.07 11.98 -13.86
CA ILE C 74 9.60 10.84 -13.15
C ILE C 74 11.00 10.54 -13.67
N TRP C 75 11.69 11.59 -14.11
CA TRP C 75 13.03 11.44 -14.67
C TRP C 75 14.09 11.32 -13.57
N SER C 76 13.77 11.68 -12.32
CA SER C 76 14.71 11.71 -11.19
C SER C 76 14.23 10.84 -10.04
N ASP C 77 15.17 10.29 -9.27
CA ASP C 77 14.91 9.52 -8.06
C ASP C 77 14.27 10.38 -6.97
N ASP C 78 14.53 11.69 -7.02
CA ASP C 78 13.86 12.65 -6.16
C ASP C 78 12.34 12.51 -6.26
N HIS C 79 11.82 12.10 -7.44
CA HIS C 79 10.38 12.10 -7.68
C HIS C 79 9.70 10.91 -7.02
N ILE C 80 10.47 9.96 -6.49
CA ILE C 80 9.87 8.75 -5.95
C ILE C 80 9.02 9.09 -4.71
N ALA C 81 9.61 9.82 -3.74
CA ALA C 81 9.00 10.04 -2.43
C ALA C 81 7.56 10.53 -2.59
N ALA C 82 7.38 11.64 -3.30
CA ALA C 82 6.08 12.32 -3.36
C ALA C 82 5.06 11.49 -4.13
N LEU C 83 5.52 10.71 -5.13
CA LEU C 83 4.55 9.98 -5.92
C LEU C 83 4.10 8.74 -5.13
N SER C 84 4.96 8.20 -4.26
CA SER C 84 4.52 7.05 -3.49
C SER C 84 3.48 7.50 -2.46
N ARG C 85 3.57 8.76 -2.07
CA ARG C 85 2.63 9.29 -1.10
C ARG C 85 1.26 9.34 -1.78
N ILE C 86 1.29 9.71 -3.05
CA ILE C 86 0.07 9.74 -3.83
C ILE C 86 -0.48 8.31 -3.97
N VAL C 87 0.41 7.34 -4.12
CA VAL C 87 0.01 5.96 -4.33
C VAL C 87 -0.64 5.40 -3.06
N LYS C 88 -0.01 5.62 -1.89
CA LYS C 88 -0.58 5.15 -0.63
C LYS C 88 -1.98 5.72 -0.41
N LEU C 89 -2.25 6.97 -0.83
CA LEU C 89 -3.57 7.53 -0.60
C LEU C 89 -4.57 6.79 -1.49
N ILE C 90 -4.16 6.62 -2.75
CA ILE C 90 -5.00 5.98 -3.73
C ILE C 90 -5.31 4.55 -3.30
N GLU C 91 -4.29 3.84 -2.82
CA GLU C 91 -4.47 2.44 -2.44
C GLU C 91 -5.32 2.32 -1.17
N SER C 92 -5.18 3.27 -0.25
CA SER C 92 -5.95 3.28 0.98
C SER C 92 -7.44 3.43 0.71
N LEU C 93 -7.81 4.03 -0.43
CA LEU C 93 -9.22 4.21 -0.72
C LEU C 93 -9.79 3.08 -1.57
N GLY C 94 -9.01 1.99 -1.73
CA GLY C 94 -9.45 0.82 -2.48
C GLY C 94 -9.22 0.88 -4.00
N ALA C 95 -8.46 1.85 -4.51
CA ALA C 95 -8.19 1.86 -5.95
C ALA C 95 -6.72 1.53 -6.26
N VAL C 96 -6.46 1.16 -7.52
CA VAL C 96 -5.12 0.84 -7.98
C VAL C 96 -4.51 2.07 -8.63
N ALA C 97 -3.27 2.38 -8.22
CA ALA C 97 -2.52 3.51 -8.73
C ALA C 97 -1.77 3.08 -9.98
N GLY C 98 -2.07 3.76 -11.09
CA GLY C 98 -1.34 3.62 -12.33
C GLY C 98 -0.70 4.95 -12.71
N ILE C 99 0.21 4.91 -13.70
CA ILE C 99 0.89 6.08 -14.19
C ILE C 99 1.22 5.88 -15.67
N GLN C 100 1.05 6.96 -16.45
CA GLN C 100 1.38 6.96 -17.85
C GLN C 100 2.70 7.71 -18.03
N LEU C 101 3.74 7.00 -18.52
CA LEU C 101 5.03 7.55 -18.91
C LEU C 101 4.93 8.21 -20.29
N ALA C 102 5.57 9.38 -20.45
CA ALA C 102 5.33 10.16 -21.65
C ALA C 102 6.59 10.84 -22.18
N HIS C 103 6.60 11.16 -23.48
CA HIS C 103 7.57 12.05 -24.10
C HIS C 103 6.83 12.87 -25.14
N ALA C 104 6.58 14.15 -24.85
CA ALA C 104 5.85 15.02 -25.76
C ALA C 104 6.56 15.07 -27.12
N GLY C 105 7.86 14.79 -27.14
CA GLY C 105 8.65 14.88 -28.36
C GLY C 105 8.54 16.26 -29.01
N ARG C 106 7.93 16.28 -30.21
CA ARG C 106 8.00 17.43 -31.09
C ARG C 106 7.08 18.53 -30.56
N LYS C 107 6.03 18.07 -29.88
CA LYS C 107 5.00 18.93 -29.30
C LYS C 107 5.45 19.43 -27.92
N ALA C 108 6.68 19.08 -27.52
CA ALA C 108 7.18 19.45 -26.21
C ALA C 108 7.37 20.96 -26.14
N SER C 109 7.57 21.46 -24.90
CA SER C 109 7.93 22.83 -24.56
C SER C 109 6.83 23.83 -24.94
N VAL C 110 5.65 23.66 -24.32
CA VAL C 110 4.58 24.63 -24.52
C VAL C 110 3.95 24.98 -23.16
N GLY C 111 3.13 26.03 -23.13
CA GLY C 111 2.54 26.53 -21.90
C GLY C 111 1.22 25.82 -21.60
N ARG C 112 0.55 26.25 -20.52
CA ARG C 112 -0.62 25.55 -20.06
C ARG C 112 -1.74 25.77 -21.06
N PRO C 113 -2.60 24.75 -21.32
CA PRO C 113 -3.78 24.91 -22.17
C PRO C 113 -4.62 26.17 -21.91
N TRP C 114 -4.83 26.51 -20.63
CA TRP C 114 -5.61 27.67 -20.22
C TRP C 114 -4.77 28.94 -20.24
N GLU C 115 -3.53 28.86 -20.71
CA GLU C 115 -2.72 30.05 -20.86
C GLU C 115 -2.37 30.23 -22.33
N GLY C 116 -3.21 29.64 -23.19
CA GLY C 116 -3.06 29.82 -24.63
C GLY C 116 -2.26 28.68 -25.25
N GLY C 117 -1.62 27.89 -24.38
CA GLY C 117 -0.91 26.69 -24.80
C GLY C 117 0.05 26.97 -25.96
N LYS C 118 0.61 28.19 -25.96
CA LYS C 118 1.50 28.61 -27.03
C LYS C 118 2.90 28.12 -26.69
N PRO C 119 3.75 27.79 -27.69
CA PRO C 119 5.10 27.29 -27.44
C PRO C 119 5.90 28.31 -26.64
N ILE C 120 6.84 27.82 -25.83
CA ILE C 120 7.68 28.72 -25.07
C ILE C 120 9.12 28.53 -25.55
N ALA C 121 9.82 29.66 -25.77
CA ALA C 121 11.14 29.66 -26.38
C ALA C 121 12.19 29.30 -25.34
N PRO C 122 13.32 28.66 -25.73
CA PRO C 122 14.47 28.44 -24.82
C PRO C 122 14.97 29.64 -24.03
N ALA C 123 14.94 30.82 -24.64
CA ALA C 123 15.32 32.02 -23.90
C ALA C 123 14.43 32.20 -22.66
N ASN C 124 13.17 31.72 -22.73
CA ASN C 124 12.10 32.05 -21.80
C ASN C 124 11.67 30.86 -20.94
N GLY C 125 12.58 29.91 -20.70
CA GLY C 125 12.27 28.76 -19.87
C GLY C 125 11.90 27.52 -20.67
N GLY C 126 11.79 27.68 -22.00
CA GLY C 126 11.56 26.58 -22.93
C GLY C 126 12.82 25.73 -23.12
N TRP C 127 12.72 24.68 -23.94
CA TRP C 127 13.87 23.84 -24.26
C TRP C 127 13.74 23.36 -25.71
N PRO C 128 14.86 23.15 -26.46
CA PRO C 128 14.79 22.58 -27.81
C PRO C 128 14.11 21.20 -27.78
N VAL C 129 13.24 20.95 -28.77
CA VAL C 129 12.45 19.72 -28.81
C VAL C 129 13.17 18.64 -29.61
N VAL C 130 12.58 17.44 -29.67
CA VAL C 130 13.27 16.32 -30.30
C VAL C 130 12.22 15.50 -31.05
N GLY C 131 12.65 14.58 -31.92
CA GLY C 131 11.71 13.78 -32.67
C GLY C 131 12.27 13.21 -33.98
N PRO C 132 11.42 12.53 -34.79
CA PRO C 132 11.88 11.78 -35.96
C PRO C 132 12.59 12.57 -37.08
N THR C 133 12.05 13.76 -37.42
CA THR C 133 12.61 14.58 -38.49
C THR C 133 12.77 16.01 -37.99
N ALA C 134 13.09 16.91 -38.92
CA ALA C 134 13.35 18.30 -38.57
C ALA C 134 12.08 19.12 -38.79
N GLU C 135 10.98 18.43 -39.08
CA GLU C 135 9.76 19.12 -39.44
C GLU C 135 8.98 19.53 -38.19
N PRO C 136 8.64 20.82 -38.06
CA PRO C 136 7.76 21.28 -36.98
C PRO C 136 6.34 20.73 -37.09
N PHE C 137 5.60 20.81 -35.98
CA PHE C 137 4.22 20.33 -35.86
C PHE C 137 3.26 21.23 -36.67
N ALA C 138 3.45 22.55 -36.56
CA ALA C 138 2.64 23.53 -37.26
C ALA C 138 3.42 24.83 -37.35
N PRO C 139 2.92 25.84 -38.10
CA PRO C 139 3.39 27.22 -37.95
C PRO C 139 3.62 27.58 -36.48
N GLY C 140 4.83 28.05 -36.17
CA GLY C 140 5.11 28.72 -34.92
C GLY C 140 5.89 27.84 -33.94
N TYR C 141 5.91 26.53 -34.20
CA TYR C 141 6.51 25.57 -33.29
C TYR C 141 8.00 25.43 -33.58
N PRO C 142 8.84 25.04 -32.59
CA PRO C 142 10.29 24.90 -32.82
C PRO C 142 10.69 23.86 -33.86
N THR C 143 12.00 23.74 -34.12
CA THR C 143 12.53 22.79 -35.07
C THR C 143 13.12 21.58 -34.35
N PRO C 144 12.42 20.42 -34.34
CA PRO C 144 12.93 19.20 -33.71
C PRO C 144 14.26 18.68 -34.27
N ILE C 145 15.29 18.73 -33.42
CA ILE C 145 16.54 18.06 -33.69
C ILE C 145 16.22 16.59 -33.94
N PRO C 146 16.42 16.06 -35.17
CA PRO C 146 16.20 14.64 -35.44
C PRO C 146 16.95 13.71 -34.48
N LEU C 147 16.38 12.55 -34.18
CA LEU C 147 17.07 11.63 -33.30
C LEU C 147 17.96 10.73 -34.14
N ASP C 148 19.16 10.45 -33.60
CA ASP C 148 20.17 9.61 -34.20
C ASP C 148 20.24 8.30 -33.41
N ALA C 149 21.12 7.38 -33.84
CA ALA C 149 21.50 6.21 -33.07
C ALA C 149 21.42 6.51 -31.57
N ALA C 150 22.11 7.60 -31.18
CA ALA C 150 22.34 8.02 -29.81
C ALA C 150 21.03 8.47 -29.16
N GLY C 151 20.43 9.52 -29.73
CA GLY C 151 19.19 10.08 -29.25
C GLY C 151 18.16 8.99 -28.93
N ILE C 152 18.08 8.01 -29.83
CA ILE C 152 17.06 6.97 -29.75
C ILE C 152 17.25 6.16 -28.47
N ALA C 153 18.47 5.68 -28.24
CA ALA C 153 18.73 4.77 -27.12
C ALA C 153 18.79 5.53 -25.79
N ARG C 154 18.83 6.87 -25.86
CA ARG C 154 18.62 7.69 -24.67
C ARG C 154 17.14 7.75 -24.30
N VAL C 155 16.27 7.91 -25.30
CA VAL C 155 14.84 7.87 -25.05
C VAL C 155 14.45 6.50 -24.48
N VAL C 156 14.99 5.42 -25.07
CA VAL C 156 14.63 4.06 -24.67
C VAL C 156 15.11 3.79 -23.25
N ALA C 157 16.31 4.27 -22.93
CA ALA C 157 16.83 4.11 -21.59
C ALA C 157 15.94 4.85 -20.59
N ASP C 158 15.52 6.07 -20.98
CA ASP C 158 14.79 6.96 -20.10
C ASP C 158 13.47 6.29 -19.67
N PHE C 159 12.71 5.81 -20.66
CA PHE C 159 11.47 5.10 -20.42
C PHE C 159 11.73 3.96 -19.45
N ALA C 160 12.92 3.37 -19.57
CA ALA C 160 13.27 2.20 -18.79
C ALA C 160 13.60 2.61 -17.36
N THR C 161 14.24 3.77 -17.17
CA THR C 161 14.57 4.16 -15.81
C THR C 161 13.28 4.63 -15.11
N ALA C 162 12.56 5.53 -15.78
CA ALA C 162 11.23 5.93 -15.34
C ALA C 162 10.47 4.71 -14.80
N THR C 163 10.52 3.59 -15.55
CA THR C 163 9.79 2.38 -15.22
C THR C 163 10.27 1.81 -13.89
N LYS C 164 11.59 1.86 -13.64
CA LYS C 164 12.15 1.42 -12.37
C LYS C 164 11.60 2.32 -11.26
N ARG C 165 11.54 3.61 -11.57
CA ARG C 165 11.11 4.60 -10.59
C ARG C 165 9.65 4.33 -10.22
N ALA C 166 8.80 4.13 -11.23
CA ALA C 166 7.41 3.83 -11.01
C ALA C 166 7.21 2.60 -10.12
N ARG C 167 8.03 1.53 -10.31
CA ARG C 167 7.92 0.34 -9.47
C ARG C 167 8.21 0.69 -8.02
N ALA C 168 9.24 1.51 -7.84
CA ALA C 168 9.68 1.93 -6.52
C ALA C 168 8.60 2.75 -5.80
N ALA C 169 7.85 3.55 -6.55
CA ALA C 169 6.84 4.40 -5.92
C ALA C 169 5.60 3.58 -5.57
N GLY C 170 5.49 2.37 -6.16
CA GLY C 170 4.40 1.46 -5.82
C GLY C 170 3.23 1.48 -6.82
N PHE C 171 3.42 2.08 -8.00
CA PHE C 171 2.40 1.99 -9.05
C PHE C 171 2.28 0.53 -9.48
N ARG C 172 1.03 0.08 -9.73
CA ARG C 172 0.83 -1.32 -10.07
C ARG C 172 0.19 -1.43 -11.44
N TRP C 173 0.28 -0.34 -12.21
CA TRP C 173 -0.22 -0.27 -13.57
C TRP C 173 0.58 0.77 -14.34
N ILE C 174 1.06 0.43 -15.53
CA ILE C 174 1.85 1.38 -16.28
C ILE C 174 1.35 1.44 -17.71
N GLU C 175 1.26 2.66 -18.22
CA GLU C 175 0.86 2.88 -19.59
C GLU C 175 1.96 3.72 -20.25
N ILE C 176 2.25 3.38 -21.51
CA ILE C 176 3.11 4.16 -22.38
C ILE C 176 2.25 5.03 -23.28
N HIS C 177 2.56 6.32 -23.28
CA HIS C 177 1.80 7.26 -24.08
C HIS C 177 2.35 7.33 -25.50
N ALA C 178 1.76 6.53 -26.40
CA ALA C 178 2.20 6.50 -27.78
C ALA C 178 1.09 7.05 -28.68
N ALA C 179 0.42 8.10 -28.22
CA ALA C 179 -0.67 8.74 -28.93
C ALA C 179 -0.45 10.25 -28.95
N HIS C 180 -1.42 10.97 -29.51
CA HIS C 180 -1.63 12.41 -29.37
C HIS C 180 -0.55 13.30 -29.99
N GLY C 181 0.24 12.78 -30.94
CA GLY C 181 1.19 13.60 -31.67
C GLY C 181 2.59 13.55 -31.05
N TYR C 182 2.70 12.76 -29.98
CA TYR C 182 3.90 12.73 -29.14
C TYR C 182 4.95 11.78 -29.74
N LEU C 183 6.14 11.76 -29.13
CA LEU C 183 7.33 11.16 -29.72
C LEU C 183 6.99 9.85 -30.41
N LEU C 184 6.41 8.89 -29.66
CA LEU C 184 6.24 7.54 -30.18
C LEU C 184 5.27 7.52 -31.37
N HIS C 185 4.14 8.24 -31.23
CA HIS C 185 3.15 8.35 -32.29
C HIS C 185 3.78 9.03 -33.51
N ASN C 186 4.59 10.06 -33.26
CA ASN C 186 5.20 10.85 -34.31
C ASN C 186 6.03 9.93 -35.22
N PHE C 187 6.78 8.99 -34.63
CA PHE C 187 7.55 8.00 -35.35
C PHE C 187 6.63 6.97 -36.02
N LEU C 188 5.48 6.70 -35.41
CA LEU C 188 4.59 5.68 -35.94
C LEU C 188 3.79 6.18 -37.14
N SER C 189 3.60 7.51 -37.28
CA SER C 189 2.67 8.02 -38.28
C SER C 189 3.39 8.55 -39.53
N PRO C 190 2.95 8.13 -40.74
CA PRO C 190 3.44 8.72 -41.97
C PRO C 190 3.26 10.22 -42.08
N LEU C 191 2.26 10.78 -41.38
CA LEU C 191 1.96 12.19 -41.56
C LEU C 191 2.95 13.07 -40.79
N GLY C 192 3.73 13.89 -41.53
CA GLY C 192 4.69 14.81 -40.93
C GLY C 192 6.05 14.19 -40.55
N ASN C 193 6.19 12.86 -40.74
CA ASN C 193 7.42 12.10 -40.48
C ASN C 193 7.89 11.43 -41.77
N ASP C 194 8.87 12.05 -42.45
CA ASP C 194 9.35 11.56 -43.73
C ASP C 194 10.65 10.76 -43.57
N ARG C 195 10.89 10.20 -42.38
CA ARG C 195 12.12 9.48 -42.08
C ARG C 195 12.26 8.29 -43.03
N ASN C 196 13.52 7.94 -43.34
CA ASN C 196 13.85 6.91 -44.32
C ASN C 196 14.92 5.96 -43.78
N ASP C 197 15.15 5.99 -42.45
CA ASP C 197 16.06 5.07 -41.77
C ASP C 197 15.40 3.71 -41.60
N GLU C 198 15.94 2.91 -40.67
CA GLU C 198 15.26 1.71 -40.23
C GLU C 198 14.25 2.08 -39.14
N TYR C 199 14.07 3.38 -38.92
CA TYR C 199 13.12 3.91 -37.96
C TYR C 199 12.00 4.66 -38.67
N GLY C 200 11.87 4.41 -39.97
CA GLY C 200 10.97 5.17 -40.83
C GLY C 200 10.53 4.38 -42.08
N GLY C 201 9.91 5.10 -43.04
CA GLY C 201 9.41 4.57 -44.30
C GLY C 201 8.25 3.59 -44.12
N ASP C 202 8.59 2.30 -44.01
CA ASP C 202 7.70 1.16 -43.85
C ASP C 202 7.10 1.15 -42.44
N LEU C 203 6.03 0.36 -42.24
CA LEU C 203 5.45 0.16 -40.92
C LEU C 203 6.50 -0.49 -40.01
N ARG C 204 7.09 -1.61 -40.46
CA ARG C 204 8.20 -2.30 -39.80
C ARG C 204 9.19 -1.28 -39.21
N GLY C 205 9.40 -0.16 -39.93
CA GLY C 205 10.33 0.87 -39.52
C GLY C 205 9.69 1.84 -38.53
N ARG C 206 8.58 2.44 -38.95
CA ARG C 206 7.86 3.47 -38.22
C ARG C 206 7.49 3.02 -36.80
N VAL C 207 7.48 1.70 -36.56
CA VAL C 207 7.01 1.16 -35.30
C VAL C 207 8.19 0.78 -34.40
N ARG C 208 9.40 0.85 -34.94
N ARG C 208 9.40 0.87 -34.94
CA ARG C 208 10.56 0.31 -34.24
CA ARG C 208 10.61 0.35 -34.31
C ARG C 208 10.73 1.02 -32.89
C ARG C 208 10.81 1.03 -32.94
N LEU C 209 10.64 2.36 -32.87
CA LEU C 209 10.85 3.09 -31.63
C LEU C 209 9.92 2.59 -30.53
N LEU C 210 8.61 2.54 -30.85
CA LEU C 210 7.63 2.14 -29.87
C LEU C 210 7.93 0.72 -29.39
N SER C 211 8.40 -0.14 -30.31
CA SER C 211 8.63 -1.53 -29.95
C SER C 211 9.84 -1.66 -29.02
N GLU C 212 10.87 -0.86 -29.25
CA GLU C 212 12.01 -0.92 -28.38
C GLU C 212 11.62 -0.35 -27.02
N VAL C 213 10.94 0.79 -27.02
CA VAL C 213 10.50 1.41 -25.77
C VAL C 213 9.67 0.37 -25.00
N THR C 214 8.80 -0.32 -25.74
CA THR C 214 7.94 -1.33 -25.15
C THR C 214 8.78 -2.43 -24.51
N ALA C 215 9.82 -2.88 -25.22
CA ALA C 215 10.65 -3.97 -24.76
C ALA C 215 11.34 -3.54 -23.47
N ALA C 216 11.90 -2.33 -23.51
CA ALA C 216 12.67 -1.78 -22.40
C ALA C 216 11.80 -1.79 -21.14
N VAL C 217 10.59 -1.21 -21.27
CA VAL C 217 9.62 -1.02 -20.20
C VAL C 217 9.27 -2.37 -19.60
N ARG C 218 8.94 -3.34 -20.48
CA ARG C 218 8.51 -4.67 -20.13
C ARG C 218 9.56 -5.38 -19.28
N ALA C 219 10.82 -5.18 -19.66
CA ALA C 219 11.94 -5.80 -18.97
C ALA C 219 12.04 -5.30 -17.52
N GLU C 220 11.80 -4.00 -17.32
CA GLU C 220 11.90 -3.38 -16.00
C GLU C 220 10.61 -3.60 -15.20
N TRP C 221 9.48 -3.74 -15.90
CA TRP C 221 8.17 -3.83 -15.26
C TRP C 221 7.94 -5.28 -14.85
N PRO C 222 7.79 -5.59 -13.53
CA PRO C 222 7.59 -6.97 -13.09
C PRO C 222 6.42 -7.60 -13.85
N SER C 223 6.52 -8.90 -14.11
CA SER C 223 5.65 -9.58 -15.07
C SER C 223 4.22 -9.80 -14.55
N ASP C 224 4.02 -9.72 -13.21
CA ASP C 224 2.76 -9.90 -12.52
C ASP C 224 1.96 -8.59 -12.49
N LEU C 225 2.56 -7.48 -12.96
CA LEU C 225 1.87 -6.19 -13.01
C LEU C 225 1.45 -5.91 -14.46
N PRO C 226 0.21 -5.42 -14.71
CA PRO C 226 -0.22 -5.10 -16.06
C PRO C 226 0.54 -3.94 -16.70
N LEU C 227 0.71 -4.05 -18.03
CA LEU C 227 1.29 -3.04 -18.90
C LEU C 227 0.30 -2.70 -20.01
N ALA C 228 0.06 -1.41 -20.22
CA ALA C 228 -0.83 -0.96 -21.27
C ALA C 228 -0.05 0.02 -22.14
N VAL C 229 -0.55 0.19 -23.36
CA VAL C 229 -0.05 1.20 -24.27
C VAL C 229 -1.26 1.94 -24.82
N ARG C 230 -1.24 3.27 -24.71
CA ARG C 230 -2.25 4.09 -25.39
C ARG C 230 -1.75 4.45 -26.78
N LEU C 231 -2.59 4.24 -27.80
CA LEU C 231 -2.24 4.54 -29.20
C LEU C 231 -3.23 5.54 -29.76
N SER C 232 -2.79 6.37 -30.72
CA SER C 232 -3.80 6.97 -31.59
C SER C 232 -4.13 5.96 -32.67
N CYS C 233 -5.39 5.51 -32.68
CA CYS C 233 -5.78 4.38 -33.51
C CYS C 233 -5.99 4.83 -34.95
N SER C 234 -6.46 6.07 -35.14
CA SER C 234 -6.58 6.63 -36.48
C SER C 234 -6.05 8.07 -36.50
N ASP C 235 -5.44 8.44 -37.64
CA ASP C 235 -5.04 9.82 -37.90
C ASP C 235 -6.20 10.59 -38.55
N TRP C 236 -7.36 9.93 -38.71
CA TRP C 236 -8.58 10.57 -39.28
C TRP C 236 -8.32 11.16 -40.67
N THR C 237 -7.24 10.72 -41.31
CA THR C 237 -6.90 11.20 -42.66
C THR C 237 -6.62 9.99 -43.53
N PRO C 238 -6.91 10.05 -44.83
CA PRO C 238 -6.58 8.97 -45.75
C PRO C 238 -5.16 8.41 -45.68
N GLU C 239 -4.15 9.26 -45.77
CA GLU C 239 -2.76 8.76 -45.89
C GLU C 239 -2.15 8.40 -44.53
N GLY C 240 -2.84 8.66 -43.43
CA GLY C 240 -2.28 8.42 -42.09
C GLY C 240 -2.53 7.03 -41.56
N LEU C 241 -2.35 6.84 -40.26
CA LEU C 241 -2.57 5.55 -39.63
C LEU C 241 -4.07 5.24 -39.64
N THR C 242 -4.38 3.95 -39.67
CA THR C 242 -5.75 3.49 -39.73
C THR C 242 -5.91 2.37 -38.73
N ILE C 243 -7.15 2.01 -38.45
CA ILE C 243 -7.44 0.90 -37.55
C ILE C 243 -6.74 -0.38 -38.01
N ALA C 244 -6.61 -0.55 -39.35
CA ALA C 244 -5.89 -1.67 -39.93
C ALA C 244 -4.47 -1.74 -39.39
N ASP C 245 -3.74 -0.60 -39.43
CA ASP C 245 -2.37 -0.52 -38.95
C ASP C 245 -2.32 -0.76 -37.43
N THR C 246 -3.20 -0.08 -36.71
CA THR C 246 -3.23 -0.18 -35.26
C THR C 246 -3.42 -1.64 -34.83
N VAL C 247 -4.25 -2.36 -35.59
CA VAL C 247 -4.54 -3.75 -35.31
C VAL C 247 -3.24 -4.54 -35.40
N GLU C 248 -2.43 -4.21 -36.41
CA GLU C 248 -1.14 -4.87 -36.59
C GLU C 248 -0.14 -4.51 -35.50
N VAL C 249 -0.11 -3.22 -35.12
CA VAL C 249 0.74 -2.77 -34.03
C VAL C 249 0.35 -3.48 -32.73
N ALA C 250 -0.95 -3.53 -32.47
CA ALA C 250 -1.42 -4.15 -31.25
C ALA C 250 -0.94 -5.60 -31.16
N ARG C 251 -1.09 -6.33 -32.27
N ARG C 251 -1.09 -6.35 -32.25
CA ARG C 251 -0.77 -7.75 -32.33
CA ARG C 251 -0.76 -7.77 -32.25
C ARG C 251 0.70 -7.95 -31.97
C ARG C 251 0.72 -7.95 -31.95
N MET C 252 1.53 -6.97 -32.36
CA MET C 252 2.95 -7.00 -32.08
C MET C 252 3.20 -6.71 -30.60
N LEU C 253 2.50 -5.72 -30.04
CA LEU C 253 2.64 -5.37 -28.60
C LEU C 253 2.14 -6.51 -27.72
N ARG C 254 1.12 -7.25 -28.16
CA ARG C 254 0.65 -8.43 -27.39
C ARG C 254 1.80 -9.41 -27.23
N GLU C 255 2.59 -9.58 -28.28
CA GLU C 255 3.71 -10.54 -28.26
C GLU C 255 4.91 -9.96 -27.50
N GLN C 256 4.96 -8.63 -27.34
CA GLN C 256 6.03 -8.01 -26.52
C GLN C 256 5.65 -8.07 -25.04
N GLY C 257 4.46 -8.59 -24.71
CA GLY C 257 4.02 -8.76 -23.34
C GLY C 257 3.04 -7.68 -22.85
N VAL C 258 2.68 -6.69 -23.69
CA VAL C 258 1.71 -5.66 -23.34
C VAL C 258 0.35 -6.30 -23.08
N ASP C 259 -0.34 -5.87 -22.00
CA ASP C 259 -1.54 -6.52 -21.47
C ASP C 259 -2.83 -5.85 -21.94
N LEU C 260 -2.76 -4.59 -22.41
CA LEU C 260 -3.95 -3.87 -22.83
C LEU C 260 -3.59 -2.70 -23.75
N ILE C 261 -4.44 -2.44 -24.76
CA ILE C 261 -4.32 -1.23 -25.56
C ILE C 261 -5.44 -0.28 -25.16
N ASP C 262 -5.01 0.94 -24.88
CA ASP C 262 -5.91 2.02 -24.51
C ASP C 262 -6.15 2.82 -25.79
N CYS C 263 -7.39 2.80 -26.26
CA CYS C 263 -7.63 3.15 -27.64
C CYS C 263 -8.13 4.57 -27.77
N SER C 264 -7.18 5.48 -28.02
CA SER C 264 -7.40 6.88 -28.27
C SER C 264 -7.22 7.17 -29.76
N SER C 265 -7.27 8.45 -30.17
CA SER C 265 -7.05 8.88 -31.55
C SER C 265 -6.74 10.37 -31.64
N GLY C 266 -6.05 10.77 -32.71
CA GLY C 266 -5.85 12.17 -33.05
C GLY C 266 -4.46 12.67 -32.69
N GLY C 267 -4.18 13.93 -33.03
CA GLY C 267 -3.10 14.70 -32.42
C GLY C 267 -1.81 14.74 -33.24
N ILE C 268 -1.79 14.08 -34.41
CA ILE C 268 -0.58 13.99 -35.21
C ILE C 268 -0.22 15.36 -35.80
N ALA C 269 -1.23 16.09 -36.25
CA ALA C 269 -1.04 17.40 -36.86
C ALA C 269 -2.35 18.17 -36.66
N PRO C 270 -2.36 19.53 -36.68
CA PRO C 270 -3.60 20.26 -36.57
C PRO C 270 -4.34 20.33 -37.91
N GLY C 271 -5.62 20.68 -37.85
CA GLY C 271 -6.41 20.84 -39.09
C GLY C 271 -7.03 19.54 -39.55
N ILE C 272 -6.98 18.50 -38.72
CA ILE C 272 -7.68 17.25 -39.12
C ILE C 272 -9.04 17.24 -38.41
N THR C 273 -10.10 17.24 -39.21
CA THR C 273 -11.46 17.27 -38.65
C THR C 273 -11.74 15.92 -38.01
N ILE C 274 -11.98 15.93 -36.69
CA ILE C 274 -12.20 14.66 -35.96
C ILE C 274 -13.70 14.48 -35.67
N PRO C 275 -14.43 13.45 -36.19
CA PRO C 275 -15.86 13.30 -35.90
C PRO C 275 -16.13 12.92 -34.44
N VAL C 276 -16.08 13.90 -33.54
CA VAL C 276 -16.22 13.57 -32.12
C VAL C 276 -17.70 13.39 -31.84
N GLY C 277 -17.99 12.55 -30.84
CA GLY C 277 -19.34 12.20 -30.42
C GLY C 277 -19.28 11.05 -29.43
N GLU C 278 -20.43 10.74 -28.83
CA GLU C 278 -20.48 9.77 -27.75
C GLU C 278 -19.95 8.43 -28.23
N GLY C 279 -18.93 7.91 -27.53
CA GLY C 279 -18.32 6.62 -27.83
C GLY C 279 -17.66 6.55 -29.21
N TYR C 280 -17.06 7.65 -29.68
CA TYR C 280 -16.61 7.71 -31.05
C TYR C 280 -15.33 6.89 -31.24
N GLN C 281 -14.62 6.58 -30.16
CA GLN C 281 -13.40 5.78 -30.27
C GLN C 281 -13.68 4.32 -29.89
N VAL C 282 -14.88 4.03 -29.42
CA VAL C 282 -15.26 2.68 -28.99
C VAL C 282 -15.13 1.64 -30.11
N PRO C 283 -15.50 1.89 -31.40
CA PRO C 283 -15.30 0.91 -32.45
C PRO C 283 -13.83 0.54 -32.62
N PHE C 284 -12.94 1.48 -32.30
CA PHE C 284 -11.51 1.19 -32.31
C PHE C 284 -11.18 0.20 -31.21
N ALA C 285 -11.77 0.39 -30.02
CA ALA C 285 -11.49 -0.49 -28.92
C ALA C 285 -12.00 -1.89 -29.26
N ALA C 286 -13.15 -1.95 -29.96
CA ALA C 286 -13.82 -3.19 -30.36
C ALA C 286 -12.94 -3.99 -31.30
N GLN C 287 -12.42 -3.30 -32.32
CA GLN C 287 -11.71 -3.92 -33.44
C GLN C 287 -10.36 -4.42 -32.95
N VAL C 288 -9.74 -3.67 -32.04
CA VAL C 288 -8.43 -4.06 -31.57
C VAL C 288 -8.61 -5.28 -30.69
N ARG C 289 -9.73 -5.35 -29.97
CA ARG C 289 -9.97 -6.48 -29.08
C ARG C 289 -10.31 -7.72 -29.92
N ARG C 290 -11.02 -7.49 -31.05
CA ARG C 290 -11.52 -8.56 -31.90
C ARG C 290 -10.34 -9.21 -32.62
N GLU C 291 -9.50 -8.38 -33.24
CA GLU C 291 -8.58 -8.85 -34.26
C GLU C 291 -7.18 -9.07 -33.71
N ALA C 292 -6.83 -8.38 -32.61
CA ALA C 292 -5.50 -8.51 -32.02
C ALA C 292 -5.53 -9.36 -30.75
N ASN C 293 -6.72 -9.86 -30.40
N ASN C 293 -6.71 -9.85 -30.39
CA ASN C 293 -6.91 -10.78 -29.29
CA ASN C 293 -6.88 -10.79 -29.28
C ASN C 293 -6.22 -10.24 -28.03
C ASN C 293 -6.19 -10.24 -28.03
N ILE C 294 -6.44 -8.95 -27.74
CA ILE C 294 -5.81 -8.28 -26.61
C ILE C 294 -6.84 -7.42 -25.88
N ALA C 295 -6.75 -7.39 -24.53
CA ALA C 295 -7.63 -6.60 -23.70
C ALA C 295 -7.55 -5.15 -24.15
N THR C 296 -8.64 -4.39 -24.00
CA THR C 296 -8.68 -2.99 -24.42
C THR C 296 -9.38 -2.12 -23.37
N ALA C 297 -9.06 -0.80 -23.43
CA ALA C 297 -9.80 0.26 -22.78
C ALA C 297 -10.45 1.15 -23.83
N ALA C 298 -11.68 1.57 -23.53
CA ALA C 298 -12.41 2.52 -24.35
C ALA C 298 -12.38 3.89 -23.69
N VAL C 299 -12.36 4.94 -24.50
CA VAL C 299 -12.31 6.27 -23.94
C VAL C 299 -12.77 7.25 -25.01
N GLY C 300 -13.57 8.22 -24.58
CA GLY C 300 -14.02 9.27 -25.48
C GLY C 300 -15.50 9.57 -25.29
N LEU C 301 -15.75 10.71 -24.63
CA LEU C 301 -17.10 11.22 -24.44
C LEU C 301 -18.06 10.09 -24.07
N ILE C 302 -17.62 9.26 -23.12
CA ILE C 302 -18.51 8.34 -22.42
C ILE C 302 -18.91 9.02 -21.11
N THR C 303 -20.21 9.17 -20.88
CA THR C 303 -20.65 9.87 -19.67
C THR C 303 -21.76 9.09 -18.99
N ARG C 304 -22.45 8.23 -19.74
CA ARG C 304 -23.66 7.56 -19.27
C ARG C 304 -23.35 6.23 -18.60
N PRO C 305 -23.88 5.96 -17.41
CA PRO C 305 -23.65 4.67 -16.75
C PRO C 305 -24.03 3.44 -17.55
N GLU C 306 -25.07 3.53 -18.40
CA GLU C 306 -25.56 2.34 -19.11
C GLU C 306 -24.69 2.09 -20.33
N HIS C 307 -24.17 3.18 -20.90
CA HIS C 307 -23.33 3.06 -22.07
C HIS C 307 -21.98 2.43 -21.71
N ALA C 308 -21.36 2.96 -20.63
CA ALA C 308 -20.15 2.37 -20.08
C ALA C 308 -20.36 0.88 -19.85
N ASP C 309 -21.48 0.54 -19.20
CA ASP C 309 -21.89 -0.82 -18.92
C ASP C 309 -22.09 -1.63 -20.21
N ALA C 310 -22.77 -1.03 -21.20
CA ALA C 310 -23.04 -1.73 -22.44
C ALA C 310 -21.72 -2.06 -23.15
N ILE C 311 -20.74 -1.16 -23.03
CA ILE C 311 -19.45 -1.35 -23.66
C ILE C 311 -18.79 -2.63 -23.11
N VAL C 312 -18.81 -2.82 -21.79
CA VAL C 312 -18.24 -3.99 -21.16
C VAL C 312 -19.08 -5.22 -21.50
N ARG C 313 -20.42 -5.13 -21.39
CA ARG C 313 -21.28 -6.30 -21.59
C ARG C 313 -21.11 -6.83 -23.01
N ASN C 314 -20.92 -5.92 -23.96
CA ASN C 314 -20.86 -6.29 -25.37
C ASN C 314 -19.48 -6.86 -25.76
N GLY C 315 -18.49 -6.69 -24.87
CA GLY C 315 -17.11 -7.05 -25.19
C GLY C 315 -16.44 -6.05 -26.14
N ASP C 316 -16.96 -4.82 -26.22
CA ASP C 316 -16.30 -3.76 -26.98
C ASP C 316 -14.94 -3.43 -26.32
N ALA C 317 -14.86 -3.47 -24.98
CA ALA C 317 -13.67 -3.16 -24.22
C ALA C 317 -13.69 -3.88 -22.87
N ASP C 318 -12.53 -4.02 -22.26
CA ASP C 318 -12.47 -4.61 -20.93
C ASP C 318 -12.58 -3.52 -19.87
N LEU C 319 -12.18 -2.31 -20.23
CA LEU C 319 -12.07 -1.20 -19.30
C LEU C 319 -12.62 0.05 -19.96
N VAL C 320 -13.33 0.86 -19.16
CA VAL C 320 -13.88 2.14 -19.62
C VAL C 320 -13.16 3.27 -18.88
N LEU C 321 -12.53 4.17 -19.64
CA LEU C 321 -11.80 5.29 -19.05
C LEU C 321 -12.63 6.55 -19.18
N LEU C 322 -12.80 7.25 -18.06
CA LEU C 322 -13.52 8.50 -18.06
C LEU C 322 -12.53 9.60 -17.77
N GLY C 323 -12.54 10.58 -18.67
CA GLY C 323 -11.79 11.82 -18.50
C GLY C 323 -12.67 12.88 -17.84
N ARG C 324 -13.26 13.72 -18.69
CA ARG C 324 -13.97 14.93 -18.28
C ARG C 324 -15.12 14.60 -17.34
N GLU C 325 -15.72 13.42 -17.48
CA GLU C 325 -16.84 13.12 -16.60
C GLU C 325 -16.36 13.15 -15.15
N LEU C 326 -15.10 12.78 -14.90
CA LEU C 326 -14.58 12.63 -13.55
C LEU C 326 -14.04 13.94 -13.00
N LEU C 327 -13.65 14.86 -13.91
CA LEU C 327 -13.36 16.23 -13.54
C LEU C 327 -14.63 16.89 -13.01
N ARG C 328 -15.73 16.73 -13.75
CA ARG C 328 -17.05 17.21 -13.37
C ARG C 328 -17.59 16.45 -12.15
N ASP C 329 -17.39 15.13 -12.10
CA ASP C 329 -18.04 14.31 -11.08
C ASP C 329 -17.12 13.21 -10.57
N PRO C 330 -16.32 13.50 -9.52
CA PRO C 330 -15.39 12.51 -9.01
C PRO C 330 -16.14 11.31 -8.44
N HIS C 331 -17.45 11.47 -8.20
CA HIS C 331 -18.19 10.40 -7.53
C HIS C 331 -19.02 9.58 -8.51
N TRP C 332 -18.73 9.70 -9.80
CA TRP C 332 -19.49 9.03 -10.85
C TRP C 332 -19.72 7.54 -10.59
N PRO C 333 -18.71 6.73 -10.18
CA PRO C 333 -18.92 5.30 -10.01
C PRO C 333 -20.03 5.00 -8.99
N LEU C 334 -20.15 5.86 -7.97
CA LEU C 334 -21.17 5.69 -6.94
C LEU C 334 -22.55 5.89 -7.55
N ARG C 335 -22.70 6.92 -8.37
CA ARG C 335 -23.98 7.19 -9.02
C ARG C 335 -24.28 6.11 -10.06
N ALA C 336 -23.25 5.59 -10.73
CA ALA C 336 -23.41 4.66 -11.82
C ALA C 336 -23.81 3.30 -11.26
N ALA C 337 -23.27 2.96 -10.08
CA ALA C 337 -23.64 1.73 -9.39
C ALA C 337 -25.12 1.78 -9.02
N ARG C 338 -25.58 2.95 -8.54
CA ARG C 338 -26.93 3.06 -8.04
C ARG C 338 -27.91 2.92 -9.19
N ALA C 339 -27.58 3.55 -10.33
CA ALA C 339 -28.44 3.56 -11.51
C ALA C 339 -28.54 2.17 -12.15
N LEU C 340 -27.51 1.34 -12.03
CA LEU C 340 -27.48 0.03 -12.68
C LEU C 340 -27.85 -1.06 -11.68
N GLY C 341 -27.92 -0.70 -10.40
CA GLY C 341 -28.31 -1.64 -9.36
C GLY C 341 -27.16 -2.56 -8.92
N HIS C 342 -25.97 -1.97 -8.73
CA HIS C 342 -24.86 -2.67 -8.10
C HIS C 342 -24.54 -1.98 -6.78
N ASP C 343 -24.11 -2.78 -5.81
CA ASP C 343 -23.62 -2.30 -4.53
C ASP C 343 -22.21 -1.71 -4.67
N LEU C 344 -22.07 -0.44 -4.29
CA LEU C 344 -20.75 0.12 -4.11
C LEU C 344 -20.85 1.17 -3.00
N ALA C 345 -20.30 0.82 -1.84
CA ALA C 345 -20.35 1.72 -0.70
C ALA C 345 -19.34 2.84 -0.89
N PRO C 346 -19.66 4.06 -0.38
CA PRO C 346 -18.71 5.17 -0.39
C PRO C 346 -17.73 4.91 0.76
N PRO C 347 -16.70 5.76 0.90
CA PRO C 347 -15.79 5.65 2.04
C PRO C 347 -16.63 5.63 3.31
N PRO C 348 -16.21 4.91 4.38
CA PRO C 348 -16.96 4.93 5.65
C PRO C 348 -17.25 6.32 6.23
N GLN C 349 -16.32 7.27 6.02
CA GLN C 349 -16.51 8.66 6.41
C GLN C 349 -17.80 9.22 5.83
N TYR C 350 -18.33 8.61 4.75
CA TYR C 350 -19.42 9.24 4.01
C TYR C 350 -20.73 8.44 4.05
N LEU C 351 -20.78 7.36 4.83
CA LEU C 351 -21.90 6.43 4.78
C LEU C 351 -23.21 7.12 5.12
N ARG C 352 -23.15 8.12 6.01
CA ARG C 352 -24.34 8.86 6.45
C ARG C 352 -24.98 9.66 5.34
N ALA C 353 -24.32 9.77 4.19
CA ALA C 353 -24.81 10.64 3.12
C ALA C 353 -25.45 9.80 2.02
N TRP C 354 -25.36 8.48 2.16
CA TRP C 354 -25.89 7.57 1.14
C TRP C 354 -26.97 6.61 1.71
N MET D 1 20.34 -9.85 -36.39
CA MET D 1 19.39 -9.40 -35.31
C MET D 1 20.04 -9.51 -33.93
N GLN D 2 21.38 -9.73 -33.91
CA GLN D 2 22.12 -10.07 -32.70
C GLN D 2 23.22 -9.06 -32.38
N PRO D 3 23.61 -8.94 -31.09
CA PRO D 3 24.82 -8.21 -30.73
C PRO D 3 26.12 -9.00 -30.91
N HIS D 4 27.21 -8.26 -31.11
CA HIS D 4 28.59 -8.74 -31.18
C HIS D 4 29.44 -8.04 -30.11
N LEU D 5 30.73 -8.36 -30.09
CA LEU D 5 31.62 -7.80 -29.08
C LEU D 5 31.68 -6.26 -29.16
N PHE D 6 31.40 -5.65 -30.33
CA PHE D 6 31.54 -4.21 -30.47
C PHE D 6 30.21 -3.45 -30.56
N THR D 7 29.13 -4.15 -30.18
CA THR D 7 27.82 -3.57 -30.00
C THR D 7 27.82 -2.78 -28.69
N PRO D 8 27.42 -1.50 -28.71
CA PRO D 8 27.21 -0.75 -27.47
C PRO D 8 26.25 -1.46 -26.49
N LEU D 9 26.44 -1.25 -25.19
CA LEU D 9 25.55 -1.80 -24.17
C LEU D 9 25.04 -0.66 -23.29
N THR D 10 23.72 -0.50 -23.23
CA THR D 10 23.09 0.55 -22.45
C THR D 10 22.36 -0.05 -21.23
N ILE D 11 22.73 0.42 -20.03
CA ILE D 11 21.94 0.14 -18.84
C ILE D 11 21.67 1.47 -18.14
N GLY D 12 20.39 1.86 -18.06
CA GLY D 12 20.08 3.19 -17.55
C GLY D 12 20.73 4.28 -18.41
N SER D 13 21.39 5.25 -17.78
CA SER D 13 21.93 6.36 -18.57
C SER D 13 23.37 6.07 -19.00
N VAL D 14 23.84 4.84 -18.77
CA VAL D 14 25.22 4.51 -19.10
C VAL D 14 25.27 3.72 -20.39
N THR D 15 26.16 4.15 -21.28
CA THR D 15 26.43 3.43 -22.51
C THR D 15 27.90 3.01 -22.55
N LEU D 16 28.13 1.70 -22.49
CA LEU D 16 29.44 1.15 -22.81
C LEU D 16 29.61 1.15 -24.33
N ARG D 17 30.80 1.54 -24.81
CA ARG D 17 31.03 1.66 -26.25
C ARG D 17 31.13 0.27 -26.91
N ASN D 18 31.38 -0.77 -26.11
CA ASN D 18 31.52 -2.13 -26.59
C ASN D 18 31.39 -3.09 -25.41
N ARG D 19 31.47 -4.39 -25.70
CA ARG D 19 31.22 -5.39 -24.68
C ARG D 19 32.52 -5.80 -23.98
N ILE D 20 33.57 -4.97 -24.07
CA ILE D 20 34.80 -5.38 -23.42
C ILE D 20 35.01 -4.58 -22.12
N GLY D 21 35.19 -5.33 -21.04
CA GLY D 21 35.48 -4.77 -19.74
C GLY D 21 36.85 -5.22 -19.22
N MET D 22 37.47 -4.34 -18.41
CA MET D 22 38.64 -4.73 -17.66
C MET D 22 38.15 -5.28 -16.33
N SER D 23 38.51 -6.54 -16.04
CA SER D 23 38.10 -7.21 -14.82
C SER D 23 38.74 -6.51 -13.63
N PRO D 24 38.09 -6.37 -12.45
CA PRO D 24 38.75 -5.77 -11.29
C PRO D 24 40.03 -6.55 -10.98
N MET D 25 41.17 -5.84 -10.86
CA MET D 25 42.48 -6.41 -10.57
C MET D 25 43.28 -5.57 -9.58
N CYS D 26 43.41 -6.07 -8.34
CA CYS D 26 44.22 -5.42 -7.30
C CYS D 26 45.64 -5.16 -7.77
N GLN D 27 46.14 -3.98 -7.39
CA GLN D 27 47.47 -3.58 -7.75
C GLN D 27 48.36 -3.56 -6.51
N TYR D 28 47.77 -3.69 -5.32
CA TYR D 28 48.51 -3.59 -4.06
C TYR D 28 49.51 -2.43 -4.14
N SER D 29 49.02 -1.23 -4.47
CA SER D 29 49.97 -0.13 -4.61
C SER D 29 49.45 1.16 -3.97
N ALA D 30 48.49 1.03 -3.05
CA ALA D 30 48.01 2.19 -2.30
C ALA D 30 48.85 2.46 -1.05
N VAL D 31 48.94 3.75 -0.63
CA VAL D 31 49.56 4.20 0.62
C VAL D 31 48.64 3.82 1.78
N ASP D 32 47.54 4.55 1.93
CA ASP D 32 46.53 4.20 2.91
C ASP D 32 45.19 4.36 2.22
N GLY D 33 44.91 3.41 1.31
CA GLY D 33 43.70 3.45 0.50
C GLY D 33 43.79 4.47 -0.62
N PHE D 34 44.86 5.27 -0.59
CA PHE D 34 45.09 6.29 -1.60
C PHE D 34 45.82 5.67 -2.77
N PRO D 35 45.39 5.95 -4.02
CA PRO D 35 46.14 5.51 -5.20
C PRO D 35 47.38 6.36 -5.43
N THR D 36 48.24 5.92 -6.35
CA THR D 36 49.47 6.58 -6.75
C THR D 36 49.39 6.91 -8.24
N ASP D 37 50.47 7.50 -8.77
CA ASP D 37 50.55 7.70 -10.20
C ASP D 37 50.46 6.35 -10.92
N TRP D 38 50.86 5.27 -10.23
CA TRP D 38 50.72 3.95 -10.81
C TRP D 38 49.31 3.82 -11.37
N HIS D 39 48.29 4.11 -10.54
CA HIS D 39 46.92 3.77 -10.92
C HIS D 39 46.49 4.58 -12.16
N LEU D 40 46.97 5.80 -12.29
CA LEU D 40 46.57 6.67 -13.38
C LEU D 40 47.06 6.10 -14.70
N MET D 41 48.37 5.81 -14.76
CA MET D 41 48.97 5.14 -15.90
C MET D 41 48.25 3.84 -16.20
N HIS D 42 48.13 2.97 -15.18
CA HIS D 42 47.66 1.62 -15.34
C HIS D 42 46.24 1.63 -15.86
N LEU D 43 45.40 2.48 -15.25
CA LEU D 43 44.00 2.44 -15.59
C LEU D 43 43.76 3.18 -16.89
N GLY D 44 44.47 4.30 -17.05
CA GLY D 44 44.34 5.10 -18.26
C GLY D 44 44.69 4.31 -19.53
N ALA D 45 45.74 3.47 -19.41
CA ALA D 45 46.25 2.78 -20.59
C ALA D 45 45.22 1.79 -21.16
N ARG D 46 44.29 1.28 -20.32
CA ARG D 46 43.32 0.34 -20.87
C ARG D 46 42.17 1.11 -21.52
N ALA D 47 42.04 2.38 -21.09
CA ALA D 47 40.97 3.23 -21.61
C ALA D 47 41.36 3.75 -22.99
N ALA D 48 42.61 4.24 -23.10
CA ALA D 48 43.24 4.52 -24.38
C ALA D 48 43.15 3.28 -25.26
N GLY D 49 43.23 2.10 -24.64
CA GLY D 49 43.23 0.86 -25.38
C GLY D 49 41.86 0.42 -25.92
N GLY D 50 40.76 1.05 -25.43
CA GLY D 50 39.47 0.91 -26.07
C GLY D 50 38.46 0.02 -25.34
N VAL D 51 38.77 -0.39 -24.09
CA VAL D 51 37.76 -1.09 -23.31
C VAL D 51 36.53 -0.20 -23.13
N GLY D 52 35.33 -0.82 -23.16
CA GLY D 52 34.12 -0.06 -22.86
C GLY D 52 33.95 0.29 -21.37
N LEU D 53 34.39 -0.63 -20.50
CA LEU D 53 34.18 -0.48 -19.07
C LEU D 53 35.49 -0.82 -18.36
N ILE D 54 35.91 0.07 -17.48
CA ILE D 54 37.03 -0.26 -16.61
C ILE D 54 36.49 -0.44 -15.20
N ILE D 55 36.62 -1.65 -14.65
CA ILE D 55 36.32 -1.80 -13.23
C ILE D 55 37.61 -1.71 -12.41
N LEU D 56 37.68 -0.71 -11.52
CA LEU D 56 38.81 -0.64 -10.61
C LEU D 56 38.83 -1.87 -9.71
N GLU D 57 40.02 -2.12 -9.14
CA GLU D 57 40.34 -3.24 -8.26
C GLU D 57 39.42 -3.26 -7.05
N ALA D 58 39.38 -4.39 -6.34
CA ALA D 58 38.72 -4.44 -5.05
C ALA D 58 39.11 -3.22 -4.23
N THR D 59 38.11 -2.42 -3.87
CA THR D 59 38.28 -1.26 -3.02
C THR D 59 37.61 -1.58 -1.69
N ALA D 60 38.38 -1.38 -0.61
CA ALA D 60 37.89 -1.79 0.69
C ALA D 60 36.96 -0.72 1.26
N VAL D 61 35.87 -1.20 1.85
CA VAL D 61 34.84 -0.33 2.38
C VAL D 61 35.24 0.13 3.79
N SER D 62 36.12 -0.64 4.45
CA SER D 62 36.75 -0.28 5.72
C SER D 62 38.24 -0.64 5.72
N PRO D 63 39.08 0.00 6.58
CA PRO D 63 40.42 -0.53 6.89
C PRO D 63 40.58 -2.04 7.08
N GLU D 64 39.72 -2.67 7.90
CA GLU D 64 39.91 -4.08 8.25
C GLU D 64 39.29 -5.02 7.22
N GLY D 65 38.77 -4.46 6.13
CA GLY D 65 38.30 -5.22 4.98
C GLY D 65 39.33 -5.25 3.84
N ARG D 66 40.35 -4.38 3.87
CA ARG D 66 41.47 -4.47 2.95
C ARG D 66 41.97 -5.92 2.88
N ILE D 67 42.37 -6.36 1.66
CA ILE D 67 43.07 -7.63 1.54
C ILE D 67 44.46 -7.45 2.14
N SER D 68 45.09 -6.31 1.84
CA SER D 68 46.45 -6.03 2.22
C SER D 68 46.60 -4.56 2.61
N PRO D 69 47.69 -4.18 3.32
CA PRO D 69 47.89 -2.80 3.78
C PRO D 69 47.96 -1.80 2.63
N PHE D 70 48.07 -2.35 1.43
CA PHE D 70 48.29 -1.53 0.21
C PHE D 70 47.09 -1.66 -0.72
N ASP D 71 46.00 -2.20 -0.21
CA ASP D 71 44.78 -2.33 -1.02
C ASP D 71 44.14 -0.96 -1.20
N LEU D 72 43.39 -0.75 -2.29
CA LEU D 72 42.70 0.53 -2.51
C LEU D 72 41.59 0.71 -1.48
N GLY D 73 41.24 1.95 -1.17
CA GLY D 73 40.27 2.19 -0.07
C GLY D 73 39.24 3.25 -0.37
N ILE D 74 38.01 3.06 0.13
CA ILE D 74 36.91 4.06 -0.02
C ILE D 74 36.19 4.15 1.34
N TRP D 75 36.95 4.07 2.43
CA TRP D 75 36.30 4.14 3.78
C TRP D 75 36.17 5.59 4.26
N SER D 76 36.91 6.52 3.65
CA SER D 76 36.90 7.93 4.08
C SER D 76 36.67 8.88 2.91
N ASP D 77 36.12 10.05 3.22
CA ASP D 77 35.78 11.04 2.17
C ASP D 77 37.04 11.72 1.62
N ASP D 78 38.19 11.40 2.19
CA ASP D 78 39.49 11.93 1.71
C ASP D 78 39.93 11.14 0.48
N HIS D 79 39.36 9.95 0.29
CA HIS D 79 39.74 9.08 -0.84
C HIS D 79 38.99 9.50 -2.11
N ILE D 80 38.17 10.54 -2.05
CA ILE D 80 37.27 10.89 -3.15
C ILE D 80 38.01 11.73 -4.19
N ALA D 81 38.83 12.67 -3.71
CA ALA D 81 39.53 13.61 -4.59
C ALA D 81 40.50 12.88 -5.54
N ALA D 82 40.94 11.68 -5.13
CA ALA D 82 41.99 10.94 -5.82
C ALA D 82 41.37 10.04 -6.87
N LEU D 83 40.28 9.37 -6.46
CA LEU D 83 39.55 8.48 -7.34
C LEU D 83 38.87 9.26 -8.46
N SER D 84 38.43 10.48 -8.17
CA SER D 84 37.72 11.22 -9.20
C SER D 84 38.69 11.69 -10.29
N ARG D 85 39.97 11.83 -9.96
CA ARG D 85 40.94 12.18 -10.97
C ARG D 85 41.15 10.99 -11.91
N ILE D 86 41.12 9.79 -11.34
CA ILE D 86 41.19 8.55 -12.09
C ILE D 86 39.95 8.41 -12.97
N VAL D 87 38.77 8.72 -12.41
CA VAL D 87 37.53 8.67 -13.17
C VAL D 87 37.62 9.61 -14.37
N LYS D 88 38.19 10.82 -14.20
CA LYS D 88 38.10 11.79 -15.28
C LYS D 88 38.97 11.31 -16.44
N LEU D 89 40.11 10.68 -16.10
CA LEU D 89 41.05 10.19 -17.09
C LEU D 89 40.41 9.08 -17.93
N ILE D 90 39.91 8.06 -17.23
CA ILE D 90 39.13 6.97 -17.82
C ILE D 90 38.08 7.56 -18.76
N GLU D 91 37.24 8.46 -18.24
CA GLU D 91 36.11 8.95 -18.99
C GLU D 91 36.58 9.80 -20.16
N SER D 92 37.65 10.56 -19.97
CA SER D 92 38.18 11.36 -21.05
C SER D 92 38.60 10.46 -22.21
N LEU D 93 38.83 9.16 -21.96
CA LEU D 93 39.30 8.32 -23.04
C LEU D 93 38.18 7.46 -23.64
N GLY D 94 36.92 7.68 -23.23
CA GLY D 94 35.79 6.97 -23.82
C GLY D 94 35.37 5.71 -23.06
N ALA D 95 36.04 5.42 -21.94
CA ALA D 95 35.61 4.25 -21.18
C ALA D 95 34.64 4.67 -20.08
N VAL D 96 33.86 3.72 -19.55
CA VAL D 96 33.04 4.00 -18.38
C VAL D 96 33.84 3.59 -17.15
N ALA D 97 33.71 4.35 -16.05
CA ALA D 97 34.44 4.06 -14.82
C ALA D 97 33.57 3.31 -13.81
N GLY D 98 34.03 2.11 -13.44
CA GLY D 98 33.39 1.29 -12.43
C GLY D 98 34.32 1.08 -11.25
N ILE D 99 33.76 0.63 -10.12
CA ILE D 99 34.58 0.36 -8.95
C ILE D 99 34.06 -0.91 -8.29
N GLN D 100 34.98 -1.74 -7.82
CA GLN D 100 34.55 -2.88 -7.03
C GLN D 100 34.67 -2.53 -5.54
N LEU D 101 33.53 -2.56 -4.83
CA LEU D 101 33.45 -2.38 -3.39
C LEU D 101 33.59 -3.75 -2.73
N ALA D 102 34.54 -3.87 -1.79
CA ALA D 102 34.89 -5.17 -1.25
C ALA D 102 35.21 -5.09 0.23
N HIS D 103 34.98 -6.24 0.89
CA HIS D 103 35.42 -6.51 2.25
C HIS D 103 36.06 -7.90 2.26
N ALA D 104 37.34 -7.96 2.58
CA ALA D 104 38.12 -9.19 2.44
C ALA D 104 37.75 -10.29 3.46
N GLY D 105 37.05 -9.96 4.55
CA GLY D 105 36.67 -10.98 5.54
C GLY D 105 37.87 -11.67 6.20
N ARG D 106 37.78 -13.01 6.37
CA ARG D 106 38.80 -13.78 7.07
C ARG D 106 40.14 -13.83 6.32
N LYS D 107 40.16 -13.38 5.07
CA LYS D 107 41.40 -13.40 4.32
C LYS D 107 42.01 -12.00 4.27
N ALA D 108 41.69 -11.13 5.24
CA ALA D 108 42.31 -9.80 5.25
C ALA D 108 43.69 -9.90 5.88
N SER D 109 44.47 -8.81 5.76
CA SER D 109 45.79 -8.71 6.34
C SER D 109 46.67 -9.91 5.95
N VAL D 110 46.85 -10.04 4.63
CA VAL D 110 47.94 -10.76 3.98
C VAL D 110 48.78 -9.74 3.21
N GLY D 111 49.99 -10.15 2.77
CA GLY D 111 50.94 -9.27 2.11
C GLY D 111 50.73 -9.26 0.60
N ARG D 112 51.49 -8.42 -0.12
CA ARG D 112 51.36 -8.31 -1.56
C ARG D 112 51.61 -9.69 -2.16
N PRO D 113 50.79 -10.16 -3.13
CA PRO D 113 50.99 -11.47 -3.77
C PRO D 113 52.44 -11.72 -4.18
N TRP D 114 53.20 -10.66 -4.42
CA TRP D 114 54.57 -10.86 -4.89
C TRP D 114 55.57 -10.77 -3.74
N GLU D 115 55.06 -11.01 -2.52
CA GLU D 115 55.84 -11.21 -1.30
C GLU D 115 55.22 -12.38 -0.52
N GLY D 116 54.83 -13.42 -1.26
CA GLY D 116 54.39 -14.70 -0.70
C GLY D 116 52.92 -14.72 -0.31
N GLY D 117 52.26 -13.55 -0.34
CA GLY D 117 50.88 -13.44 0.11
C GLY D 117 50.73 -13.89 1.56
N LYS D 118 51.71 -13.50 2.38
CA LYS D 118 51.94 -14.10 3.69
C LYS D 118 51.04 -13.47 4.74
N PRO D 119 50.05 -14.20 5.31
CA PRO D 119 49.21 -13.67 6.38
C PRO D 119 50.03 -12.85 7.37
N ILE D 120 49.71 -11.55 7.46
CA ILE D 120 50.39 -10.69 8.40
C ILE D 120 49.72 -10.88 9.76
N ALA D 121 50.54 -10.93 10.83
CA ALA D 121 50.09 -10.92 12.21
C ALA D 121 50.14 -9.49 12.75
N PRO D 122 49.27 -9.12 13.73
CA PRO D 122 48.88 -7.73 13.95
C PRO D 122 50.00 -6.77 14.37
N ALA D 123 51.08 -7.34 14.91
CA ALA D 123 52.07 -6.63 15.69
C ALA D 123 53.28 -6.23 14.82
N ASN D 124 53.06 -5.98 13.53
CA ASN D 124 54.10 -5.48 12.62
C ASN D 124 53.50 -4.72 11.43
N GLY D 125 52.30 -4.18 11.63
CA GLY D 125 51.43 -3.79 10.53
C GLY D 125 50.48 -4.95 10.21
N GLY D 126 49.20 -4.77 10.51
CA GLY D 126 48.22 -5.84 10.51
C GLY D 126 46.96 -5.43 11.26
N TRP D 127 46.06 -6.40 11.50
CA TRP D 127 44.77 -6.19 12.14
C TRP D 127 44.02 -7.51 12.32
N PRO D 128 43.16 -7.65 13.37
CA PRO D 128 42.29 -8.82 13.45
C PRO D 128 41.34 -8.78 12.26
N VAL D 129 40.83 -9.97 11.93
CA VAL D 129 39.97 -10.16 10.78
C VAL D 129 38.65 -10.69 11.30
N VAL D 130 37.63 -10.57 10.44
CA VAL D 130 36.28 -10.89 10.81
C VAL D 130 35.72 -11.90 9.81
N GLY D 131 34.73 -12.67 10.26
CA GLY D 131 34.09 -13.68 9.44
C GLY D 131 32.77 -14.10 10.07
N PRO D 132 32.05 -15.09 9.51
CA PRO D 132 30.82 -15.59 10.13
C PRO D 132 31.15 -16.41 11.37
N THR D 133 32.16 -17.29 11.26
CA THR D 133 32.57 -18.14 12.37
C THR D 133 34.02 -17.84 12.74
N ALA D 134 34.64 -18.75 13.50
CA ALA D 134 35.95 -18.49 14.07
C ALA D 134 37.01 -19.36 13.40
N GLU D 135 36.55 -20.36 12.63
CA GLU D 135 37.40 -21.29 11.89
C GLU D 135 38.09 -20.50 10.77
N PRO D 136 39.44 -20.31 10.83
CA PRO D 136 40.14 -19.41 9.91
C PRO D 136 40.37 -20.05 8.54
N PHE D 137 41.08 -19.34 7.67
CA PHE D 137 41.17 -19.73 6.26
C PHE D 137 41.85 -21.09 6.14
N ALA D 138 43.06 -21.18 6.68
CA ALA D 138 43.80 -22.42 6.80
C ALA D 138 44.91 -22.19 7.81
N PRO D 139 45.53 -23.26 8.37
CA PRO D 139 46.70 -23.10 9.23
C PRO D 139 47.60 -21.96 8.76
N GLY D 140 47.94 -21.07 9.69
CA GLY D 140 48.75 -19.89 9.41
C GLY D 140 47.95 -18.59 9.51
N TYR D 141 46.62 -18.68 9.32
CA TYR D 141 45.78 -17.51 9.07
C TYR D 141 45.10 -17.03 10.36
N PRO D 142 45.24 -15.73 10.72
CA PRO D 142 44.67 -15.19 11.97
C PRO D 142 43.28 -15.70 12.33
N THR D 143 42.98 -15.77 13.64
CA THR D 143 41.67 -16.22 14.09
C THR D 143 40.64 -15.13 13.78
N PRO D 144 39.53 -15.48 13.10
CA PRO D 144 38.47 -14.53 12.75
C PRO D 144 37.50 -14.25 13.89
N ILE D 145 37.40 -12.96 14.22
CA ILE D 145 36.37 -12.38 15.08
C ILE D 145 34.99 -12.70 14.49
N PRO D 146 34.11 -13.45 15.19
CA PRO D 146 32.81 -13.81 14.63
C PRO D 146 31.79 -12.69 14.80
N LEU D 147 31.38 -12.09 13.67
CA LEU D 147 30.49 -10.93 13.59
C LEU D 147 29.18 -11.15 14.34
N ASP D 148 28.74 -10.15 15.10
CA ASP D 148 27.40 -10.12 15.68
C ASP D 148 26.60 -9.14 14.84
N ALA D 149 25.64 -8.44 15.47
CA ALA D 149 24.84 -7.49 14.72
C ALA D 149 25.56 -6.14 14.55
N ALA D 150 26.30 -5.70 15.57
CA ALA D 150 26.93 -4.37 15.55
C ALA D 150 28.12 -4.34 14.59
N GLY D 151 28.54 -5.55 14.19
CA GLY D 151 29.57 -5.74 13.19
C GLY D 151 28.96 -5.83 11.80
N ILE D 152 27.84 -6.57 11.70
CA ILE D 152 27.08 -6.76 10.48
C ILE D 152 26.62 -5.40 9.96
N ALA D 153 26.01 -4.62 10.86
CA ALA D 153 25.41 -3.34 10.51
C ALA D 153 26.49 -2.30 10.17
N ARG D 154 27.72 -2.54 10.62
CA ARG D 154 28.82 -1.64 10.34
C ARG D 154 29.34 -1.91 8.92
N VAL D 155 29.30 -3.18 8.54
CA VAL D 155 29.71 -3.65 7.23
C VAL D 155 28.70 -3.13 6.19
N VAL D 156 27.39 -3.34 6.47
CA VAL D 156 26.29 -2.83 5.67
C VAL D 156 26.46 -1.33 5.47
N ALA D 157 26.77 -0.62 6.56
CA ALA D 157 26.83 0.83 6.56
C ALA D 157 28.05 1.29 5.78
N ASP D 158 29.14 0.51 5.86
CA ASP D 158 30.35 0.92 5.16
C ASP D 158 30.13 0.74 3.67
N PHE D 159 29.44 -0.36 3.32
CA PHE D 159 29.06 -0.64 1.94
C PHE D 159 28.18 0.49 1.43
N ALA D 160 27.28 0.98 2.30
CA ALA D 160 26.36 2.04 1.96
C ALA D 160 27.08 3.39 1.85
N THR D 161 28.03 3.64 2.76
CA THR D 161 28.79 4.87 2.80
C THR D 161 29.77 4.91 1.62
N ALA D 162 30.35 3.74 1.32
CA ALA D 162 31.29 3.66 0.21
C ALA D 162 30.57 3.96 -1.10
N THR D 163 29.36 3.43 -1.25
CA THR D 163 28.53 3.69 -2.43
C THR D 163 28.39 5.19 -2.68
N LYS D 164 28.05 5.94 -1.61
CA LYS D 164 27.90 7.40 -1.62
C LYS D 164 29.21 8.04 -2.06
N ARG D 165 30.31 7.61 -1.47
CA ARG D 165 31.59 8.18 -1.85
C ARG D 165 31.86 7.89 -3.32
N ALA D 166 31.56 6.66 -3.75
CA ALA D 166 31.79 6.29 -5.14
C ALA D 166 31.01 7.24 -6.05
N ARG D 167 29.73 7.43 -5.73
CA ARG D 167 28.86 8.36 -6.45
C ARG D 167 29.52 9.74 -6.53
N ALA D 168 29.99 10.24 -5.38
CA ALA D 168 30.68 11.52 -5.34
C ALA D 168 31.91 11.56 -6.25
N ALA D 169 32.67 10.45 -6.37
CA ALA D 169 33.88 10.41 -7.19
C ALA D 169 33.56 10.50 -8.69
N GLY D 170 32.33 10.09 -9.04
CA GLY D 170 31.82 10.16 -10.39
C GLY D 170 31.87 8.81 -11.13
N PHE D 171 31.92 7.70 -10.37
CA PHE D 171 31.76 6.37 -10.95
C PHE D 171 30.34 6.19 -11.47
N ARG D 172 30.24 5.50 -12.60
CA ARG D 172 28.96 5.35 -13.25
C ARG D 172 28.62 3.86 -13.36
N TRP D 173 29.37 3.05 -12.63
CA TRP D 173 29.17 1.61 -12.54
C TRP D 173 29.79 1.14 -11.23
N ILE D 174 29.13 0.21 -10.54
CA ILE D 174 29.59 -0.24 -9.25
C ILE D 174 29.34 -1.73 -9.13
N GLU D 175 30.37 -2.46 -8.69
CA GLU D 175 30.21 -3.88 -8.48
C GLU D 175 30.47 -4.18 -7.00
N ILE D 176 29.62 -5.04 -6.42
CA ILE D 176 29.75 -5.60 -5.09
C ILE D 176 30.55 -6.90 -5.16
N HIS D 177 31.68 -6.93 -4.46
CA HIS D 177 32.56 -8.09 -4.46
C HIS D 177 32.06 -9.15 -3.46
N ALA D 178 31.38 -10.17 -3.97
CA ALA D 178 30.76 -11.23 -3.17
C ALA D 178 31.35 -12.56 -3.55
N ALA D 179 32.65 -12.57 -3.81
CA ALA D 179 33.29 -13.75 -4.37
C ALA D 179 34.65 -13.94 -3.68
N HIS D 180 35.32 -15.05 -4.05
CA HIS D 180 36.74 -15.32 -3.79
C HIS D 180 37.02 -15.60 -2.31
N GLY D 181 35.98 -15.98 -1.56
CA GLY D 181 36.10 -16.25 -0.13
C GLY D 181 36.37 -14.99 0.69
N TYR D 182 35.71 -13.90 0.31
CA TYR D 182 35.75 -12.67 1.08
C TYR D 182 34.45 -12.59 1.87
N LEU D 183 34.25 -11.51 2.62
CA LEU D 183 33.23 -11.56 3.65
C LEU D 183 31.91 -12.14 3.12
N LEU D 184 31.40 -11.59 2.02
CA LEU D 184 30.06 -11.95 1.58
C LEU D 184 30.05 -13.38 1.03
N HIS D 185 31.14 -13.78 0.33
CA HIS D 185 31.22 -15.17 -0.13
C HIS D 185 31.29 -16.13 1.05
N ASN D 186 32.08 -15.77 2.07
CA ASN D 186 32.32 -16.63 3.24
C ASN D 186 31.00 -16.91 3.98
N PHE D 187 30.11 -15.91 4.03
CA PHE D 187 28.78 -16.05 4.61
C PHE D 187 27.87 -16.94 3.75
N LEU D 188 28.05 -16.87 2.42
CA LEU D 188 27.14 -17.52 1.48
C LEU D 188 27.41 -19.03 1.44
N SER D 189 28.69 -19.40 1.33
CA SER D 189 29.07 -20.78 1.15
C SER D 189 28.96 -21.59 2.45
N PRO D 190 28.40 -22.83 2.41
CA PRO D 190 28.35 -23.69 3.61
C PRO D 190 29.70 -24.18 4.14
N LEU D 191 30.72 -24.26 3.27
CA LEU D 191 32.08 -24.54 3.71
C LEU D 191 32.57 -23.40 4.61
N GLY D 192 32.68 -23.69 5.91
CA GLY D 192 33.11 -22.68 6.88
C GLY D 192 31.98 -21.77 7.37
N ASN D 193 30.74 -22.28 7.26
CA ASN D 193 29.55 -21.68 7.83
C ASN D 193 28.68 -22.78 8.44
N ASP D 194 29.14 -23.30 9.59
CA ASP D 194 28.40 -24.18 10.47
C ASP D 194 27.64 -23.31 11.48
N ARG D 195 27.55 -22.01 11.16
CA ARG D 195 26.81 -21.02 11.93
C ARG D 195 25.32 -21.32 11.78
N ASN D 196 24.65 -21.57 12.92
CA ASN D 196 23.28 -22.08 12.95
C ASN D 196 22.28 -20.97 13.31
N ASP D 197 22.78 -19.90 13.95
CA ASP D 197 22.08 -18.63 14.07
C ASP D 197 21.68 -18.13 12.68
N GLU D 198 20.49 -17.53 12.53
CA GLU D 198 20.06 -16.93 11.27
C GLU D 198 21.15 -15.96 10.78
N TYR D 199 21.30 -15.84 9.45
CA TYR D 199 22.50 -15.36 8.77
C TYR D 199 23.35 -16.55 8.34
N GLY D 200 22.83 -17.76 8.62
CA GLY D 200 23.48 -19.03 8.33
C GLY D 200 22.46 -20.15 8.20
N GLY D 201 22.94 -21.39 8.20
CA GLY D 201 22.08 -22.56 8.04
C GLY D 201 21.49 -22.66 6.63
N ASP D 202 20.27 -22.13 6.46
CA ASP D 202 19.53 -22.09 5.22
C ASP D 202 20.31 -21.41 4.11
N LEU D 203 19.94 -21.72 2.85
CA LEU D 203 20.30 -20.85 1.75
C LEU D 203 19.73 -19.47 2.03
N ARG D 204 18.41 -19.44 2.27
CA ARG D 204 17.68 -18.24 2.63
C ARG D 204 18.40 -17.51 3.77
N GLY D 205 18.95 -18.30 4.70
CA GLY D 205 19.70 -17.80 5.84
C GLY D 205 21.09 -17.28 5.47
N ARG D 206 21.80 -18.03 4.62
CA ARG D 206 23.19 -17.74 4.27
C ARG D 206 23.34 -16.57 3.29
N VAL D 207 22.28 -16.26 2.54
CA VAL D 207 22.31 -15.16 1.58
C VAL D 207 22.04 -13.83 2.27
N ARG D 208 21.50 -13.86 3.51
CA ARG D 208 21.06 -12.69 4.25
C ARG D 208 22.07 -11.53 4.15
N LEU D 209 23.35 -11.79 4.43
CA LEU D 209 24.28 -10.67 4.50
C LEU D 209 24.44 -10.01 3.12
N LEU D 210 24.55 -10.84 2.09
CA LEU D 210 24.73 -10.31 0.75
C LEU D 210 23.53 -9.42 0.42
N SER D 211 22.35 -9.92 0.75
CA SER D 211 21.07 -9.32 0.51
C SER D 211 21.02 -7.93 1.14
N GLU D 212 21.43 -7.86 2.41
CA GLU D 212 21.40 -6.62 3.19
C GLU D 212 22.46 -5.63 2.71
N VAL D 213 23.53 -6.13 2.08
CA VAL D 213 24.56 -5.24 1.59
C VAL D 213 24.08 -4.63 0.28
N THR D 214 23.52 -5.48 -0.59
CA THR D 214 23.00 -5.10 -1.88
C THR D 214 21.94 -4.02 -1.69
N ALA D 215 21.01 -4.26 -0.73
CA ALA D 215 19.92 -3.33 -0.49
C ALA D 215 20.47 -1.95 -0.10
N ALA D 216 21.38 -1.92 0.90
CA ALA D 216 22.04 -0.69 1.32
C ALA D 216 22.74 -0.04 0.13
N VAL D 217 23.41 -0.83 -0.72
CA VAL D 217 24.15 -0.27 -1.85
C VAL D 217 23.18 0.27 -2.89
N ARG D 218 22.12 -0.51 -3.17
CA ARG D 218 21.10 -0.16 -4.14
C ARG D 218 20.43 1.17 -3.81
N ALA D 219 20.18 1.41 -2.52
CA ALA D 219 19.40 2.55 -2.07
C ALA D 219 20.23 3.82 -2.20
N GLU D 220 21.55 3.64 -2.14
CA GLU D 220 22.49 4.74 -2.21
C GLU D 220 22.92 4.96 -3.66
N TRP D 221 22.47 4.09 -4.57
CA TRP D 221 22.95 4.10 -5.95
C TRP D 221 21.81 4.49 -6.90
N PRO D 222 21.91 5.62 -7.63
CA PRO D 222 20.86 6.07 -8.55
C PRO D 222 20.33 4.97 -9.47
N SER D 223 19.01 4.97 -9.68
CA SER D 223 18.40 3.94 -10.51
C SER D 223 18.90 4.08 -11.94
N ASP D 224 19.44 5.26 -12.19
CA ASP D 224 20.08 5.75 -13.40
C ASP D 224 21.33 4.92 -13.73
N LEU D 225 21.96 4.30 -12.73
CA LEU D 225 23.30 3.75 -12.87
C LEU D 225 23.28 2.25 -12.63
N PRO D 226 24.09 1.49 -13.41
CA PRO D 226 24.18 0.04 -13.28
C PRO D 226 24.88 -0.47 -12.02
N LEU D 227 24.33 -1.59 -11.51
CA LEU D 227 24.78 -2.22 -10.29
C LEU D 227 25.03 -3.70 -10.57
N ALA D 228 26.24 -4.19 -10.24
CA ALA D 228 26.58 -5.58 -10.48
C ALA D 228 27.00 -6.25 -9.18
N VAL D 229 26.83 -7.57 -9.14
CA VAL D 229 27.37 -8.42 -8.09
C VAL D 229 28.22 -9.50 -8.75
N ARG D 230 29.48 -9.59 -8.30
CA ARG D 230 30.38 -10.68 -8.65
C ARG D 230 30.23 -11.78 -7.60
N LEU D 231 29.96 -12.98 -8.07
CA LEU D 231 29.71 -14.13 -7.20
C LEU D 231 30.73 -15.20 -7.53
N SER D 232 30.90 -16.14 -6.60
CA SER D 232 31.58 -17.39 -6.89
C SER D 232 30.46 -18.38 -7.17
N CYS D 233 30.30 -18.72 -8.45
CA CYS D 233 29.14 -19.44 -8.94
C CYS D 233 29.24 -20.91 -8.53
N SER D 234 30.46 -21.37 -8.24
CA SER D 234 30.68 -22.71 -7.73
C SER D 234 31.85 -22.72 -6.74
N ASP D 235 31.82 -23.66 -5.78
CA ASP D 235 32.99 -23.88 -4.96
C ASP D 235 33.70 -25.14 -5.45
N TRP D 236 33.12 -25.75 -6.48
CA TRP D 236 33.76 -26.83 -7.23
C TRP D 236 33.66 -28.17 -6.50
N THR D 237 33.35 -28.15 -5.20
CA THR D 237 33.14 -29.41 -4.48
C THR D 237 31.68 -29.51 -4.04
N PRO D 238 31.06 -30.72 -4.10
CA PRO D 238 29.76 -30.95 -3.47
C PRO D 238 29.89 -30.68 -1.98
N GLU D 239 28.78 -30.28 -1.34
CA GLU D 239 28.82 -29.65 -0.02
C GLU D 239 29.59 -28.33 -0.14
N GLY D 240 29.00 -27.42 -0.91
CA GLY D 240 29.54 -26.12 -1.26
C GLY D 240 28.58 -25.46 -2.25
N LEU D 241 28.92 -24.26 -2.73
CA LEU D 241 27.99 -23.62 -3.65
C LEU D 241 28.03 -24.29 -5.03
N THR D 242 26.83 -24.57 -5.58
CA THR D 242 26.66 -25.10 -6.91
C THR D 242 26.08 -24.01 -7.80
N ILE D 243 26.16 -24.22 -9.12
CA ILE D 243 25.59 -23.24 -10.02
C ILE D 243 24.11 -23.03 -9.69
N ALA D 244 23.38 -24.12 -9.35
CA ALA D 244 21.95 -23.98 -9.13
C ALA D 244 21.71 -23.15 -7.88
N ASP D 245 22.66 -23.20 -6.95
CA ASP D 245 22.66 -22.32 -5.80
C ASP D 245 22.77 -20.88 -6.30
N THR D 246 23.74 -20.64 -7.17
CA THR D 246 24.00 -19.30 -7.64
C THR D 246 22.78 -18.76 -8.36
N VAL D 247 22.14 -19.62 -9.16
CA VAL D 247 20.95 -19.22 -9.90
C VAL D 247 19.90 -18.69 -8.93
N GLU D 248 19.69 -19.39 -7.82
CA GLU D 248 18.71 -18.97 -6.83
C GLU D 248 19.13 -17.63 -6.24
N VAL D 249 20.45 -17.46 -6.04
CA VAL D 249 20.97 -16.22 -5.51
C VAL D 249 20.80 -15.08 -6.51
N ALA D 250 21.07 -15.35 -7.80
CA ALA D 250 21.04 -14.35 -8.86
C ALA D 250 19.64 -13.78 -9.01
N ARG D 251 18.65 -14.68 -8.89
CA ARG D 251 17.24 -14.31 -9.04
C ARG D 251 16.85 -13.34 -7.94
N MET D 252 17.34 -13.58 -6.73
CA MET D 252 17.02 -12.73 -5.60
C MET D 252 17.67 -11.36 -5.79
N LEU D 253 18.89 -11.37 -6.34
CA LEU D 253 19.63 -10.15 -6.60
C LEU D 253 18.92 -9.33 -7.67
N ARG D 254 18.25 -10.01 -8.60
CA ARG D 254 17.55 -9.34 -9.67
C ARG D 254 16.41 -8.50 -9.10
N GLU D 255 15.68 -9.09 -8.14
CA GLU D 255 14.53 -8.47 -7.51
C GLU D 255 14.95 -7.17 -6.81
N GLN D 256 16.07 -7.25 -6.10
CA GLN D 256 16.63 -6.13 -5.37
C GLN D 256 17.23 -5.10 -6.32
N GLY D 257 17.12 -5.31 -7.64
CA GLY D 257 17.48 -4.30 -8.63
C GLY D 257 18.95 -4.31 -9.05
N VAL D 258 19.57 -5.48 -8.98
CA VAL D 258 20.87 -5.71 -9.58
C VAL D 258 20.66 -5.90 -11.09
N ASP D 259 21.61 -5.40 -11.89
CA ASP D 259 21.48 -5.38 -13.35
C ASP D 259 22.25 -6.51 -14.03
N LEU D 260 23.33 -6.95 -13.39
CA LEU D 260 24.31 -7.84 -13.99
C LEU D 260 24.94 -8.71 -12.91
N ILE D 261 25.12 -9.99 -13.21
CA ILE D 261 25.95 -10.81 -12.36
C ILE D 261 27.26 -11.03 -13.09
N ASP D 262 28.36 -10.86 -12.35
CA ASP D 262 29.72 -11.09 -12.82
C ASP D 262 30.13 -12.47 -12.34
N CYS D 263 30.26 -13.43 -13.26
CA CYS D 263 30.29 -14.85 -12.93
C CYS D 263 31.71 -15.40 -12.82
N SER D 264 32.22 -15.42 -11.58
CA SER D 264 33.51 -16.00 -11.23
C SER D 264 33.23 -17.26 -10.40
N SER D 265 34.23 -17.78 -9.68
CA SER D 265 34.12 -19.05 -8.96
C SER D 265 35.31 -19.19 -8.02
N GLY D 266 35.25 -20.20 -7.15
CA GLY D 266 36.37 -20.62 -6.29
C GLY D 266 36.73 -19.57 -5.25
N GLY D 267 37.71 -19.87 -4.39
CA GLY D 267 38.29 -18.90 -3.48
C GLY D 267 37.95 -19.12 -2.00
N ILE D 268 37.07 -20.08 -1.68
CA ILE D 268 36.55 -20.26 -0.34
C ILE D 268 37.60 -20.81 0.65
N ALA D 269 38.15 -22.00 0.37
CA ALA D 269 39.24 -22.56 1.17
C ALA D 269 40.32 -23.04 0.20
N PRO D 270 41.65 -22.93 0.50
CA PRO D 270 42.66 -23.32 -0.48
C PRO D 270 42.59 -24.83 -0.63
N GLY D 271 43.27 -25.35 -1.66
CA GLY D 271 43.35 -26.79 -1.90
C GLY D 271 42.00 -27.43 -2.27
N ILE D 272 41.17 -26.70 -3.02
CA ILE D 272 40.21 -27.30 -3.93
C ILE D 272 40.81 -27.09 -5.32
N THR D 273 40.84 -28.16 -6.12
CA THR D 273 41.47 -28.08 -7.42
C THR D 273 40.41 -27.67 -8.43
N ILE D 274 40.71 -26.55 -9.12
CA ILE D 274 39.72 -25.94 -9.98
C ILE D 274 40.09 -26.31 -11.43
N PRO D 275 39.17 -26.88 -12.24
CA PRO D 275 39.48 -27.22 -13.64
C PRO D 275 39.63 -25.97 -14.53
N VAL D 276 40.65 -25.16 -14.23
CA VAL D 276 40.92 -23.95 -15.00
C VAL D 276 41.23 -24.32 -16.45
N GLY D 277 40.70 -23.50 -17.38
CA GLY D 277 40.97 -23.57 -18.80
C GLY D 277 40.19 -22.51 -19.56
N GLU D 278 40.47 -22.37 -20.85
CA GLU D 278 39.85 -21.34 -21.66
C GLU D 278 38.34 -21.29 -21.42
N GLY D 279 37.86 -20.16 -20.91
CA GLY D 279 36.42 -19.96 -20.80
C GLY D 279 35.75 -20.92 -19.83
N TYR D 280 36.50 -21.44 -18.84
CA TYR D 280 35.97 -22.40 -17.90
C TYR D 280 34.76 -21.85 -17.13
N GLN D 281 34.61 -20.52 -17.06
CA GLN D 281 33.57 -19.94 -16.23
C GLN D 281 32.37 -19.49 -17.07
N VAL D 282 32.52 -19.54 -18.40
CA VAL D 282 31.49 -19.08 -19.34
C VAL D 282 30.18 -19.85 -19.16
N PRO D 283 30.14 -21.21 -18.97
CA PRO D 283 28.88 -21.91 -18.71
C PRO D 283 28.10 -21.37 -17.52
N PHE D 284 28.82 -20.95 -16.48
CA PHE D 284 28.20 -20.34 -15.33
C PHE D 284 27.46 -19.07 -15.72
N ALA D 285 28.15 -18.20 -16.51
CA ALA D 285 27.49 -17.00 -16.99
C ALA D 285 26.31 -17.34 -17.90
N ALA D 286 26.43 -18.38 -18.74
CA ALA D 286 25.34 -18.73 -19.65
C ALA D 286 24.14 -19.25 -18.86
N GLN D 287 24.43 -20.00 -17.80
CA GLN D 287 23.36 -20.57 -17.02
C GLN D 287 22.63 -19.49 -16.23
N VAL D 288 23.40 -18.55 -15.65
CA VAL D 288 22.79 -17.50 -14.83
C VAL D 288 21.88 -16.66 -15.70
N ARG D 289 22.33 -16.43 -16.93
CA ARG D 289 21.65 -15.53 -17.86
C ARG D 289 20.28 -16.11 -18.22
N ARG D 290 20.29 -17.35 -18.72
CA ARG D 290 19.13 -18.08 -19.21
C ARG D 290 18.13 -18.34 -18.07
N GLU D 291 18.60 -18.63 -16.85
CA GLU D 291 17.69 -19.08 -15.80
C GLU D 291 17.20 -17.94 -14.89
N ALA D 292 18.06 -16.95 -14.63
CA ALA D 292 17.67 -15.90 -13.71
C ALA D 292 17.17 -14.68 -14.49
N ASN D 293 17.30 -14.70 -15.82
CA ASN D 293 16.87 -13.60 -16.68
C ASN D 293 17.63 -12.29 -16.35
N ILE D 294 18.86 -12.42 -15.87
CA ILE D 294 19.67 -11.27 -15.55
C ILE D 294 20.87 -11.21 -16.49
N ALA D 295 21.31 -10.00 -16.82
CA ALA D 295 22.50 -9.84 -17.66
C ALA D 295 23.72 -10.40 -16.93
N THR D 296 24.71 -10.87 -17.72
CA THR D 296 25.91 -11.46 -17.11
C THR D 296 27.19 -10.98 -17.79
N ALA D 297 28.27 -11.11 -17.01
CA ALA D 297 29.62 -10.96 -17.48
C ALA D 297 30.34 -12.29 -17.27
N ALA D 298 31.00 -12.74 -18.33
CA ALA D 298 31.81 -13.92 -18.30
C ALA D 298 33.25 -13.45 -18.16
N VAL D 299 34.03 -14.21 -17.38
CA VAL D 299 35.44 -13.93 -17.17
C VAL D 299 36.12 -15.26 -16.90
N GLY D 300 37.38 -15.38 -17.30
CA GLY D 300 38.12 -16.60 -17.00
C GLY D 300 38.85 -17.12 -18.21
N LEU D 301 40.12 -16.70 -18.34
CA LEU D 301 41.06 -17.19 -19.35
C LEU D 301 40.47 -16.96 -20.75
N ILE D 302 39.95 -15.75 -20.98
CA ILE D 302 39.50 -15.32 -22.30
C ILE D 302 40.60 -14.44 -22.88
N THR D 303 41.11 -14.83 -24.06
CA THR D 303 42.20 -14.10 -24.68
C THR D 303 41.98 -13.93 -26.18
N ARG D 304 41.11 -14.76 -26.79
CA ARG D 304 40.93 -14.71 -28.24
C ARG D 304 39.73 -13.82 -28.62
N PRO D 305 39.94 -12.84 -29.50
CA PRO D 305 38.85 -11.99 -30.00
C PRO D 305 37.60 -12.74 -30.46
N GLU D 306 37.79 -13.83 -31.24
CA GLU D 306 36.69 -14.68 -31.70
C GLU D 306 35.98 -15.34 -30.53
N HIS D 307 36.71 -15.72 -29.48
CA HIS D 307 36.07 -16.28 -28.31
C HIS D 307 35.17 -15.21 -27.71
N ALA D 308 35.74 -14.03 -27.40
CA ALA D 308 35.00 -13.01 -26.68
C ALA D 308 33.74 -12.70 -27.48
N ASP D 309 33.94 -12.50 -28.79
CA ASP D 309 32.88 -12.19 -29.73
C ASP D 309 31.82 -13.29 -29.76
N ALA D 310 32.23 -14.55 -29.85
CA ALA D 310 31.25 -15.62 -29.96
C ALA D 310 30.40 -15.72 -28.69
N ILE D 311 30.99 -15.41 -27.52
CA ILE D 311 30.30 -15.43 -26.24
C ILE D 311 29.12 -14.46 -26.26
N VAL D 312 29.31 -13.28 -26.84
CA VAL D 312 28.24 -12.28 -26.92
C VAL D 312 27.23 -12.68 -28.00
N ARG D 313 27.73 -13.24 -29.10
CA ARG D 313 26.86 -13.52 -30.22
C ARG D 313 25.96 -14.67 -29.79
N ASN D 314 26.48 -15.56 -28.93
CA ASN D 314 25.74 -16.74 -28.54
C ASN D 314 24.73 -16.40 -27.44
N GLY D 315 24.88 -15.20 -26.85
CA GLY D 315 24.13 -14.84 -25.65
C GLY D 315 24.51 -15.70 -24.43
N ASP D 316 25.79 -16.12 -24.34
CA ASP D 316 26.30 -16.74 -23.12
C ASP D 316 26.52 -15.65 -22.07
N ALA D 317 26.80 -14.40 -22.51
CA ALA D 317 26.97 -13.27 -21.62
C ALA D 317 26.78 -11.99 -22.40
N ASP D 318 26.60 -10.87 -21.68
CA ASP D 318 26.42 -9.53 -22.25
C ASP D 318 27.73 -8.75 -22.21
N LEU D 319 28.51 -8.96 -21.14
CA LEU D 319 29.81 -8.35 -20.97
C LEU D 319 30.88 -9.44 -20.95
N VAL D 320 32.03 -9.18 -21.58
CA VAL D 320 33.22 -10.03 -21.45
C VAL D 320 34.30 -9.28 -20.70
N LEU D 321 34.71 -9.79 -19.55
CA LEU D 321 35.77 -9.14 -18.79
C LEU D 321 37.08 -9.85 -19.10
N LEU D 322 38.14 -9.05 -19.29
CA LEU D 322 39.46 -9.63 -19.39
C LEU D 322 40.29 -9.14 -18.21
N GLY D 323 41.12 -10.06 -17.68
CA GLY D 323 42.03 -9.76 -16.59
C GLY D 323 43.46 -9.81 -17.09
N ARG D 324 43.99 -11.04 -17.20
CA ARG D 324 45.42 -11.15 -17.49
C ARG D 324 45.77 -10.65 -18.90
N GLU D 325 44.88 -10.86 -19.87
CA GLU D 325 45.13 -10.43 -21.23
C GLU D 325 45.34 -8.92 -21.29
N LEU D 326 44.57 -8.16 -20.50
CA LEU D 326 44.69 -6.71 -20.52
C LEU D 326 45.92 -6.25 -19.75
N LEU D 327 46.38 -7.03 -18.75
CA LEU D 327 47.67 -6.75 -18.14
C LEU D 327 48.78 -6.92 -19.19
N ARG D 328 48.72 -8.00 -19.98
CA ARG D 328 49.72 -8.25 -21.01
C ARG D 328 49.66 -7.17 -22.10
N ASP D 329 48.43 -6.79 -22.50
CA ASP D 329 48.20 -6.04 -23.73
C ASP D 329 47.08 -5.03 -23.52
N PRO D 330 47.33 -3.82 -23.00
CA PRO D 330 46.23 -2.92 -22.69
C PRO D 330 45.51 -2.55 -23.98
N HIS D 331 46.12 -2.85 -25.15
CA HIS D 331 45.59 -2.38 -26.41
C HIS D 331 44.82 -3.49 -27.11
N TRP D 332 44.48 -4.52 -26.36
CA TRP D 332 43.77 -5.68 -26.88
C TRP D 332 42.53 -5.27 -27.66
N PRO D 333 41.68 -4.36 -27.17
CA PRO D 333 40.50 -3.95 -27.93
C PRO D 333 40.73 -3.47 -29.36
N LEU D 334 41.78 -2.66 -29.57
CA LEU D 334 42.08 -2.16 -30.90
C LEU D 334 42.48 -3.32 -31.81
N ARG D 335 43.20 -4.30 -31.26
CA ARG D 335 43.56 -5.50 -31.99
C ARG D 335 42.29 -6.27 -32.34
N ALA D 336 41.45 -6.51 -31.33
CA ALA D 336 40.24 -7.29 -31.48
C ALA D 336 39.33 -6.65 -32.51
N ALA D 337 39.34 -5.31 -32.56
CA ALA D 337 38.50 -4.61 -33.53
C ALA D 337 38.96 -4.90 -34.95
N ARG D 338 40.25 -4.70 -35.23
CA ARG D 338 40.78 -4.91 -36.58
C ARG D 338 40.66 -6.38 -36.99
N ALA D 339 40.69 -7.28 -36.01
CA ALA D 339 40.58 -8.71 -36.28
C ALA D 339 39.15 -9.12 -36.65
N LEU D 340 38.12 -8.58 -35.98
CA LEU D 340 36.75 -9.01 -36.22
C LEU D 340 36.09 -8.16 -37.28
N GLY D 341 36.77 -7.09 -37.72
CA GLY D 341 36.31 -6.18 -38.76
C GLY D 341 35.38 -5.06 -38.25
N HIS D 342 35.61 -4.57 -37.03
CA HIS D 342 34.79 -3.48 -36.50
C HIS D 342 35.65 -2.23 -36.36
N ASP D 343 35.01 -1.07 -36.48
CA ASP D 343 35.73 0.18 -36.33
C ASP D 343 35.90 0.49 -34.84
N LEU D 344 37.14 0.80 -34.46
CA LEU D 344 37.44 1.38 -33.16
C LEU D 344 38.68 2.25 -33.31
N ALA D 345 38.48 3.56 -33.20
CA ALA D 345 39.56 4.53 -33.39
C ALA D 345 40.46 4.52 -32.16
N PRO D 346 41.80 4.53 -32.33
CA PRO D 346 42.71 4.67 -31.19
C PRO D 346 42.62 6.10 -30.66
N PRO D 347 43.28 6.47 -29.55
CA PRO D 347 43.39 7.89 -29.20
C PRO D 347 43.92 8.66 -30.41
N PRO D 348 43.45 9.90 -30.69
CA PRO D 348 43.98 10.67 -31.83
C PRO D 348 45.51 10.80 -31.85
N GLN D 349 46.13 10.81 -30.65
CA GLN D 349 47.56 10.97 -30.54
C GLN D 349 48.28 9.79 -31.16
N TYR D 350 47.54 8.71 -31.43
CA TYR D 350 48.18 7.49 -31.90
C TYR D 350 47.83 7.20 -33.37
N LEU D 351 47.06 8.07 -34.03
CA LEU D 351 46.45 7.75 -35.32
C LEU D 351 47.53 7.39 -36.36
N ARG D 352 48.74 7.94 -36.18
CA ARG D 352 49.80 7.73 -37.15
C ARG D 352 50.40 6.33 -37.02
N ALA D 353 50.01 5.57 -35.98
CA ALA D 353 50.57 4.23 -35.82
C ALA D 353 49.59 3.16 -36.32
N TRP D 354 48.34 3.54 -36.59
CA TRP D 354 47.35 2.58 -37.04
C TRP D 354 46.98 2.78 -38.52
#